data_9MB9
#
_entry.id   9MB9
#
_cell.length_a   1.00
_cell.length_b   1.00
_cell.length_c   1.00
_cell.angle_alpha   90.00
_cell.angle_beta   90.00
_cell.angle_gamma   90.00
#
_symmetry.space_group_name_H-M   'P 1'
#
loop_
_entity.id
_entity.type
_entity.pdbx_description
1 polymer 'Metabotropic glutamate receptor 8'
2 polymer 'Guanine nucleotide-binding protein G(i) subunit alpha-1'
3 polymer 'Guanine nucleotide-binding protein G(I)/G(S)/G(T) subunit beta-1'
4 polymer 'Guanine nucleotide-binding protein G(I)/G(S)/G(O) subunit gamma-2'
5 non-polymer '4-[(S)-amino(carboxy)methyl]benzene-1,2-dicarboxylic acid'
6 non-polymer ~{N}-[3-chloranyl-4-(5-chloranylpyridin-2-yl)oxy-phenyl]pyridine-2-carboxamide
#
loop_
_entity_poly.entity_id
_entity_poly.type
_entity_poly.pdbx_seq_one_letter_code
_entity_poly.pdbx_strand_id
1 'polypeptide(L)'
;MVCEGKRSASCPCFFLLTAKFYWILTMMQRTHSQEYAHSIRVDGDIILGGLFPVHAKGERGVPCGELKKEKGIHRLEAML
YAIDQINKDPDLLSNITLGVRILDTCSRDTYALEQSLTFVQALIEKDASDVKCANGDPPIFTKPDKISGVIGAAASSVSI
MVANILRLFKIPQISYASTAPELSDNTRYDFFSRVVPPDSYQAQAMVDIVTALGWNYVSTLASEGNYGESGVEAFTQISR
EIGGVCIAQSQKIPREPRPGEFEKIIKRLLETPNARAVIMFANEDDIRRILEAAKKLNQSGHFLWIGSDSWGSKIAPVYQ
QEEIAEGAVTILPKRASIDGFDRYFRSRTLANNRRNVWFAEFWEENFGCKLGSHGKRNSHIKKCTGLERIARDSSYEQEG
KVQFVIDAVYSMAYALHNMHKDLCPGYIGLCPRMSTIDGKELLGYIRAVNFNGSAGTPVTFNENGDAPGRYDIFQYQITN
KSTEYKVIGHWTNQLHLKVEDMQWAHREHTHPASVCSLPCKPGERKKTVKGVPCCWHCERCEGYNYQVDELSCELCPLDQ
RPNMNRTGCQLIPIIKLEWHSPWAVVPVFVAILGIIATTFVIVTFVRYNDTPIVRASGRELSYVLLTGIFLCYSITFLMI
AAPDTIICSFRRVFLGLGMCFSYAALLTKTNRIHRIFEQGKKSVTAPKFISPASQLVITFSLISVQLLGVFVWFVVDPPH
IIIDYGEQRTLDPEKARGVLKCDISDLSLICSLGYSILLMVTCTVYAIKTRGVPETFNEAKPIGFTMYTTCIIWLAFIPI
FFGTAQSAEKMYIQTTTLTVSMSLSASVSLGMLYMPKVYIIIFHPEQNVQKRKRSFKAVVTAATMQSKLIQKGNDRPNGE
VKSELCESLETNTSSTKTTYISYSNHSI
;
D,R
2 'polypeptide(L)'
;MGCTLSAEDKAAVERSKMIDRNLREDGEKAAREVKLLLLGAGESGKNTIVKQMKIIHEAGYSEEECKQYKAVVYSNTIQS
IIAIIRAMGRLKIDFGDSARADDARQLFVLAGAAEEGFMTAELAGVIKRLWKDSGVQACFNRSREYQLNDSAAYYLNDLD
RIAQPNYIPTQQDVLRTRVKTTGIVETHFTFKDLHFKMFDVGAQRSERKKWIHCFEGVTAIIFCVALSDYDLVLAEDEEM
NRMHASMKLFDSICNNKWFTDTSIILFLNKKDLFEEKIKKSPLTICYPEYAGSNTYEEAAAYIQCQFEDLNKRKDTKEIY
THFTCSTDTKNVQFVFDAVTDVIIKNNLKDCGLF
;
A
3 'polypeptide(L)'
;GSSGSELDQLRQEAEQLKNQIRDARKACADATLSQITNNIDPVGRIQMRTRRTLRGHLAKIYAMHWGTDSRLLVSASQDG
KLIIWDSYTTNKVHAIPLRSSWVMTCAYAPSGNYVACGGLDNICSIYNLKTREGNVRVSRELAGHTGYLSCCRFLDDNQI
VTSSGDTTCALWDIETGQQTTTFTGHTGDVMSLSLAPDTRLFVSGACDASAKLWDVREGMCRQTFTGHESDINAICFFPN
GNAFATGSDDATCRLFDLRADQELMTYSHDNIICGITSVSFSKSGRLLLAGYDDFNCNVWDALKADRAGVLAGHDNRVSC
LGVTDDGMAVATGSWDSFLKIWN
;
B
4 'polypeptide(L)' MASNNTASIAQARKLVEQLKMEANIDRIKVSKAAADLMAYCEAHAKEDPLLTPVPASENPFREKKFFCAIL C
#
loop_
_chem_comp.id
_chem_comp.type
_chem_comp.name
_chem_comp.formula
A1ENS non-polymer ~{N}-[3-chloranyl-4-(5-chloranylpyridin-2-yl)oxy-phenyl]pyridine-2-carboxamide 'C17 H11 Cl2 N3 O2'
HVG non-polymer '4-[(S)-amino(carboxy)methyl]benzene-1,2-dicarboxylic acid' 'C10 H9 N O6'
#
# COMPACT_ATOMS: atom_id res chain seq x y z
N HIS A 38 -77.40 2.48 -63.75
CA HIS A 38 -76.65 2.18 -62.54
C HIS A 38 -76.48 0.67 -62.38
N SER A 39 -76.71 -0.04 -63.47
CA SER A 39 -76.54 -1.49 -63.54
C SER A 39 -76.48 -1.88 -65.01
N ILE A 40 -75.57 -2.80 -65.33
CA ILE A 40 -75.34 -3.19 -66.70
C ILE A 40 -76.11 -4.48 -66.99
N ARG A 41 -76.94 -4.42 -68.04
CA ARG A 41 -77.74 -5.52 -68.55
C ARG A 41 -77.17 -5.97 -69.89
N VAL A 42 -76.94 -7.28 -70.04
CA VAL A 42 -76.85 -7.92 -71.34
C VAL A 42 -77.63 -9.22 -71.26
N ASP A 43 -78.62 -9.38 -72.13
CA ASP A 43 -79.50 -10.53 -72.06
C ASP A 43 -78.84 -11.76 -72.68
N GLY A 44 -79.27 -12.93 -72.21
CA GLY A 44 -78.72 -14.18 -72.69
C GLY A 44 -79.45 -15.36 -72.11
N ASP A 45 -79.08 -16.55 -72.57
CA ASP A 45 -79.75 -17.77 -72.13
C ASP A 45 -79.39 -18.11 -70.70
N ILE A 46 -78.11 -18.02 -70.34
CA ILE A 46 -77.64 -18.21 -68.98
C ILE A 46 -76.98 -16.91 -68.55
N ILE A 47 -77.41 -16.37 -67.41
CA ILE A 47 -77.04 -15.03 -66.98
C ILE A 47 -76.09 -15.14 -65.79
N LEU A 48 -74.96 -14.44 -65.88
CA LEU A 48 -74.00 -14.34 -64.79
C LEU A 48 -74.11 -12.98 -64.12
N GLY A 49 -73.65 -12.93 -62.87
CA GLY A 49 -73.64 -11.70 -62.11
C GLY A 49 -72.23 -11.27 -61.77
N GLY A 50 -72.05 -9.98 -61.58
CA GLY A 50 -70.74 -9.44 -61.26
C GLY A 50 -70.83 -8.37 -60.19
N LEU A 51 -69.76 -8.27 -59.41
CA LEU A 51 -69.62 -7.22 -58.40
C LEU A 51 -68.23 -6.63 -58.51
N PHE A 52 -68.16 -5.32 -58.79
CA PHE A 52 -66.91 -4.63 -59.01
C PHE A 52 -66.93 -3.29 -58.28
N PRO A 53 -65.78 -2.81 -57.82
CA PRO A 53 -65.71 -1.50 -57.14
C PRO A 53 -65.49 -0.33 -58.09
N VAL A 54 -66.55 0.06 -58.79
CA VAL A 54 -66.45 1.13 -59.77
C VAL A 54 -66.18 2.46 -59.09
N HIS A 55 -66.79 2.69 -57.93
CA HIS A 55 -66.60 3.91 -57.16
C HIS A 55 -65.94 3.58 -55.84
N ALA A 56 -65.39 4.61 -55.20
CA ALA A 56 -64.72 4.45 -53.93
C ALA A 56 -65.67 4.69 -52.77
N LYS A 57 -65.21 4.33 -51.58
CA LYS A 57 -65.98 4.55 -50.38
C LYS A 57 -66.07 6.04 -50.07
N GLY A 58 -67.28 6.52 -49.82
CA GLY A 58 -67.49 7.93 -49.56
C GLY A 58 -67.00 8.37 -48.20
N VAL A 62 -71.57 10.18 -47.26
CA VAL A 62 -72.11 9.71 -48.53
C VAL A 62 -71.71 8.26 -48.76
N PRO A 63 -72.66 7.42 -49.15
CA PRO A 63 -72.35 6.00 -49.39
C PRO A 63 -71.25 5.78 -50.42
N CYS A 64 -71.19 6.59 -51.47
CA CYS A 64 -70.25 6.37 -52.57
C CYS A 64 -69.41 7.62 -52.80
N GLY A 65 -68.21 7.42 -53.32
CA GLY A 65 -67.26 8.50 -53.48
C GLY A 65 -66.78 8.73 -54.90
N GLU A 66 -65.47 8.61 -55.11
CA GLU A 66 -64.84 8.97 -56.36
C GLU A 66 -64.69 7.74 -57.26
N LEU A 67 -64.61 7.99 -58.56
CA LEU A 67 -64.44 6.92 -59.53
C LEU A 67 -63.06 6.28 -59.41
N LYS A 68 -63.01 4.97 -59.64
CA LYS A 68 -61.75 4.23 -59.73
C LYS A 68 -61.54 3.83 -61.18
N LYS A 69 -60.64 4.53 -61.87
CA LYS A 69 -60.40 4.27 -63.28
C LYS A 69 -59.80 2.89 -63.52
N GLU A 70 -58.90 2.46 -62.64
CA GLU A 70 -58.17 1.21 -62.86
C GLU A 70 -58.84 0.03 -62.17
N LYS A 71 -59.13 0.14 -60.87
CA LYS A 71 -59.70 -0.98 -60.14
C LYS A 71 -61.16 -1.25 -60.51
N GLY A 72 -61.87 -0.26 -61.03
CA GLY A 72 -63.28 -0.45 -61.35
C GLY A 72 -63.62 -0.62 -62.81
N ILE A 73 -63.05 0.22 -63.68
CA ILE A 73 -63.43 0.21 -65.08
C ILE A 73 -62.72 -0.91 -65.83
N HIS A 74 -61.41 -1.03 -65.62
CA HIS A 74 -60.63 -2.07 -66.31
C HIS A 74 -61.20 -3.46 -66.05
N ARG A 75 -61.62 -3.73 -64.82
CA ARG A 75 -62.03 -5.07 -64.45
C ARG A 75 -63.39 -5.44 -65.04
N LEU A 76 -64.36 -4.53 -64.97
CA LEU A 76 -65.65 -4.83 -65.58
C LEU A 76 -65.53 -4.90 -67.10
N GLU A 77 -64.68 -4.06 -67.68
CA GLU A 77 -64.42 -4.16 -69.11
C GLU A 77 -63.79 -5.50 -69.45
N ALA A 78 -62.92 -6.02 -68.58
CA ALA A 78 -62.33 -7.33 -68.79
C ALA A 78 -63.38 -8.43 -68.73
N MET A 79 -64.32 -8.35 -67.78
CA MET A 79 -65.40 -9.33 -67.73
C MET A 79 -66.24 -9.28 -69.01
N LEU A 80 -66.58 -8.09 -69.47
CA LEU A 80 -67.35 -7.97 -70.71
C LEU A 80 -66.57 -8.52 -71.90
N TYR A 81 -65.26 -8.26 -71.95
CA TYR A 81 -64.43 -8.81 -73.01
C TYR A 81 -64.42 -10.33 -72.98
N ALA A 82 -64.32 -10.92 -71.79
CA ALA A 82 -64.33 -12.37 -71.69
C ALA A 82 -65.66 -12.95 -72.14
N ILE A 83 -66.76 -12.31 -71.76
CA ILE A 83 -68.08 -12.78 -72.20
C ILE A 83 -68.18 -12.70 -73.71
N ASP A 84 -67.70 -11.60 -74.30
CA ASP A 84 -67.73 -11.46 -75.75
C ASP A 84 -66.91 -12.54 -76.43
N GLN A 85 -65.73 -12.84 -75.89
CA GLN A 85 -64.90 -13.89 -76.47
C GLN A 85 -65.59 -15.24 -76.41
N ILE A 86 -66.19 -15.58 -75.26
CA ILE A 86 -66.87 -16.87 -75.14
C ILE A 86 -68.03 -16.97 -76.12
N ASN A 87 -68.81 -15.89 -76.24
CA ASN A 87 -69.94 -15.91 -77.16
C ASN A 87 -69.49 -16.02 -78.61
N LYS A 88 -68.42 -15.32 -78.97
CA LYS A 88 -67.91 -15.38 -80.34
C LYS A 88 -67.15 -16.68 -80.61
N ASP A 89 -66.57 -17.27 -79.59
CA ASP A 89 -65.77 -18.47 -79.74
C ASP A 89 -66.64 -19.68 -80.06
N PRO A 90 -66.42 -20.38 -81.17
CA PRO A 90 -67.09 -21.65 -81.40
C PRO A 90 -66.46 -22.75 -80.54
N ASP A 91 -67.11 -23.92 -80.56
CA ASP A 91 -66.73 -25.13 -79.85
C ASP A 91 -66.54 -24.93 -78.36
N LEU A 92 -67.00 -23.81 -77.80
CA LEU A 92 -67.10 -23.62 -76.36
C LEU A 92 -68.42 -22.91 -76.10
N LEU A 93 -69.35 -23.60 -75.45
CA LEU A 93 -70.72 -23.13 -75.25
C LEU A 93 -71.34 -22.74 -76.60
N SER A 94 -71.30 -23.68 -77.53
CA SER A 94 -71.84 -23.43 -78.87
C SER A 94 -73.35 -23.27 -78.81
N ASN A 95 -73.84 -22.26 -79.53
CA ASN A 95 -75.27 -21.97 -79.65
C ASN A 95 -75.92 -21.60 -78.33
N ILE A 96 -75.12 -21.26 -77.32
CA ILE A 96 -75.61 -20.78 -76.03
C ILE A 96 -75.01 -19.41 -75.77
N THR A 97 -75.86 -18.46 -75.40
CA THR A 97 -75.45 -17.08 -75.20
C THR A 97 -75.30 -16.80 -73.71
N LEU A 98 -74.23 -16.09 -73.36
CA LEU A 98 -74.01 -15.63 -72.00
C LEU A 98 -74.35 -14.15 -71.89
N GLY A 99 -75.17 -13.80 -70.89
CA GLY A 99 -75.45 -12.42 -70.56
C GLY A 99 -74.80 -12.04 -69.24
N VAL A 100 -74.92 -10.76 -68.92
CA VAL A 100 -74.32 -10.22 -67.71
C VAL A 100 -75.29 -9.32 -66.96
N ARG A 101 -75.08 -9.26 -65.64
CA ARG A 101 -75.79 -8.42 -64.68
C ARG A 101 -74.71 -7.82 -63.79
N ILE A 102 -74.22 -6.63 -64.14
CA ILE A 102 -73.06 -6.04 -63.47
C ILE A 102 -73.52 -4.92 -62.56
N LEU A 103 -73.06 -4.95 -61.30
CA LEU A 103 -73.44 -4.00 -60.29
C LEU A 103 -72.20 -3.38 -59.64
N ASP A 104 -72.45 -2.43 -58.75
CA ASP A 104 -71.44 -1.64 -58.06
C ASP A 104 -71.42 -2.01 -56.59
N THR A 105 -70.22 -2.06 -56.01
CA THR A 105 -70.08 -2.32 -54.59
C THR A 105 -69.75 -1.08 -53.78
N CYS A 106 -69.11 -0.08 -54.40
CA CYS A 106 -68.71 1.15 -53.75
C CYS A 106 -67.81 0.90 -52.55
N SER A 107 -67.10 -0.23 -52.58
CA SER A 107 -66.11 -0.60 -51.57
C SER A 107 -66.71 -0.69 -50.16
N ARG A 108 -67.98 -1.11 -50.07
CA ARG A 108 -68.67 -1.20 -48.79
C ARG A 108 -69.41 -2.52 -48.69
N ASP A 109 -69.69 -2.93 -47.45
CA ASP A 109 -70.36 -4.20 -47.20
C ASP A 109 -71.87 -4.09 -47.35
N THR A 110 -72.47 -3.04 -46.76
CA THR A 110 -73.92 -2.90 -46.79
C THR A 110 -74.44 -2.68 -48.21
N TYR A 111 -73.73 -1.87 -49.00
CA TYR A 111 -74.13 -1.64 -50.38
C TYR A 111 -74.12 -2.94 -51.17
N ALA A 112 -73.07 -3.75 -50.99
CA ALA A 112 -73.01 -5.05 -51.62
C ALA A 112 -74.11 -5.97 -51.12
N LEU A 113 -74.52 -5.83 -49.87
CA LEU A 113 -75.64 -6.61 -49.36
C LEU A 113 -76.93 -6.27 -50.09
N GLU A 114 -77.18 -4.98 -50.32
CA GLU A 114 -78.36 -4.56 -51.06
C GLU A 114 -78.32 -5.08 -52.49
N GLN A 115 -77.15 -5.02 -53.13
CA GLN A 115 -77.04 -5.57 -54.48
C GLN A 115 -77.21 -7.09 -54.50
N SER A 116 -76.76 -7.80 -53.46
CA SER A 116 -77.02 -9.22 -53.39
C SER A 116 -78.51 -9.49 -53.27
N LEU A 117 -79.21 -8.63 -52.53
CA LEU A 117 -80.65 -8.75 -52.45
C LEU A 117 -81.28 -8.63 -53.83
N THR A 118 -80.82 -7.69 -54.65
CA THR A 118 -81.40 -7.63 -55.99
C THR A 118 -80.95 -8.79 -56.87
N PHE A 119 -79.83 -9.44 -56.55
CA PHE A 119 -79.52 -10.73 -57.18
C PHE A 119 -80.59 -11.77 -56.85
N VAL A 120 -80.98 -11.87 -55.59
CA VAL A 120 -81.82 -12.98 -55.13
C VAL A 120 -83.29 -12.58 -55.01
N GLN A 121 -83.72 -11.55 -55.74
CA GLN A 121 -85.13 -11.13 -55.68
C GLN A 121 -86.08 -12.13 -56.31
N ALA A 122 -85.58 -13.01 -57.18
CA ALA A 122 -86.47 -13.93 -57.88
C ALA A 122 -87.14 -14.89 -56.91
N LEU A 123 -86.40 -15.37 -55.91
CA LEU A 123 -86.95 -16.31 -54.95
C LEU A 123 -87.67 -15.58 -53.82
N LYS A 146 -83.15 -15.01 -63.62
CA LYS A 146 -82.40 -15.93 -62.76
C LYS A 146 -80.92 -15.90 -63.10
N ILE A 147 -80.08 -15.91 -62.07
CA ILE A 147 -78.63 -15.87 -62.25
C ILE A 147 -78.05 -17.15 -61.67
N SER A 148 -77.08 -17.72 -62.39
CA SER A 148 -76.50 -19.00 -61.99
C SER A 148 -75.24 -18.83 -61.15
N GLY A 149 -74.38 -17.87 -61.49
CA GLY A 149 -73.15 -17.68 -60.75
C GLY A 149 -72.84 -16.20 -60.62
N VAL A 150 -72.01 -15.86 -59.61
CA VAL A 150 -71.56 -14.47 -59.36
C VAL A 150 -70.02 -14.33 -59.35
N ILE A 151 -69.50 -13.26 -59.96
CA ILE A 151 -68.04 -12.96 -59.86
C ILE A 151 -67.86 -12.25 -58.52
N GLY A 152 -67.18 -12.89 -57.55
CA GLY A 152 -67.06 -12.33 -56.19
C GLY A 152 -66.43 -10.96 -56.08
N ALA A 153 -66.64 -10.27 -54.96
CA ALA A 153 -66.05 -8.97 -54.71
C ALA A 153 -64.55 -9.01 -54.66
N ALA A 154 -63.95 -7.86 -54.54
CA ALA A 154 -62.50 -7.74 -54.42
C ALA A 154 -62.10 -7.90 -52.97
N ALA A 155 -62.53 -7.01 -52.10
CA ALA A 155 -62.11 -7.03 -50.69
C ALA A 155 -62.76 -8.20 -49.98
N SER A 156 -62.18 -8.64 -48.87
CA SER A 156 -62.64 -9.86 -48.17
C SER A 156 -63.92 -9.64 -47.37
N SER A 157 -64.16 -8.46 -46.81
CA SER A 157 -65.39 -8.15 -46.09
C SER A 157 -66.61 -8.20 -47.02
N VAL A 158 -66.47 -7.64 -48.22
CA VAL A 158 -67.56 -7.68 -49.19
C VAL A 158 -67.91 -9.12 -49.55
N SER A 159 -66.89 -9.94 -49.78
CA SER A 159 -67.13 -11.34 -50.14
C SER A 159 -67.83 -12.09 -49.03
N ILE A 160 -67.41 -11.87 -47.77
CA ILE A 160 -68.04 -12.56 -46.65
C ILE A 160 -69.51 -12.14 -46.52
N MET A 161 -69.76 -10.83 -46.61
CA MET A 161 -71.11 -10.32 -46.50
C MET A 161 -72.01 -10.89 -47.59
N VAL A 162 -71.52 -10.95 -48.82
CA VAL A 162 -72.33 -11.44 -49.92
C VAL A 162 -72.53 -12.96 -49.81
N ALA A 163 -71.50 -13.69 -49.39
CA ALA A 163 -71.59 -15.13 -49.33
C ALA A 163 -72.59 -15.58 -48.27
N ASN A 164 -72.68 -14.84 -47.16
CA ASN A 164 -73.67 -15.19 -46.14
C ASN A 164 -75.07 -15.30 -46.73
N ILE A 165 -75.40 -14.43 -47.69
CA ILE A 165 -76.71 -14.46 -48.31
C ILE A 165 -76.76 -15.46 -49.46
N LEU A 166 -75.71 -15.50 -50.27
CA LEU A 166 -75.74 -16.36 -51.45
C LEU A 166 -75.81 -17.84 -51.09
N ARG A 167 -75.31 -18.20 -49.91
CA ARG A 167 -75.39 -19.60 -49.48
C ARG A 167 -76.84 -20.04 -49.29
N LEU A 168 -77.69 -19.14 -48.79
CA LEU A 168 -79.08 -19.52 -48.52
C LEU A 168 -79.79 -19.96 -49.79
N PHE A 169 -79.58 -19.24 -50.88
CA PHE A 169 -80.25 -19.52 -52.14
C PHE A 169 -79.41 -20.39 -53.07
N LYS A 170 -78.25 -20.84 -52.61
CA LYS A 170 -77.42 -21.81 -53.33
C LYS A 170 -76.99 -21.31 -54.70
N ILE A 171 -76.27 -20.19 -54.69
CA ILE A 171 -75.69 -19.61 -55.89
C ILE A 171 -74.17 -19.66 -55.75
N PRO A 172 -73.46 -20.39 -56.60
CA PRO A 172 -72.00 -20.41 -56.51
C PRO A 172 -71.38 -19.07 -56.82
N GLN A 173 -70.23 -18.82 -56.18
CA GLN A 173 -69.55 -17.54 -56.24
C GLN A 173 -68.06 -17.77 -56.46
N ILE A 174 -67.47 -17.02 -57.37
CA ILE A 174 -66.04 -17.10 -57.67
C ILE A 174 -65.44 -15.71 -57.49
N SER A 175 -64.38 -15.63 -56.69
CA SER A 175 -63.70 -14.38 -56.38
C SER A 175 -62.39 -14.27 -57.13
N TYR A 176 -61.98 -13.04 -57.42
CA TYR A 176 -60.73 -12.80 -58.13
C TYR A 176 -59.69 -12.06 -57.29
N ALA A 177 -60.04 -11.54 -56.11
CA ALA A 177 -59.07 -10.81 -55.31
C ALA A 177 -59.19 -11.01 -53.81
N SER A 178 -60.05 -11.89 -53.32
CA SER A 178 -60.25 -12.08 -51.89
C SER A 178 -59.40 -13.22 -51.38
N THR A 179 -58.67 -12.98 -50.28
CA THR A 179 -57.67 -13.92 -49.79
C THR A 179 -57.77 -14.21 -48.29
N ALA A 180 -58.90 -13.91 -47.67
CA ALA A 180 -59.02 -14.16 -46.24
C ALA A 180 -59.07 -15.66 -45.97
N PRO A 181 -58.32 -16.15 -44.98
CA PRO A 181 -58.37 -17.58 -44.66
C PRO A 181 -59.73 -18.08 -44.22
N GLU A 182 -60.54 -17.21 -43.63
CA GLU A 182 -61.85 -17.60 -43.14
C GLU A 182 -62.70 -18.21 -44.24
N LEU A 183 -62.47 -17.81 -45.49
CA LEU A 183 -63.27 -18.27 -46.61
C LEU A 183 -62.89 -19.68 -47.06
N SER A 184 -61.86 -20.27 -46.47
CA SER A 184 -61.45 -21.63 -46.83
C SER A 184 -62.21 -22.70 -46.07
N ASP A 185 -63.17 -22.31 -45.23
CA ASP A 185 -63.95 -23.25 -44.42
C ASP A 185 -65.16 -23.70 -45.23
N ASN A 186 -65.24 -25.00 -45.50
CA ASN A 186 -66.36 -25.55 -46.25
C ASN A 186 -67.62 -25.69 -45.41
N THR A 187 -67.51 -25.63 -44.08
CA THR A 187 -68.69 -25.73 -43.24
C THR A 187 -69.50 -24.44 -43.27
N ARG A 188 -68.81 -23.29 -43.21
CA ARG A 188 -69.48 -22.00 -43.17
C ARG A 188 -69.62 -21.35 -44.54
N TYR A 189 -68.62 -21.48 -45.41
CA TYR A 189 -68.64 -20.93 -46.76
C TYR A 189 -68.47 -22.09 -47.72
N ASP A 190 -69.59 -22.73 -48.08
CA ASP A 190 -69.54 -23.92 -48.92
C ASP A 190 -69.68 -23.61 -50.40
N PHE A 191 -70.31 -22.50 -50.75
CA PHE A 191 -70.53 -22.13 -52.14
C PHE A 191 -69.53 -21.11 -52.66
N PHE A 192 -68.44 -20.87 -51.94
CA PHE A 192 -67.45 -19.87 -52.29
C PHE A 192 -66.21 -20.54 -52.89
N SER A 193 -65.66 -19.92 -53.92
CA SER A 193 -64.41 -20.37 -54.51
C SER A 193 -63.61 -19.15 -54.95
N ARG A 194 -62.30 -19.33 -55.10
CA ARG A 194 -61.44 -18.24 -55.52
C ARG A 194 -60.36 -18.73 -56.46
N VAL A 195 -59.91 -17.84 -57.34
CA VAL A 195 -58.79 -18.11 -58.24
C VAL A 195 -57.48 -17.54 -57.72
N VAL A 196 -57.48 -16.93 -56.54
CA VAL A 196 -56.26 -16.47 -55.90
C VAL A 196 -56.01 -17.31 -54.64
N PRO A 197 -54.75 -17.56 -54.27
CA PRO A 197 -54.50 -18.40 -53.12
C PRO A 197 -54.80 -17.66 -51.82
N PRO A 198 -55.12 -18.37 -50.75
CA PRO A 198 -55.35 -17.72 -49.46
C PRO A 198 -54.05 -17.21 -48.84
N ASP A 199 -54.21 -16.48 -47.74
CA ASP A 199 -53.11 -15.80 -47.08
C ASP A 199 -52.28 -16.69 -46.16
N SER A 200 -52.73 -17.92 -45.89
CA SER A 200 -51.90 -18.83 -45.11
C SER A 200 -50.61 -19.17 -45.85
N TYR A 201 -50.69 -19.38 -47.16
CA TYR A 201 -49.50 -19.58 -47.96
C TYR A 201 -48.60 -18.35 -47.96
N GLN A 202 -49.20 -17.15 -48.00
CA GLN A 202 -48.39 -15.92 -47.96
C GLN A 202 -47.67 -15.79 -46.63
N ALA A 203 -48.34 -16.13 -45.52
CA ALA A 203 -47.68 -16.11 -44.23
C ALA A 203 -46.53 -17.11 -44.19
N GLN A 204 -46.74 -18.30 -44.75
CA GLN A 204 -45.65 -19.29 -44.78
C GLN A 204 -44.46 -18.78 -45.60
N ALA A 205 -44.73 -18.14 -46.72
CA ALA A 205 -43.65 -17.57 -47.53
C ALA A 205 -42.91 -16.46 -46.78
N MET A 206 -43.65 -15.64 -46.04
CA MET A 206 -43.00 -14.60 -45.25
C MET A 206 -42.09 -15.19 -44.18
N VAL A 207 -42.56 -16.24 -43.49
CA VAL A 207 -41.72 -16.90 -42.50
C VAL A 207 -40.48 -17.49 -43.15
N ASP A 208 -40.63 -18.07 -44.34
CA ASP A 208 -39.48 -18.64 -45.02
C ASP A 208 -38.48 -17.57 -45.41
N ILE A 209 -38.97 -16.41 -45.89
CA ILE A 209 -38.07 -15.30 -46.22
C ILE A 209 -37.30 -14.85 -44.99
N VAL A 210 -38.00 -14.70 -43.86
CA VAL A 210 -37.37 -14.24 -42.63
C VAL A 210 -36.29 -15.22 -42.20
N THR A 211 -36.61 -16.52 -42.21
CA THR A 211 -35.63 -17.51 -41.78
C THR A 211 -34.49 -17.67 -42.76
N ALA A 212 -34.71 -17.34 -44.03
CA ALA A 212 -33.61 -17.37 -45.00
C ALA A 212 -32.70 -16.16 -44.87
N LEU A 213 -33.21 -15.04 -44.38
CA LEU A 213 -32.40 -13.84 -44.25
C LEU A 213 -31.66 -13.77 -42.92
N GLY A 214 -31.76 -14.80 -42.09
CA GLY A 214 -31.10 -14.79 -40.80
C GLY A 214 -31.64 -13.77 -39.82
N TRP A 215 -32.96 -13.65 -39.73
CA TRP A 215 -33.60 -12.76 -38.77
C TRP A 215 -34.44 -13.59 -37.81
N ASN A 216 -34.50 -13.16 -36.55
CA ASN A 216 -35.33 -13.86 -35.59
C ASN A 216 -36.13 -12.97 -34.66
N TYR A 217 -36.05 -11.64 -34.78
CA TYR A 217 -36.75 -10.73 -33.88
C TYR A 217 -37.48 -9.71 -34.75
N VAL A 218 -38.82 -9.82 -34.80
CA VAL A 218 -39.63 -9.04 -35.72
C VAL A 218 -40.81 -8.43 -34.97
N SER A 219 -41.40 -7.40 -35.57
CA SER A 219 -42.62 -6.79 -35.06
C SER A 219 -43.65 -6.70 -36.19
N THR A 220 -44.91 -6.97 -35.85
CA THR A 220 -45.98 -6.99 -36.82
C THR A 220 -46.78 -5.69 -36.78
N LEU A 221 -47.57 -5.48 -37.84
CA LEU A 221 -48.34 -4.26 -38.00
C LEU A 221 -49.52 -4.58 -38.91
N ALA A 222 -50.74 -4.34 -38.42
CA ALA A 222 -51.93 -4.75 -39.14
C ALA A 222 -52.97 -3.63 -39.13
N SER A 223 -53.81 -3.61 -40.16
CA SER A 223 -54.94 -2.71 -40.23
C SER A 223 -56.21 -3.42 -39.77
N GLU A 224 -57.15 -2.65 -39.27
CA GLU A 224 -58.40 -3.21 -38.77
C GLU A 224 -59.21 -3.82 -39.90
N GLY A 225 -59.73 -5.02 -39.67
CA GLY A 225 -60.50 -5.72 -40.68
C GLY A 225 -60.16 -7.18 -40.77
N ASN A 226 -60.87 -7.93 -41.62
CA ASN A 226 -60.58 -9.34 -41.76
C ASN A 226 -59.19 -9.58 -42.31
N TYR A 227 -58.79 -8.78 -43.31
CA TYR A 227 -57.59 -9.07 -44.07
C TYR A 227 -56.33 -8.97 -43.22
N GLY A 228 -56.06 -7.79 -42.68
CA GLY A 228 -54.81 -7.58 -41.96
C GLY A 228 -54.72 -8.42 -40.70
N GLU A 229 -55.80 -8.45 -39.92
CA GLU A 229 -55.79 -9.20 -38.68
C GLU A 229 -55.63 -10.69 -38.94
N SER A 230 -56.35 -11.22 -39.93
CA SER A 230 -56.22 -12.64 -40.24
C SER A 230 -54.83 -12.98 -40.71
N GLY A 231 -54.24 -12.14 -41.57
CA GLY A 231 -52.88 -12.41 -42.03
C GLY A 231 -51.86 -12.41 -40.90
N VAL A 232 -51.95 -11.43 -40.01
CA VAL A 232 -50.99 -11.36 -38.90
C VAL A 232 -51.20 -12.53 -37.95
N GLU A 233 -52.45 -12.92 -37.70
CA GLU A 233 -52.71 -14.06 -36.82
C GLU A 233 -52.13 -15.34 -37.42
N ALA A 234 -52.29 -15.52 -38.73
CA ALA A 234 -51.71 -16.69 -39.38
C ALA A 234 -50.18 -16.67 -39.28
N PHE A 235 -49.57 -15.51 -39.48
CA PHE A 235 -48.13 -15.40 -39.35
C PHE A 235 -47.67 -15.77 -37.95
N THR A 236 -48.36 -15.27 -36.93
CA THR A 236 -47.98 -15.56 -35.56
C THR A 236 -48.11 -17.05 -35.25
N GLN A 237 -49.22 -17.66 -35.65
CA GLN A 237 -49.42 -19.08 -35.37
C GLN A 237 -48.35 -19.93 -36.06
N ILE A 238 -48.08 -19.66 -37.34
CA ILE A 238 -47.08 -20.43 -38.07
C ILE A 238 -45.70 -20.23 -37.44
N SER A 239 -45.36 -18.98 -37.13
CA SER A 239 -44.03 -18.68 -36.60
C SER A 239 -43.83 -19.32 -35.23
N ARG A 240 -44.86 -19.41 -34.43
CA ARG A 240 -44.73 -20.08 -33.11
C ARG A 240 -44.58 -21.57 -33.35
N GLU A 241 -45.45 -22.14 -34.16
CA GLU A 241 -45.43 -23.59 -34.33
C GLU A 241 -44.07 -24.06 -34.86
N ILE A 242 -43.54 -23.36 -35.86
CA ILE A 242 -42.24 -23.75 -36.41
C ILE A 242 -41.13 -23.43 -35.41
N GLY A 243 -41.18 -22.26 -34.80
CA GLY A 243 -40.11 -21.82 -33.92
C GLY A 243 -38.99 -21.13 -34.68
N GLY A 244 -38.11 -20.49 -33.91
CA GLY A 244 -36.97 -19.81 -34.47
C GLY A 244 -37.19 -18.35 -34.80
N VAL A 245 -38.43 -17.86 -34.72
CA VAL A 245 -38.73 -16.45 -34.93
C VAL A 245 -39.54 -15.96 -33.74
N CYS A 246 -39.09 -14.86 -33.13
CA CYS A 246 -39.75 -14.28 -31.97
C CYS A 246 -40.30 -12.91 -32.33
N ILE A 247 -41.53 -12.65 -31.90
CA ILE A 247 -42.24 -11.43 -32.23
C ILE A 247 -42.14 -10.46 -31.07
N ALA A 248 -41.68 -9.24 -31.35
CA ALA A 248 -41.51 -8.25 -30.29
C ALA A 248 -42.83 -7.58 -29.95
N GLN A 249 -43.44 -6.91 -30.92
CA GLN A 249 -44.70 -6.21 -30.71
C GLN A 249 -45.68 -6.54 -31.82
N SER A 250 -46.95 -6.34 -31.52
CA SER A 250 -48.02 -6.38 -32.52
C SER A 250 -48.86 -5.13 -32.35
N GLN A 251 -48.91 -4.30 -33.39
CA GLN A 251 -49.65 -3.06 -33.38
C GLN A 251 -50.79 -3.11 -34.39
N LYS A 252 -51.87 -2.39 -34.08
CA LYS A 252 -53.07 -2.35 -34.89
C LYS A 252 -53.36 -0.93 -35.31
N ILE A 253 -53.60 -0.72 -36.59
CA ILE A 253 -53.93 0.60 -37.13
C ILE A 253 -55.45 0.76 -37.10
N PRO A 254 -55.98 1.77 -36.43
CA PRO A 254 -57.43 1.94 -36.40
C PRO A 254 -58.00 2.32 -37.76
N ARG A 255 -59.27 1.93 -37.97
CA ARG A 255 -59.94 2.25 -39.23
C ARG A 255 -60.12 3.75 -39.38
N GLU A 256 -60.44 4.45 -38.30
CA GLU A 256 -60.55 5.90 -38.31
C GLU A 256 -59.37 6.49 -37.54
N PRO A 257 -58.32 6.94 -38.21
CA PRO A 257 -57.11 7.38 -37.50
C PRO A 257 -57.34 8.73 -36.81
N ARG A 258 -57.21 8.73 -35.49
CA ARG A 258 -57.21 9.96 -34.73
C ARG A 258 -55.89 10.70 -34.95
N PRO A 259 -55.86 12.01 -34.70
CA PRO A 259 -54.61 12.76 -34.90
C PRO A 259 -53.48 12.21 -34.04
N GLY A 260 -52.28 12.18 -34.61
CA GLY A 260 -51.11 11.70 -33.90
C GLY A 260 -50.99 10.19 -33.80
N GLU A 261 -51.75 9.44 -34.60
CA GLU A 261 -51.73 7.99 -34.50
C GLU A 261 -50.42 7.41 -35.01
N PHE A 262 -49.97 7.86 -36.17
CA PHE A 262 -48.82 7.23 -36.82
C PHE A 262 -47.52 7.53 -36.08
N GLU A 263 -47.39 8.74 -35.54
CA GLU A 263 -46.24 9.05 -34.70
C GLU A 263 -46.23 8.17 -33.46
N LYS A 264 -47.40 7.94 -32.85
CA LYS A 264 -47.47 7.05 -31.69
C LYS A 264 -47.06 5.63 -32.06
N ILE A 265 -47.51 5.14 -33.22
CA ILE A 265 -47.15 3.80 -33.66
C ILE A 265 -45.65 3.69 -33.87
N ILE A 266 -45.05 4.69 -34.52
CA ILE A 266 -43.61 4.66 -34.74
C ILE A 266 -42.86 4.68 -33.42
N LYS A 267 -43.30 5.51 -32.48
CA LYS A 267 -42.63 5.61 -31.19
C LYS A 267 -42.75 4.30 -30.41
N ARG A 268 -43.88 3.61 -30.52
CA ARG A 268 -43.93 2.31 -29.81
C ARG A 268 -43.01 1.31 -30.50
N LEU A 269 -42.96 1.36 -31.82
CA LEU A 269 -42.05 0.45 -32.49
C LEU A 269 -40.62 0.67 -32.04
N LEU A 270 -40.23 1.93 -31.83
CA LEU A 270 -38.86 2.23 -31.42
C LEU A 270 -38.58 1.88 -29.97
N GLU A 271 -39.59 1.50 -29.19
CA GLU A 271 -39.35 1.09 -27.81
C GLU A 271 -38.45 -0.14 -27.74
N THR A 272 -38.47 -0.98 -28.77
CA THR A 272 -37.56 -2.11 -28.90
C THR A 272 -36.63 -1.87 -30.08
N PRO A 273 -35.39 -1.45 -29.86
CA PRO A 273 -34.53 -1.03 -30.97
C PRO A 273 -33.84 -2.16 -31.73
N ASN A 274 -33.96 -3.41 -31.29
CA ASN A 274 -33.41 -4.54 -32.02
C ASN A 274 -34.42 -5.17 -32.97
N ALA A 275 -35.64 -4.66 -33.01
CA ALA A 275 -36.68 -5.15 -33.92
C ALA A 275 -36.71 -4.21 -35.12
N ARG A 276 -35.87 -4.49 -36.10
CA ARG A 276 -35.74 -3.67 -37.29
C ARG A 276 -36.57 -4.19 -38.46
N ALA A 277 -37.24 -5.32 -38.32
CA ALA A 277 -38.03 -5.90 -39.39
C ALA A 277 -39.52 -5.79 -39.04
N VAL A 278 -40.29 -5.22 -39.95
CA VAL A 278 -41.72 -5.01 -39.75
C VAL A 278 -42.48 -5.76 -40.82
N ILE A 279 -43.37 -6.65 -40.40
CA ILE A 279 -44.26 -7.41 -41.28
C ILE A 279 -45.58 -6.66 -41.35
N MET A 280 -45.99 -6.25 -42.53
CA MET A 280 -47.16 -5.38 -42.68
C MET A 280 -48.24 -6.05 -43.50
N PHE A 281 -49.49 -5.89 -43.03
CA PHE A 281 -50.71 -6.22 -43.78
C PHE A 281 -51.57 -4.97 -43.69
N ALA A 282 -51.33 -4.01 -44.60
CA ALA A 282 -51.92 -2.69 -44.47
C ALA A 282 -52.30 -2.14 -45.84
N ASN A 283 -53.27 -1.22 -45.84
CA ASN A 283 -53.74 -0.59 -47.06
C ASN A 283 -52.73 0.45 -47.53
N GLU A 284 -52.96 0.94 -48.76
CA GLU A 284 -52.01 1.87 -49.37
C GLU A 284 -51.88 3.15 -48.59
N ASP A 285 -53.01 3.71 -48.15
CA ASP A 285 -52.97 4.96 -47.40
C ASP A 285 -52.25 4.77 -46.07
N ASP A 286 -52.50 3.66 -45.39
CA ASP A 286 -51.80 3.39 -44.13
C ASP A 286 -50.30 3.24 -44.34
N ILE A 287 -49.90 2.56 -45.41
CA ILE A 287 -48.48 2.40 -45.70
C ILE A 287 -47.82 3.74 -45.97
N ARG A 288 -48.47 4.57 -46.79
CA ARG A 288 -47.91 5.89 -47.10
C ARG A 288 -47.79 6.74 -45.85
N ARG A 289 -48.82 6.73 -45.01
CA ARG A 289 -48.79 7.56 -43.81
C ARG A 289 -47.75 7.06 -42.81
N ILE A 290 -47.58 5.74 -42.69
CA ILE A 290 -46.55 5.20 -41.82
C ILE A 290 -45.17 5.62 -42.31
N LEU A 291 -44.95 5.53 -43.63
CA LEU A 291 -43.64 5.91 -44.17
C LEU A 291 -43.37 7.40 -43.96
N GLU A 292 -44.37 8.25 -44.17
CA GLU A 292 -44.15 9.68 -43.99
C GLU A 292 -43.97 10.04 -42.51
N ALA A 293 -44.62 9.31 -41.60
CA ALA A 293 -44.37 9.53 -40.19
C ALA A 293 -42.97 9.11 -39.80
N ALA A 294 -42.46 8.02 -40.41
CA ALA A 294 -41.07 7.64 -40.19
C ALA A 294 -40.12 8.70 -40.71
N LYS A 295 -40.44 9.29 -41.85
CA LYS A 295 -39.60 10.36 -42.39
C LYS A 295 -39.63 11.59 -41.50
N LYS A 296 -40.79 11.91 -40.92
CA LYS A 296 -40.90 13.08 -40.05
C LYS A 296 -40.11 12.91 -38.75
N LEU A 297 -40.08 11.69 -38.20
CA LEU A 297 -39.35 11.43 -36.97
C LEU A 297 -37.89 11.08 -37.23
N ASN A 298 -37.45 11.10 -38.49
CA ASN A 298 -36.06 10.83 -38.86
C ASN A 298 -35.66 9.44 -38.37
N GLN A 299 -36.22 8.42 -39.00
CA GLN A 299 -35.87 7.03 -38.72
C GLN A 299 -35.46 6.28 -39.97
N SER A 300 -34.79 6.97 -40.90
CA SER A 300 -34.37 6.34 -42.15
C SER A 300 -33.32 5.28 -41.88
N GLY A 301 -33.50 4.13 -42.52
CA GLY A 301 -32.55 3.04 -42.41
C GLY A 301 -32.77 2.13 -41.22
N HIS A 302 -33.60 2.54 -40.26
CA HIS A 302 -33.83 1.72 -39.08
C HIS A 302 -34.71 0.52 -39.40
N PHE A 303 -35.79 0.73 -40.14
CA PHE A 303 -36.80 -0.30 -40.36
C PHE A 303 -36.56 -1.05 -41.66
N LEU A 304 -36.83 -2.35 -41.62
CA LEU A 304 -36.74 -3.22 -42.78
C LEU A 304 -38.14 -3.76 -43.05
N TRP A 305 -38.73 -3.35 -44.17
CA TRP A 305 -40.13 -3.62 -44.45
C TRP A 305 -40.31 -4.93 -45.19
N ILE A 306 -41.35 -5.68 -44.81
CA ILE A 306 -41.82 -6.83 -45.55
C ILE A 306 -43.32 -6.70 -45.65
N GLY A 307 -43.83 -6.44 -46.85
CA GLY A 307 -45.23 -6.15 -47.07
C GLY A 307 -45.94 -7.24 -47.87
N SER A 308 -47.26 -7.17 -47.83
CA SER A 308 -48.13 -8.13 -48.51
C SER A 308 -48.49 -7.61 -49.90
N ASP A 309 -49.46 -8.26 -50.54
CA ASP A 309 -49.92 -7.85 -51.86
C ASP A 309 -50.62 -6.50 -51.84
N SER A 310 -50.98 -5.99 -50.67
CA SER A 310 -51.52 -4.63 -50.59
C SER A 310 -50.46 -3.59 -50.93
N TRP A 311 -49.18 -3.91 -50.69
CA TRP A 311 -48.11 -3.07 -51.18
C TRP A 311 -47.81 -3.39 -52.64
N GLY A 312 -47.41 -4.63 -52.91
CA GLY A 312 -47.26 -5.08 -54.28
C GLY A 312 -46.16 -4.35 -55.02
N SER A 313 -46.55 -3.70 -56.12
CA SER A 313 -45.64 -2.94 -56.97
C SER A 313 -46.16 -1.53 -57.20
N LYS A 314 -46.78 -0.94 -56.17
CA LYS A 314 -47.51 0.31 -56.31
C LYS A 314 -46.57 1.50 -56.13
N ILE A 315 -46.62 2.42 -57.09
CA ILE A 315 -45.80 3.62 -57.03
C ILE A 315 -46.32 4.59 -55.97
N ALA A 316 -47.64 4.64 -55.77
CA ALA A 316 -48.24 5.65 -54.91
C ALA A 316 -47.70 5.63 -53.48
N PRO A 317 -47.60 4.48 -52.79
CA PRO A 317 -47.06 4.53 -51.42
C PRO A 317 -45.64 5.06 -51.34
N VAL A 318 -44.82 4.83 -52.36
CA VAL A 318 -43.41 5.16 -52.32
C VAL A 318 -43.06 6.42 -53.08
N TYR A 319 -44.04 7.04 -53.74
CA TYR A 319 -43.80 8.28 -54.47
C TYR A 319 -43.31 9.37 -53.53
N GLN A 320 -42.23 10.04 -53.93
CA GLN A 320 -41.59 11.12 -53.17
C GLN A 320 -41.09 10.68 -51.80
N GLN A 321 -41.04 9.38 -51.54
CA GLN A 321 -40.54 8.84 -50.28
C GLN A 321 -39.64 7.64 -50.56
N GLU A 322 -38.81 7.74 -51.61
CA GLU A 322 -38.01 6.60 -52.03
C GLU A 322 -37.00 6.20 -50.95
N GLU A 323 -36.39 7.18 -50.29
CA GLU A 323 -35.32 6.88 -49.34
C GLU A 323 -35.84 6.09 -48.15
N ILE A 324 -37.03 6.42 -47.64
CA ILE A 324 -37.55 5.75 -46.46
C ILE A 324 -38.08 4.36 -46.78
N ALA A 325 -38.41 4.08 -48.04
CA ALA A 325 -38.93 2.79 -48.45
C ALA A 325 -37.99 2.04 -49.38
N GLU A 326 -36.70 2.32 -49.31
CA GLU A 326 -35.72 1.64 -50.14
C GLU A 326 -35.31 0.32 -49.47
N GLY A 327 -35.37 -0.76 -50.24
CA GLY A 327 -35.03 -2.08 -49.73
C GLY A 327 -36.20 -2.89 -49.24
N ALA A 328 -37.44 -2.45 -49.45
CA ALA A 328 -38.60 -3.20 -49.01
C ALA A 328 -38.82 -4.41 -49.90
N VAL A 329 -39.25 -5.51 -49.30
CA VAL A 329 -39.48 -6.77 -49.99
C VAL A 329 -40.97 -7.08 -49.96
N THR A 330 -41.56 -7.29 -51.13
CA THR A 330 -43.01 -7.47 -51.27
C THR A 330 -43.30 -8.75 -52.03
N ILE A 331 -44.55 -9.20 -51.94
CA ILE A 331 -45.00 -10.47 -52.50
C ILE A 331 -46.23 -10.22 -53.37
N LEU A 332 -46.33 -10.95 -54.49
CA LEU A 332 -47.50 -10.85 -55.37
C LEU A 332 -47.80 -12.16 -56.08
N PRO A 333 -49.06 -12.57 -56.19
CA PRO A 333 -49.39 -13.72 -57.03
C PRO A 333 -48.99 -13.48 -58.48
N LYS A 334 -48.53 -14.54 -59.13
CA LYS A 334 -48.00 -14.41 -60.48
C LYS A 334 -49.10 -14.03 -61.47
N ARG A 335 -48.69 -13.32 -62.51
CA ARG A 335 -49.61 -12.67 -63.43
C ARG A 335 -48.83 -12.19 -64.65
N ALA A 336 -49.55 -12.01 -65.76
CA ALA A 336 -48.96 -11.48 -66.98
C ALA A 336 -50.00 -10.59 -67.66
N SER A 337 -49.51 -9.68 -68.50
CA SER A 337 -50.39 -8.79 -69.24
C SER A 337 -51.04 -9.52 -70.41
N ILE A 338 -52.24 -9.07 -70.78
CA ILE A 338 -53.02 -9.65 -71.86
C ILE A 338 -53.13 -8.61 -72.98
N ASP A 339 -52.70 -9.00 -74.18
CA ASP A 339 -52.65 -8.06 -75.31
C ASP A 339 -54.03 -7.82 -75.91
N GLY A 340 -54.87 -8.86 -75.98
CA GLY A 340 -56.17 -8.71 -76.57
C GLY A 340 -57.03 -7.70 -75.83
N PHE A 341 -56.96 -7.72 -74.49
CA PHE A 341 -57.68 -6.71 -73.72
C PHE A 341 -57.13 -5.32 -73.99
N ASP A 342 -55.82 -5.21 -74.23
CA ASP A 342 -55.24 -3.91 -74.56
C ASP A 342 -55.79 -3.38 -75.87
N ARG A 343 -55.85 -4.24 -76.89
CA ARG A 343 -56.44 -3.83 -78.15
C ARG A 343 -57.91 -3.43 -77.97
N TYR A 344 -58.65 -4.22 -77.20
CA TYR A 344 -60.06 -3.94 -76.97
C TYR A 344 -60.24 -2.59 -76.28
N PHE A 345 -59.44 -2.31 -75.25
CA PHE A 345 -59.60 -1.07 -74.50
C PHE A 345 -59.12 0.14 -75.29
N ARG A 346 -58.08 -0.03 -76.12
CA ARG A 346 -57.63 1.09 -76.93
C ARG A 346 -58.55 1.36 -78.12
N SER A 347 -59.35 0.37 -78.52
CA SER A 347 -60.27 0.58 -79.64
C SER A 347 -61.61 1.18 -79.21
N ARG A 348 -61.89 1.26 -77.91
CA ARG A 348 -63.18 1.73 -77.46
C ARG A 348 -63.34 3.22 -77.69
N THR A 349 -64.56 3.65 -78.04
CA THR A 349 -64.92 5.05 -78.17
C THR A 349 -66.28 5.24 -77.49
N LEU A 350 -66.79 6.48 -77.56
CA LEU A 350 -68.12 6.74 -77.00
C LEU A 350 -69.20 6.07 -77.82
N ALA A 351 -69.05 6.08 -79.15
CA ALA A 351 -70.09 5.53 -80.02
C ALA A 351 -70.23 4.02 -79.83
N ASN A 352 -69.11 3.29 -79.89
CA ASN A 352 -69.18 1.84 -79.87
C ASN A 352 -69.45 1.28 -78.48
N ASN A 353 -68.96 1.93 -77.43
CA ASN A 353 -69.14 1.44 -76.06
C ASN A 353 -70.26 2.26 -75.41
N ARG A 354 -71.50 1.81 -75.63
CA ARG A 354 -72.67 2.42 -75.00
C ARG A 354 -73.29 1.54 -73.93
N ARG A 355 -72.96 0.25 -73.90
CA ARG A 355 -73.47 -0.64 -72.87
C ARG A 355 -72.86 -0.37 -71.50
N ASN A 356 -71.82 0.45 -71.43
CA ASN A 356 -71.17 0.79 -70.17
C ASN A 356 -71.77 2.08 -69.66
N VAL A 357 -72.55 1.97 -68.58
CA VAL A 357 -73.25 3.13 -68.04
C VAL A 357 -72.27 4.15 -67.49
N TRP A 358 -71.17 3.68 -66.90
CA TRP A 358 -70.20 4.55 -66.25
C TRP A 358 -69.08 5.02 -67.19
N PHE A 359 -69.17 4.72 -68.49
CA PHE A 359 -68.08 5.06 -69.38
C PHE A 359 -67.97 6.57 -69.61
N ALA A 360 -69.09 7.29 -69.50
CA ALA A 360 -69.04 8.75 -69.64
C ALA A 360 -68.20 9.38 -68.54
N GLU A 361 -68.38 8.93 -67.29
CA GLU A 361 -67.60 9.48 -66.19
C GLU A 361 -66.12 9.17 -66.35
N PHE A 362 -65.80 7.95 -66.80
CA PHE A 362 -64.41 7.61 -67.07
C PHE A 362 -63.82 8.48 -68.17
N TRP A 363 -64.60 8.76 -69.21
CA TRP A 363 -64.12 9.63 -70.27
C TRP A 363 -63.87 11.03 -69.75
N GLU A 364 -64.77 11.53 -68.90
CA GLU A 364 -64.59 12.86 -68.33
C GLU A 364 -63.33 12.95 -67.48
N GLU A 365 -63.10 11.94 -66.62
CA GLU A 365 -61.96 12.03 -65.71
C GLU A 365 -60.63 11.73 -66.39
N ASN A 366 -60.62 10.78 -67.33
CA ASN A 366 -59.35 10.32 -67.90
C ASN A 366 -58.65 11.43 -68.67
N PHE A 367 -59.39 12.20 -69.46
CA PHE A 367 -58.82 13.21 -70.32
C PHE A 367 -58.88 14.62 -69.74
N GLY A 368 -59.39 14.77 -68.51
CA GLY A 368 -59.49 16.09 -67.91
C GLY A 368 -60.38 17.05 -68.66
N CYS A 369 -61.53 16.57 -69.14
CA CYS A 369 -62.43 17.35 -69.95
C CYS A 369 -63.86 17.17 -69.47
N LYS A 370 -64.76 17.96 -70.04
CA LYS A 370 -66.19 17.91 -69.74
C LYS A 370 -66.95 17.68 -71.03
N LEU A 371 -67.89 16.73 -71.00
CA LEU A 371 -68.65 16.37 -72.18
C LEU A 371 -69.99 17.09 -72.21
N LYS A 382 -62.03 22.75 -69.11
CA LYS A 382 -62.11 22.86 -70.56
C LYS A 382 -63.03 21.79 -71.13
N LYS A 383 -63.61 22.08 -72.29
CA LYS A 383 -64.49 21.13 -72.97
C LYS A 383 -63.68 20.29 -73.95
N CYS A 384 -64.26 19.14 -74.31
CA CYS A 384 -63.62 18.21 -75.24
C CYS A 384 -64.62 17.80 -76.32
N THR A 385 -64.12 17.58 -77.52
CA THR A 385 -64.98 17.20 -78.64
C THR A 385 -65.33 15.72 -78.63
N GLY A 386 -64.69 14.93 -77.78
CA GLY A 386 -64.94 13.50 -77.72
C GLY A 386 -64.24 12.68 -78.77
N LEU A 387 -63.38 13.28 -79.58
CA LEU A 387 -62.65 12.58 -80.62
C LEU A 387 -61.30 12.05 -80.13
N GLU A 388 -60.98 12.21 -78.85
CA GLU A 388 -59.72 11.74 -78.31
C GLU A 388 -59.67 10.21 -78.32
N ARG A 389 -58.46 9.68 -78.44
CA ARG A 389 -58.22 8.25 -78.46
C ARG A 389 -57.39 7.84 -77.25
N ILE A 390 -57.72 6.68 -76.68
CA ILE A 390 -57.02 6.18 -75.51
C ILE A 390 -55.61 5.75 -75.89
N ALA A 391 -54.69 5.88 -74.93
CA ALA A 391 -53.29 5.48 -75.01
C ALA A 391 -52.48 6.33 -75.98
N ARG A 392 -53.08 7.32 -76.62
CA ARG A 392 -52.37 8.26 -77.47
C ARG A 392 -52.29 9.65 -76.85
N ASP A 393 -53.40 10.16 -76.33
CA ASP A 393 -53.46 11.47 -75.70
C ASP A 393 -53.38 11.42 -74.19
N SER A 394 -53.27 10.23 -73.61
CA SER A 394 -53.19 10.10 -72.15
C SER A 394 -52.43 8.83 -71.81
N SER A 395 -51.91 8.78 -70.58
CA SER A 395 -51.19 7.62 -70.10
C SER A 395 -52.14 6.43 -69.93
N TYR A 396 -51.58 5.23 -70.07
CA TYR A 396 -52.38 4.03 -69.95
C TYR A 396 -51.49 2.85 -69.58
N GLU A 397 -51.96 2.00 -68.67
CA GLU A 397 -51.26 0.77 -68.33
C GLU A 397 -52.28 -0.20 -67.76
N GLN A 398 -52.18 -1.47 -68.19
CA GLN A 398 -53.20 -2.46 -67.85
C GLN A 398 -53.14 -2.84 -66.37
N GLU A 399 -54.31 -2.99 -65.76
CA GLU A 399 -54.40 -3.31 -64.35
C GLU A 399 -53.92 -4.74 -64.07
N GLY A 400 -53.42 -4.94 -62.85
CA GLY A 400 -52.79 -6.19 -62.46
C GLY A 400 -53.68 -7.42 -62.41
N LYS A 401 -54.88 -7.27 -61.87
CA LYS A 401 -55.72 -8.45 -61.67
C LYS A 401 -56.60 -8.77 -62.85
N VAL A 402 -56.39 -8.12 -63.99
CA VAL A 402 -57.26 -8.32 -65.16
C VAL A 402 -57.32 -9.80 -65.51
N GLN A 403 -56.17 -10.45 -65.57
CA GLN A 403 -56.13 -11.88 -65.87
C GLN A 403 -57.00 -12.67 -64.90
N PHE A 404 -56.87 -12.39 -63.61
CA PHE A 404 -57.63 -13.13 -62.61
C PHE A 404 -59.13 -12.95 -62.80
N VAL A 405 -59.56 -11.85 -63.41
CA VAL A 405 -60.97 -11.69 -63.72
C VAL A 405 -61.36 -12.62 -64.85
N ILE A 406 -60.62 -12.57 -65.96
CA ILE A 406 -60.99 -13.34 -67.14
C ILE A 406 -61.04 -14.83 -66.81
N ASP A 407 -60.00 -15.31 -66.13
CA ASP A 407 -59.96 -16.70 -65.69
C ASP A 407 -61.23 -17.06 -64.94
N ALA A 408 -61.63 -16.21 -63.98
CA ALA A 408 -62.83 -16.48 -63.21
C ALA A 408 -64.02 -16.73 -64.12
N VAL A 409 -64.22 -15.86 -65.10
CA VAL A 409 -65.35 -16.02 -66.01
C VAL A 409 -65.23 -17.37 -66.72
N TYR A 410 -64.04 -17.68 -67.22
CA TYR A 410 -63.86 -18.94 -67.94
C TYR A 410 -64.13 -20.13 -67.04
N SER A 411 -63.91 -19.98 -65.73
CA SER A 411 -64.21 -21.07 -64.81
C SER A 411 -65.68 -21.43 -64.85
N MET A 412 -66.57 -20.44 -64.94
CA MET A 412 -67.97 -20.75 -65.21
C MET A 412 -68.13 -21.38 -66.57
N ALA A 413 -67.48 -20.80 -67.59
CA ALA A 413 -67.76 -21.19 -68.97
C ALA A 413 -67.47 -22.66 -69.20
N TYR A 414 -66.35 -23.15 -68.66
CA TYR A 414 -66.06 -24.58 -68.77
C TYR A 414 -66.98 -25.39 -67.88
N ALA A 415 -67.22 -24.93 -66.65
CA ALA A 415 -67.99 -25.73 -65.69
C ALA A 415 -69.40 -25.97 -66.18
N LEU A 416 -70.02 -24.96 -66.80
CA LEU A 416 -71.30 -25.18 -67.46
C LEU A 416 -71.13 -26.11 -68.66
N HIS A 417 -70.11 -25.85 -69.48
CA HIS A 417 -69.96 -26.60 -70.72
C HIS A 417 -69.83 -28.09 -70.47
N ASN A 418 -68.91 -28.47 -69.57
CA ASN A 418 -68.77 -29.87 -69.20
C ASN A 418 -70.10 -30.46 -68.75
N MET A 419 -70.87 -29.69 -67.98
CA MET A 419 -72.17 -30.17 -67.53
C MET A 419 -73.06 -30.48 -68.73
N HIS A 420 -73.07 -29.60 -69.72
CA HIS A 420 -73.89 -29.84 -70.90
C HIS A 420 -73.36 -31.01 -71.71
N LYS A 421 -72.10 -31.39 -71.53
CA LYS A 421 -71.58 -32.57 -72.19
C LYS A 421 -71.95 -33.85 -71.46
N ASP A 422 -72.44 -33.75 -70.23
CA ASP A 422 -72.81 -34.94 -69.46
C ASP A 422 -74.32 -35.09 -69.35
N LEU A 423 -75.00 -34.06 -68.86
CA LEU A 423 -76.44 -34.14 -68.66
C LEU A 423 -77.22 -33.93 -69.96
N CYS A 424 -76.56 -33.52 -71.03
CA CYS A 424 -77.20 -33.28 -72.33
C CYS A 424 -76.41 -33.99 -73.42
N PRO A 425 -76.55 -35.31 -73.54
CA PRO A 425 -75.82 -36.04 -74.58
C PRO A 425 -76.48 -35.90 -75.93
N GLY A 426 -75.83 -35.16 -76.83
CA GLY A 426 -76.29 -35.05 -78.20
C GLY A 426 -77.44 -34.11 -78.44
N TYR A 427 -77.82 -33.30 -77.44
CA TYR A 427 -78.91 -32.34 -77.58
C TYR A 427 -78.30 -30.94 -77.58
N ILE A 428 -78.47 -30.21 -78.67
CA ILE A 428 -77.88 -28.89 -78.81
C ILE A 428 -78.81 -27.85 -78.20
N GLY A 429 -78.24 -26.87 -77.51
CA GLY A 429 -79.00 -25.81 -76.89
C GLY A 429 -79.37 -26.11 -75.46
N LEU A 430 -80.20 -25.24 -74.91
CA LEU A 430 -80.68 -25.41 -73.55
C LEU A 430 -81.60 -26.62 -73.45
N CYS A 431 -81.38 -27.45 -72.43
CA CYS A 431 -82.11 -28.69 -72.26
C CYS A 431 -83.27 -28.51 -71.30
N PRO A 432 -84.31 -29.34 -71.43
CA PRO A 432 -85.40 -29.28 -70.45
C PRO A 432 -84.95 -29.58 -69.03
N ARG A 433 -83.98 -30.48 -68.86
CA ARG A 433 -83.45 -30.75 -67.53
C ARG A 433 -82.40 -29.74 -67.12
N MET A 434 -81.73 -29.11 -68.09
CA MET A 434 -80.72 -28.09 -67.80
C MET A 434 -81.30 -26.69 -67.70
N SER A 435 -82.61 -26.54 -67.86
CA SER A 435 -83.25 -25.24 -67.65
C SER A 435 -83.10 -24.79 -66.20
N THR A 436 -83.27 -25.72 -65.26
CA THR A 436 -83.09 -25.43 -63.84
C THR A 436 -81.67 -25.83 -63.44
N ILE A 437 -80.74 -24.89 -63.59
CA ILE A 437 -79.33 -25.13 -63.30
C ILE A 437 -79.17 -25.17 -61.79
N ASP A 438 -79.05 -26.36 -61.23
CA ASP A 438 -78.91 -26.50 -59.78
C ASP A 438 -77.53 -26.02 -59.34
N GLY A 439 -77.50 -25.17 -58.31
CA GLY A 439 -76.24 -24.63 -57.84
C GLY A 439 -75.36 -25.67 -57.18
N LYS A 440 -75.96 -26.57 -56.39
CA LYS A 440 -75.17 -27.59 -55.71
C LYS A 440 -74.47 -28.49 -56.72
N GLU A 441 -75.18 -28.90 -57.76
CA GLU A 441 -74.55 -29.72 -58.80
C GLU A 441 -73.47 -28.95 -59.54
N LEU A 442 -73.73 -27.67 -59.83
CA LEU A 442 -72.75 -26.86 -60.56
C LEU A 442 -71.49 -26.62 -59.75
N LEU A 443 -71.58 -26.68 -58.42
CA LEU A 443 -70.39 -26.48 -57.59
C LEU A 443 -69.32 -27.53 -57.86
N GLY A 444 -69.72 -28.79 -57.99
CA GLY A 444 -68.73 -29.84 -58.27
C GLY A 444 -68.05 -29.65 -59.60
N TYR A 445 -68.82 -29.29 -60.63
CA TYR A 445 -68.23 -29.03 -61.94
C TYR A 445 -67.31 -27.82 -61.89
N ILE A 446 -67.66 -26.80 -61.10
CA ILE A 446 -66.78 -25.65 -60.94
C ILE A 446 -65.48 -26.07 -60.29
N ARG A 447 -65.55 -26.91 -59.26
CA ARG A 447 -64.37 -27.28 -58.51
C ARG A 447 -63.57 -28.41 -59.13
N ALA A 448 -64.04 -28.99 -60.23
CA ALA A 448 -63.26 -30.04 -60.88
C ALA A 448 -62.85 -29.67 -62.30
N VAL A 449 -62.40 -28.43 -62.51
CA VAL A 449 -62.00 -27.96 -63.82
C VAL A 449 -60.49 -27.96 -63.92
N ASN A 450 -60.00 -28.00 -65.16
CA ASN A 450 -58.56 -27.95 -65.43
C ASN A 450 -58.38 -27.45 -66.86
N PHE A 451 -57.87 -26.23 -67.00
CA PHE A 451 -57.68 -25.62 -68.31
C PHE A 451 -56.56 -24.59 -68.23
N ASN A 452 -56.12 -24.14 -69.40
CA ASN A 452 -55.11 -23.11 -69.48
C ASN A 452 -55.77 -21.73 -69.52
N GLY A 453 -55.22 -20.80 -68.75
CA GLY A 453 -55.80 -19.49 -68.61
C GLY A 453 -55.40 -18.56 -69.73
N SER A 454 -55.75 -17.28 -69.54
CA SER A 454 -55.43 -16.26 -70.54
C SER A 454 -53.93 -16.08 -70.70
N ALA A 455 -53.19 -16.10 -69.58
CA ALA A 455 -51.74 -15.96 -69.66
C ALA A 455 -51.09 -17.22 -70.21
N GLY A 456 -51.74 -18.37 -70.06
CA GLY A 456 -51.19 -19.65 -70.44
C GLY A 456 -50.89 -20.58 -69.29
N THR A 457 -50.99 -20.11 -68.05
CA THR A 457 -50.80 -20.95 -66.88
C THR A 457 -52.08 -21.73 -66.58
N PRO A 458 -51.96 -22.92 -65.99
CA PRO A 458 -53.14 -23.72 -65.68
C PRO A 458 -53.95 -23.15 -64.52
N VAL A 459 -55.23 -23.51 -64.50
CA VAL A 459 -56.18 -23.05 -63.50
C VAL A 459 -56.83 -24.27 -62.87
N THR A 460 -56.65 -24.43 -61.56
CA THR A 460 -57.22 -25.55 -60.83
C THR A 460 -57.77 -25.07 -59.49
N PHE A 461 -58.74 -25.82 -58.96
CA PHE A 461 -59.27 -25.61 -57.63
C PHE A 461 -59.11 -26.90 -56.84
N ASN A 462 -58.87 -26.77 -55.55
CA ASN A 462 -58.80 -27.93 -54.67
C ASN A 462 -60.18 -28.20 -54.07
N GLU A 463 -60.24 -29.09 -53.08
CA GLU A 463 -61.52 -29.45 -52.48
C GLU A 463 -62.15 -28.30 -51.72
N ASN A 464 -61.37 -27.29 -51.33
CA ASN A 464 -61.87 -26.14 -50.59
C ASN A 464 -62.08 -24.93 -51.47
N GLY A 465 -62.02 -25.09 -52.79
CA GLY A 465 -62.17 -23.97 -53.71
C GLY A 465 -61.06 -22.94 -53.64
N ASP A 466 -59.81 -23.41 -53.60
CA ASP A 466 -58.66 -22.53 -53.48
C ASP A 466 -57.66 -22.80 -54.59
N ALA A 467 -57.03 -21.74 -55.08
CA ALA A 467 -55.96 -21.87 -56.05
C ALA A 467 -54.64 -22.22 -55.36
N PRO A 468 -53.77 -22.96 -56.02
CA PRO A 468 -52.46 -23.25 -55.43
C PRO A 468 -51.61 -22.00 -55.27
N GLY A 469 -50.74 -22.02 -54.28
CA GLY A 469 -49.93 -20.86 -53.94
C GLY A 469 -48.70 -20.69 -54.81
N ARG A 470 -48.67 -19.61 -55.60
CA ARG A 470 -47.55 -19.31 -56.48
C ARG A 470 -47.31 -17.82 -56.43
N TYR A 471 -46.12 -17.41 -55.98
CA TYR A 471 -45.83 -16.01 -55.70
C TYR A 471 -44.51 -15.57 -56.32
N ASP A 472 -44.43 -14.28 -56.63
CA ASP A 472 -43.21 -13.58 -56.99
C ASP A 472 -42.81 -12.62 -55.87
N ILE A 473 -41.51 -12.40 -55.72
CA ILE A 473 -40.94 -11.57 -54.67
C ILE A 473 -40.21 -10.40 -55.32
N PHE A 474 -40.52 -9.19 -54.87
CA PHE A 474 -39.91 -7.98 -55.39
C PHE A 474 -39.16 -7.24 -54.29
N GLN A 475 -38.18 -6.44 -54.70
CA GLN A 475 -37.49 -5.52 -53.81
C GLN A 475 -37.42 -4.14 -54.45
N TYR A 476 -37.71 -3.10 -53.66
CA TYR A 476 -37.61 -1.74 -54.14
C TYR A 476 -36.15 -1.29 -54.08
N GLN A 477 -35.57 -1.01 -55.23
CA GLN A 477 -34.17 -0.65 -55.36
C GLN A 477 -34.05 0.77 -55.93
N ILE A 478 -33.03 1.50 -55.48
CA ILE A 478 -32.78 2.86 -55.93
C ILE A 478 -31.36 2.90 -56.47
N THR A 479 -31.23 2.96 -57.78
CA THR A 479 -29.93 3.17 -58.41
C THR A 479 -29.85 4.61 -58.91
N ASN A 480 -28.68 4.99 -59.41
CA ASN A 480 -28.53 6.32 -59.98
C ASN A 480 -29.39 6.49 -61.23
N SER A 482 -32.44 4.97 -62.13
CA SER A 482 -33.89 5.06 -61.88
C SER A 482 -34.23 4.19 -60.67
N THR A 483 -35.51 4.18 -60.32
CA THR A 483 -36.05 3.37 -59.24
C THR A 483 -37.05 2.39 -59.80
N GLU A 484 -37.08 1.19 -59.25
CA GLU A 484 -37.92 0.12 -59.80
C GLU A 484 -38.16 -0.93 -58.73
N TYR A 485 -39.11 -1.82 -59.02
CA TYR A 485 -39.33 -3.04 -58.26
C TYR A 485 -38.73 -4.19 -59.04
N LYS A 486 -37.73 -4.85 -58.45
CA LYS A 486 -36.96 -5.88 -59.14
C LYS A 486 -37.30 -7.25 -58.57
N VAL A 487 -37.50 -8.22 -59.46
CA VAL A 487 -37.80 -9.59 -59.04
C VAL A 487 -36.53 -10.23 -58.48
N ILE A 488 -36.67 -10.88 -57.33
CA ILE A 488 -35.52 -11.48 -56.66
C ILE A 488 -35.76 -12.95 -56.34
N GLY A 489 -36.96 -13.46 -56.61
CA GLY A 489 -37.24 -14.86 -56.35
C GLY A 489 -38.72 -15.16 -56.43
N HIS A 490 -39.05 -16.41 -56.11
CA HIS A 490 -40.43 -16.85 -56.17
C HIS A 490 -40.69 -17.93 -55.13
N TRP A 491 -41.95 -18.33 -55.03
CA TRP A 491 -42.41 -19.29 -54.03
C TRP A 491 -43.48 -20.17 -54.66
N THR A 492 -43.20 -21.47 -54.77
CA THR A 492 -44.07 -22.47 -55.38
C THR A 492 -44.17 -23.70 -54.49
N ASN A 493 -44.50 -23.48 -53.23
CA ASN A 493 -44.52 -24.41 -52.10
C ASN A 493 -43.11 -24.61 -51.53
N GLN A 494 -42.10 -23.95 -52.08
CA GLN A 494 -40.76 -23.96 -51.51
C GLN A 494 -40.04 -22.72 -52.01
N LEU A 495 -39.44 -21.97 -51.10
CA LEU A 495 -38.85 -20.68 -51.44
C LEU A 495 -37.66 -20.87 -52.38
N HIS A 496 -37.58 -20.04 -53.42
CA HIS A 496 -36.45 -19.99 -54.33
C HIS A 496 -36.05 -18.53 -54.41
N LEU A 497 -35.10 -18.13 -53.57
CA LEU A 497 -34.72 -16.75 -53.36
C LEU A 497 -33.27 -16.55 -53.78
N LYS A 498 -33.01 -15.47 -54.51
CA LYS A 498 -31.67 -15.10 -54.89
C LYS A 498 -31.18 -14.01 -53.94
N VAL A 499 -30.06 -14.28 -53.27
CA VAL A 499 -29.48 -13.30 -52.37
C VAL A 499 -28.42 -12.45 -53.07
N GLU A 500 -27.90 -12.89 -54.21
CA GLU A 500 -26.84 -12.15 -54.88
C GLU A 500 -27.37 -10.88 -55.54
N ASP A 501 -28.67 -10.82 -55.83
CA ASP A 501 -29.25 -9.67 -56.52
C ASP A 501 -30.01 -8.74 -55.61
N MET A 502 -29.90 -8.91 -54.28
CA MET A 502 -30.56 -8.01 -53.34
C MET A 502 -29.66 -6.82 -53.05
N GLN A 503 -30.26 -5.64 -52.92
CA GLN A 503 -29.52 -4.41 -52.69
C GLN A 503 -30.24 -3.59 -51.63
N TRP A 504 -29.61 -3.44 -50.46
CA TRP A 504 -30.09 -2.56 -49.41
C TRP A 504 -29.32 -1.24 -49.43
N ALA A 505 -29.67 -0.35 -48.51
CA ALA A 505 -29.00 0.93 -48.38
C ALA A 505 -27.53 0.74 -47.97
N HIS A 511 -26.14 -7.73 -45.60
CA HIS A 511 -27.54 -7.45 -45.33
C HIS A 511 -27.77 -7.16 -43.85
N PRO A 512 -28.63 -6.19 -43.56
CA PRO A 512 -28.90 -5.84 -42.17
C PRO A 512 -29.53 -6.98 -41.42
N ALA A 513 -29.24 -7.05 -40.13
CA ALA A 513 -29.71 -8.12 -39.26
C ALA A 513 -30.75 -7.61 -38.30
N SER A 514 -31.75 -8.44 -38.02
CA SER A 514 -32.76 -8.17 -37.02
C SER A 514 -32.72 -9.31 -36.01
N VAL A 515 -31.82 -9.22 -35.04
CA VAL A 515 -31.64 -10.24 -34.01
C VAL A 515 -31.76 -9.58 -32.65
N CYS A 516 -32.23 -10.37 -31.68
CA CYS A 516 -32.60 -9.77 -30.39
C CYS A 516 -31.35 -9.57 -29.53
N SER A 517 -30.35 -10.43 -29.66
CA SER A 517 -29.03 -10.19 -29.07
C SER A 517 -27.97 -10.95 -29.86
N LEU A 518 -26.78 -10.35 -29.96
CA LEU A 518 -25.65 -10.95 -30.65
C LEU A 518 -25.14 -12.17 -29.91
N PRO A 519 -24.45 -13.08 -30.60
CA PRO A 519 -23.97 -14.30 -29.92
C PRO A 519 -22.80 -14.01 -29.00
N CYS A 520 -22.67 -14.86 -27.98
CA CYS A 520 -21.68 -14.65 -26.93
C CYS A 520 -20.28 -15.03 -27.41
N LYS A 521 -19.30 -14.23 -27.02
CA LYS A 521 -17.91 -14.49 -27.34
C LYS A 521 -17.39 -15.65 -26.52
N PRO A 522 -16.28 -16.27 -26.93
CA PRO A 522 -15.67 -17.32 -26.11
C PRO A 522 -15.30 -16.78 -24.74
N GLY A 523 -15.51 -17.61 -23.71
CA GLY A 523 -15.36 -17.17 -22.35
C GLY A 523 -16.59 -16.51 -21.76
N GLU A 524 -17.67 -16.39 -22.52
CA GLU A 524 -18.93 -15.84 -22.05
C GLU A 524 -19.95 -16.96 -21.93
N ARG A 525 -20.79 -16.87 -20.90
CA ARG A 525 -21.73 -17.94 -20.56
C ARG A 525 -23.15 -17.50 -20.89
N LYS A 526 -23.91 -18.43 -21.48
CA LYS A 526 -25.22 -18.13 -22.03
C LYS A 526 -26.32 -18.39 -21.00
N LYS A 527 -27.19 -17.40 -20.81
CA LYS A 527 -28.37 -17.52 -19.98
C LYS A 527 -29.57 -17.01 -20.76
N THR A 528 -30.62 -17.82 -20.82
CA THR A 528 -31.75 -17.57 -21.71
C THR A 528 -32.92 -16.99 -20.94
N VAL A 529 -33.52 -15.92 -21.48
CA VAL A 529 -34.73 -15.36 -20.90
C VAL A 529 -35.88 -16.34 -21.10
N LYS A 530 -36.63 -16.59 -20.04
CA LYS A 530 -37.77 -17.50 -20.13
C LYS A 530 -38.84 -16.95 -21.05
N GLY A 531 -39.39 -17.82 -21.89
CA GLY A 531 -40.43 -17.44 -22.83
C GLY A 531 -39.94 -16.97 -24.17
N VAL A 532 -38.67 -16.60 -24.29
CA VAL A 532 -38.11 -16.13 -25.55
C VAL A 532 -36.81 -16.88 -25.82
N PRO A 533 -36.82 -17.90 -26.69
CA PRO A 533 -35.56 -18.59 -27.02
C PRO A 533 -34.47 -17.66 -27.54
N CYS A 534 -34.84 -16.53 -28.11
CA CYS A 534 -33.87 -15.60 -28.68
C CYS A 534 -33.35 -14.66 -27.60
N CYS A 535 -32.24 -13.98 -27.89
CA CYS A 535 -31.58 -13.00 -27.02
C CYS A 535 -31.42 -13.52 -25.58
N TRP A 536 -30.50 -14.46 -25.49
CA TRP A 536 -29.83 -14.89 -24.28
C TRP A 536 -29.03 -13.74 -23.65
N HIS A 537 -28.43 -14.02 -22.50
CA HIS A 537 -27.48 -13.12 -21.85
C HIS A 537 -26.10 -13.78 -21.79
N CYS A 538 -25.06 -12.97 -21.95
CA CYS A 538 -23.69 -13.43 -21.83
C CYS A 538 -23.11 -13.05 -20.46
N GLU A 539 -22.12 -13.81 -20.02
CA GLU A 539 -21.49 -13.59 -18.72
C GLU A 539 -20.09 -14.20 -18.75
N ARG A 540 -19.11 -13.45 -18.24
CA ARG A 540 -17.70 -13.78 -18.42
C ARG A 540 -17.16 -14.75 -17.38
N CYS A 541 -17.98 -15.26 -16.48
CA CYS A 541 -17.55 -16.16 -15.40
C CYS A 541 -16.50 -15.45 -14.55
N GLU A 542 -15.52 -16.19 -14.02
CA GLU A 542 -14.61 -15.63 -13.03
C GLU A 542 -13.18 -16.07 -13.38
N GLY A 543 -12.26 -15.80 -12.46
CA GLY A 543 -10.84 -15.98 -12.76
C GLY A 543 -10.42 -17.44 -12.86
N TYR A 544 -10.85 -18.26 -11.91
CA TYR A 544 -10.47 -19.67 -11.85
C TYR A 544 -11.53 -20.59 -12.43
N ASN A 545 -12.21 -20.18 -13.50
CA ASN A 545 -13.19 -21.03 -14.14
C ASN A 545 -12.99 -21.02 -15.66
N TYR A 546 -13.28 -22.15 -16.29
CA TYR A 546 -13.18 -22.30 -17.73
C TYR A 546 -14.46 -22.94 -18.24
N GLN A 547 -14.85 -22.56 -19.46
CA GLN A 547 -16.17 -22.88 -19.99
C GLN A 547 -16.04 -23.91 -21.11
N VAL A 548 -16.32 -25.17 -20.80
CA VAL A 548 -16.32 -26.23 -21.80
C VAL A 548 -17.73 -26.56 -22.30
N ASP A 549 -18.76 -26.26 -21.52
CA ASP A 549 -20.13 -26.61 -21.91
C ASP A 549 -20.72 -25.63 -22.90
N GLU A 550 -20.13 -24.44 -23.03
CA GLU A 550 -20.65 -23.33 -23.84
C GLU A 550 -21.97 -22.81 -23.26
N LEU A 551 -22.43 -23.43 -22.17
CA LEU A 551 -23.56 -22.94 -21.40
C LEU A 551 -23.24 -22.81 -19.92
N SER A 552 -22.14 -23.40 -19.45
CA SER A 552 -21.67 -23.23 -18.09
C SER A 552 -20.15 -23.42 -18.09
N CYS A 553 -19.51 -22.83 -17.09
CA CYS A 553 -18.05 -22.85 -17.00
C CYS A 553 -17.61 -23.67 -15.79
N GLU A 554 -16.69 -24.61 -16.04
CA GLU A 554 -16.22 -25.53 -15.02
C GLU A 554 -15.08 -24.89 -14.24
N LEU A 555 -14.36 -25.69 -13.44
CA LEU A 555 -13.28 -25.20 -12.60
C LEU A 555 -12.03 -26.04 -12.83
N CYS A 556 -10.91 -25.39 -13.11
CA CYS A 556 -9.65 -26.10 -13.26
C CYS A 556 -9.16 -26.56 -11.88
N PRO A 557 -8.71 -27.80 -11.74
CA PRO A 557 -8.22 -28.28 -10.44
C PRO A 557 -7.05 -27.46 -9.92
N LEU A 558 -6.66 -27.76 -8.67
CA LEU A 558 -5.62 -27.00 -7.99
C LEU A 558 -4.27 -27.06 -8.72
N ASP A 559 -4.03 -28.12 -9.49
CA ASP A 559 -2.75 -28.25 -10.17
C ASP A 559 -2.57 -27.17 -11.23
N GLN A 560 -3.57 -26.99 -12.10
CA GLN A 560 -3.43 -26.08 -13.23
C GLN A 560 -4.35 -24.86 -13.13
N ARG A 561 -4.34 -24.03 -14.18
CA ARG A 561 -4.84 -22.67 -14.11
C ARG A 561 -5.58 -22.37 -15.40
N PRO A 562 -6.66 -21.57 -15.35
CA PRO A 562 -7.45 -21.32 -16.57
C PRO A 562 -6.63 -20.68 -17.68
N ASN A 563 -6.90 -21.11 -18.90
CA ASN A 563 -6.19 -20.63 -20.08
C ASN A 563 -6.66 -19.22 -20.44
N MET A 564 -5.90 -18.57 -21.33
CA MET A 564 -6.17 -17.19 -21.72
C MET A 564 -7.53 -17.06 -22.40
N ASN A 565 -7.91 -18.09 -23.15
CA ASN A 565 -9.19 -18.11 -23.86
C ASN A 565 -10.39 -18.37 -22.97
N ARG A 566 -10.17 -18.69 -21.69
CA ARG A 566 -11.24 -18.91 -20.71
C ARG A 566 -12.11 -20.13 -21.03
N THR A 567 -11.62 -21.05 -21.88
CA THR A 567 -12.31 -22.34 -22.01
C THR A 567 -11.32 -23.50 -21.91
N GLY A 568 -10.29 -23.39 -21.09
CA GLY A 568 -9.31 -24.45 -20.95
C GLY A 568 -8.51 -24.27 -19.68
N CYS A 569 -7.48 -25.10 -19.55
CA CYS A 569 -6.61 -25.04 -18.38
C CYS A 569 -5.15 -25.05 -18.81
N GLN A 570 -4.33 -24.36 -18.03
CA GLN A 570 -2.88 -24.31 -18.23
C GLN A 570 -2.16 -24.58 -16.92
N LEU A 571 -1.02 -25.26 -17.01
CA LEU A 571 -0.31 -25.70 -15.82
C LEU A 571 0.35 -24.54 -15.10
N ILE A 572 0.25 -24.54 -13.77
CA ILE A 572 0.87 -23.50 -12.94
C ILE A 572 2.37 -23.75 -12.89
N PRO A 573 3.20 -22.72 -13.09
CA PRO A 573 4.65 -22.92 -13.05
C PRO A 573 5.16 -23.26 -11.65
N ILE A 574 6.22 -24.07 -11.62
CA ILE A 574 6.86 -24.51 -10.37
C ILE A 574 8.16 -23.75 -10.19
N ILE A 575 8.45 -23.37 -8.95
CA ILE A 575 9.66 -22.62 -8.63
C ILE A 575 10.43 -23.35 -7.54
N LYS A 576 11.74 -23.11 -7.55
CA LYS A 576 12.68 -23.72 -6.61
C LYS A 576 13.70 -22.66 -6.21
N LEU A 577 14.77 -23.10 -5.58
CA LEU A 577 15.91 -22.24 -5.25
C LEU A 577 17.01 -22.50 -6.26
N GLU A 578 17.52 -21.43 -6.87
CA GLU A 578 18.45 -21.53 -7.98
C GLU A 578 19.85 -21.11 -7.54
N TRP A 579 20.85 -21.72 -8.17
CA TRP A 579 22.23 -21.51 -7.79
C TRP A 579 22.70 -20.07 -8.00
N HIS A 580 22.13 -19.35 -8.97
CA HIS A 580 22.59 -18.02 -9.31
C HIS A 580 21.80 -16.92 -8.61
N SER A 581 21.03 -17.27 -7.64
CA SER A 581 20.29 -16.25 -6.91
C SER A 581 21.15 -15.66 -5.80
N PRO A 582 20.85 -14.42 -5.38
CA PRO A 582 21.57 -13.84 -4.24
C PRO A 582 21.44 -14.64 -2.95
N TRP A 583 20.35 -15.39 -2.80
CA TRP A 583 20.17 -16.22 -1.60
C TRP A 583 21.20 -17.33 -1.50
N ALA A 584 21.90 -17.65 -2.59
CA ALA A 584 22.81 -18.78 -2.62
C ALA A 584 24.26 -18.40 -2.83
N VAL A 585 24.56 -17.20 -3.31
CA VAL A 585 25.94 -16.84 -3.63
C VAL A 585 26.77 -16.70 -2.36
N VAL A 586 26.19 -16.18 -1.29
CA VAL A 586 26.93 -15.92 -0.06
C VAL A 586 27.27 -17.22 0.67
N PRO A 587 26.29 -18.10 0.97
CA PRO A 587 26.65 -19.35 1.65
C PRO A 587 27.62 -20.22 0.85
N VAL A 588 27.50 -20.25 -0.48
CA VAL A 588 28.43 -21.03 -1.28
C VAL A 588 29.84 -20.47 -1.19
N PHE A 589 29.97 -19.15 -1.25
CA PHE A 589 31.27 -18.51 -1.09
C PHE A 589 31.90 -18.86 0.26
N VAL A 590 31.11 -18.73 1.33
CA VAL A 590 31.62 -19.03 2.66
C VAL A 590 32.03 -20.50 2.75
N ALA A 591 31.24 -21.39 2.18
CA ALA A 591 31.56 -22.82 2.23
C ALA A 591 32.85 -23.12 1.50
N ILE A 592 33.06 -22.52 0.33
CA ILE A 592 34.30 -22.76 -0.41
C ILE A 592 35.50 -22.29 0.39
N LEU A 593 35.41 -21.07 0.96
CA LEU A 593 36.53 -20.56 1.75
C LEU A 593 36.82 -21.45 2.95
N GLY A 594 35.77 -21.87 3.66
CA GLY A 594 35.97 -22.72 4.82
C GLY A 594 36.55 -24.07 4.47
N ILE A 595 36.12 -24.64 3.35
CA ILE A 595 36.65 -25.94 2.94
C ILE A 595 38.12 -25.84 2.60
N ILE A 596 38.53 -24.78 1.90
CA ILE A 596 39.94 -24.58 1.60
C ILE A 596 40.74 -24.46 2.90
N ALA A 597 40.24 -23.67 3.84
CA ALA A 597 40.97 -23.48 5.10
C ALA A 597 41.11 -24.78 5.88
N THR A 598 40.02 -25.56 5.98
CA THR A 598 40.07 -26.81 6.73
C THR A 598 40.99 -27.83 6.05
N THR A 599 40.98 -27.88 4.72
CA THR A 599 41.90 -28.77 4.03
C THR A 599 43.35 -28.38 4.30
N PHE A 600 43.64 -27.08 4.29
CA PHE A 600 44.99 -26.64 4.60
C PHE A 600 45.39 -27.07 6.01
N VAL A 601 44.49 -26.91 6.98
CA VAL A 601 44.81 -27.28 8.35
C VAL A 601 45.05 -28.78 8.46
N ILE A 602 44.22 -29.58 7.81
CA ILE A 602 44.37 -31.03 7.89
C ILE A 602 45.70 -31.46 7.30
N VAL A 603 46.06 -30.90 6.15
CA VAL A 603 47.32 -31.29 5.51
C VAL A 603 48.51 -30.83 6.37
N THR A 604 48.41 -29.64 6.97
CA THR A 604 49.48 -29.16 7.83
C THR A 604 49.67 -30.11 9.03
N PHE A 605 48.58 -30.56 9.62
CA PHE A 605 48.69 -31.55 10.70
C PHE A 605 49.29 -32.85 10.19
N VAL A 606 48.92 -33.27 8.98
CA VAL A 606 49.39 -34.56 8.47
C VAL A 606 50.90 -34.55 8.27
N ARG A 607 51.43 -33.46 7.73
CA ARG A 607 52.90 -33.37 7.48
C ARG A 607 53.66 -33.38 8.81
N TYR A 608 53.20 -32.58 9.78
CA TYR A 608 53.87 -32.46 11.08
C TYR A 608 53.13 -33.28 12.14
N ASN A 609 53.01 -34.58 11.88
CA ASN A 609 52.24 -35.45 12.75
C ASN A 609 53.00 -35.79 14.03
N ASP A 610 54.33 -35.88 13.96
CA ASP A 610 55.15 -36.29 15.08
C ASP A 610 55.66 -35.13 15.93
N THR A 611 55.30 -33.90 15.59
CA THR A 611 55.77 -32.75 16.34
C THR A 611 55.05 -32.65 17.68
N PRO A 612 55.71 -32.07 18.69
CA PRO A 612 55.12 -32.05 20.04
C PRO A 612 53.78 -31.32 20.16
N ILE A 613 53.56 -30.26 19.38
CA ILE A 613 52.30 -29.52 19.49
C ILE A 613 51.12 -30.38 19.08
N VAL A 614 51.24 -31.07 17.94
CA VAL A 614 50.17 -31.94 17.48
C VAL A 614 49.99 -33.11 18.43
N ARG A 615 51.09 -33.66 18.96
CA ARG A 615 51.00 -34.76 19.90
C ARG A 615 50.31 -34.32 21.19
N ALA A 616 50.47 -33.06 21.57
CA ALA A 616 49.79 -32.52 22.75
C ALA A 616 48.39 -32.01 22.45
N SER A 617 48.00 -31.94 21.17
CA SER A 617 46.68 -31.41 20.83
C SER A 617 45.57 -32.40 21.12
N GLY A 618 45.89 -33.67 21.34
CA GLY A 618 44.85 -34.68 21.46
C GLY A 618 44.45 -35.19 20.08
N ARG A 619 45.41 -35.81 19.39
CA ARG A 619 45.31 -36.07 17.95
C ARG A 619 43.96 -36.63 17.49
N GLU A 620 43.53 -37.76 18.06
CA GLU A 620 42.36 -38.45 17.52
C GLU A 620 41.11 -37.58 17.58
N LEU A 621 40.85 -36.99 18.75
CA LEU A 621 39.65 -36.17 18.88
C LEU A 621 39.78 -34.88 18.09
N SER A 622 41.01 -34.41 17.86
CA SER A 622 41.22 -33.29 16.95
C SER A 622 40.79 -33.66 15.53
N TYR A 623 41.13 -34.87 15.08
CA TYR A 623 40.71 -35.31 13.76
C TYR A 623 39.19 -35.44 13.67
N VAL A 624 38.56 -35.91 14.74
CA VAL A 624 37.10 -35.98 14.78
C VAL A 624 36.49 -34.59 14.64
N LEU A 625 37.05 -33.61 15.36
CA LEU A 625 36.54 -32.25 15.28
C LEU A 625 36.71 -31.68 13.87
N LEU A 626 37.84 -31.96 13.24
CA LEU A 626 38.05 -31.48 11.88
C LEU A 626 37.03 -32.09 10.92
N THR A 627 36.73 -33.37 11.10
CA THR A 627 35.69 -33.98 10.29
C THR A 627 34.35 -33.29 10.50
N GLY A 628 34.05 -32.89 11.73
CA GLY A 628 32.81 -32.16 11.98
C GLY A 628 32.74 -30.84 11.24
N ILE A 629 33.84 -30.09 11.23
CA ILE A 629 33.88 -28.80 10.54
C ILE A 629 33.66 -29.00 9.03
N PHE A 630 34.39 -29.95 8.45
CA PHE A 630 34.22 -30.28 7.03
C PHE A 630 32.76 -30.63 6.73
N LEU A 631 32.14 -31.42 7.60
CA LEU A 631 30.76 -31.84 7.38
C LEU A 631 29.81 -30.65 7.42
N CYS A 632 30.08 -29.67 8.30
CA CYS A 632 29.22 -28.49 8.34
C CYS A 632 29.24 -27.75 7.01
N TYR A 633 30.43 -27.51 6.47
CA TYR A 633 30.48 -26.83 5.17
C TYR A 633 29.79 -27.65 4.07
N SER A 634 30.02 -28.96 4.05
CA SER A 634 29.39 -29.80 3.04
C SER A 634 27.87 -29.76 3.16
N ILE A 635 27.34 -29.69 4.38
CA ILE A 635 25.88 -29.70 4.52
C ILE A 635 25.30 -28.37 4.06
N THR A 636 26.07 -27.28 4.17
CA THR A 636 25.64 -26.06 3.50
C THR A 636 25.45 -26.30 2.00
N PHE A 637 26.43 -26.95 1.38
CA PHE A 637 26.29 -27.27 -0.05
C PHE A 637 25.03 -28.10 -0.31
N LEU A 638 24.82 -29.15 0.48
CA LEU A 638 23.66 -30.02 0.28
C LEU A 638 22.36 -29.25 0.39
N MET A 639 22.22 -28.43 1.44
CA MET A 639 20.97 -27.70 1.62
C MET A 639 20.71 -26.74 0.47
N ILE A 640 21.76 -26.16 -0.11
CA ILE A 640 21.53 -25.27 -1.25
C ILE A 640 21.12 -26.07 -2.48
N ALA A 641 21.63 -27.29 -2.64
CA ALA A 641 21.69 -27.89 -3.98
C ALA A 641 20.37 -28.00 -4.74
N ALA A 642 19.45 -28.91 -4.33
CA ALA A 642 18.22 -29.13 -5.10
C ALA A 642 17.32 -30.17 -4.47
N PRO A 643 16.00 -30.09 -4.68
CA PRO A 643 15.04 -31.12 -4.21
C PRO A 643 14.72 -32.24 -5.22
N ASP A 644 15.60 -33.24 -5.30
CA ASP A 644 15.40 -34.39 -6.19
C ASP A 644 15.48 -35.70 -5.42
N THR A 645 14.74 -35.79 -4.32
CA THR A 645 14.50 -37.04 -3.58
C THR A 645 15.74 -37.52 -2.82
N ILE A 646 16.76 -37.98 -3.55
CA ILE A 646 17.94 -38.53 -2.88
C ILE A 646 18.68 -37.45 -2.10
N ILE A 647 18.55 -36.19 -2.52
CA ILE A 647 19.27 -35.14 -1.81
C ILE A 647 18.73 -34.96 -0.40
N CYS A 648 17.42 -35.14 -0.19
CA CYS A 648 16.87 -35.02 1.15
C CYS A 648 17.34 -36.18 2.02
N SER A 649 17.47 -37.36 1.41
CA SER A 649 18.08 -38.51 2.06
C SER A 649 19.47 -38.17 2.57
N PHE A 650 20.27 -37.50 1.73
CA PHE A 650 21.58 -37.04 2.18
C PHE A 650 21.45 -35.98 3.28
N ARG A 651 20.46 -35.10 3.14
CA ARG A 651 20.33 -33.95 4.03
C ARG A 651 20.22 -34.38 5.48
N ARG A 652 19.26 -35.26 5.77
CA ARG A 652 19.03 -35.68 7.15
C ARG A 652 20.35 -36.10 7.82
N VAL A 653 20.95 -37.14 7.25
CA VAL A 653 22.10 -37.77 7.88
C VAL A 653 23.25 -36.79 8.01
N PHE A 654 23.54 -36.01 6.97
CA PHE A 654 24.78 -35.22 7.02
C PHE A 654 24.65 -34.04 7.96
N LEU A 655 23.48 -33.38 7.97
CA LEU A 655 23.22 -32.35 8.97
C LEU A 655 23.53 -32.86 10.39
N GLY A 656 22.78 -33.90 10.80
CA GLY A 656 22.96 -34.40 12.15
C GLY A 656 24.37 -34.86 12.41
N LEU A 657 25.00 -35.48 11.40
CA LEU A 657 26.31 -36.09 11.56
C LEU A 657 27.35 -35.03 11.91
N GLY A 658 27.39 -33.95 11.14
CA GLY A 658 28.39 -32.93 11.40
C GLY A 658 28.26 -32.35 12.80
N MET A 659 27.02 -31.98 13.17
CA MET A 659 26.85 -31.36 14.48
C MET A 659 27.27 -32.31 15.61
N CYS A 660 26.83 -33.57 15.55
CA CYS A 660 27.11 -34.50 16.63
C CYS A 660 28.60 -34.85 16.72
N PHE A 661 29.26 -35.02 15.56
CA PHE A 661 30.71 -35.19 15.55
C PHE A 661 31.39 -34.14 16.43
N SER A 662 31.16 -32.87 16.07
CA SER A 662 31.86 -31.79 16.76
C SER A 662 31.60 -31.85 18.26
N TYR A 663 30.33 -31.92 18.66
CA TYR A 663 30.07 -31.75 20.08
C TYR A 663 30.42 -32.98 20.91
N ALA A 664 30.36 -34.18 20.31
CA ALA A 664 30.81 -35.37 21.03
C ALA A 664 32.30 -35.32 21.31
N ALA A 665 33.10 -34.90 20.33
CA ALA A 665 34.53 -34.77 20.59
C ALA A 665 34.81 -33.74 21.69
N LEU A 666 34.16 -32.58 21.61
CA LEU A 666 34.40 -31.55 22.62
C LEU A 666 34.01 -32.02 24.02
N LEU A 667 32.85 -32.67 24.15
CA LEU A 667 32.41 -33.15 25.45
C LEU A 667 33.37 -34.18 26.01
N THR A 668 33.84 -35.09 25.16
CA THR A 668 34.81 -36.08 25.62
C THR A 668 36.03 -35.42 26.22
N LYS A 669 36.60 -34.44 25.51
CA LYS A 669 37.81 -33.79 26.00
C LYS A 669 37.57 -33.06 27.31
N THR A 670 36.47 -32.29 27.39
CA THR A 670 36.19 -31.53 28.61
C THR A 670 35.97 -32.44 29.80
N ASN A 671 35.25 -33.55 29.60
CA ASN A 671 35.04 -34.49 30.70
C ASN A 671 36.35 -35.12 31.15
N ARG A 672 37.24 -35.46 30.21
CA ARG A 672 38.54 -35.99 30.63
C ARG A 672 39.27 -34.98 31.49
N ILE A 673 39.26 -33.71 31.08
CA ILE A 673 39.94 -32.68 31.86
C ILE A 673 39.38 -32.62 33.28
N HIS A 674 38.05 -32.60 33.38
CA HIS A 674 37.42 -32.49 34.70
C HIS A 674 37.77 -33.68 35.58
N ARG A 675 37.83 -34.86 35.11
CA ARG A 675 38.07 -35.95 36.07
C ARG A 675 39.53 -35.96 36.40
N ILE A 676 40.38 -35.78 35.39
CA ILE A 676 41.78 -35.81 35.79
C ILE A 676 42.07 -34.75 36.84
N PHE A 677 41.40 -33.59 36.75
CA PHE A 677 41.64 -32.55 37.75
C PHE A 677 41.06 -32.94 39.10
N GLU A 678 39.73 -33.12 39.18
CA GLU A 678 39.07 -33.19 40.48
C GLU A 678 39.47 -34.43 41.26
N GLN A 679 39.39 -35.60 40.63
CA GLN A 679 39.69 -36.83 41.36
C GLN A 679 41.18 -37.00 41.61
N GLY A 680 42.02 -36.63 40.66
CA GLY A 680 43.44 -36.86 40.80
C GLY A 680 44.12 -35.92 41.78
N LYS A 681 43.50 -34.78 42.07
CA LYS A 681 44.11 -33.83 42.98
C LYS A 681 44.00 -34.24 44.44
N LYS A 682 43.11 -35.17 44.77
CA LYS A 682 42.98 -35.68 46.14
C LYS A 682 43.30 -37.16 46.25
N SER A 683 44.01 -37.73 45.28
CA SER A 683 44.36 -39.15 45.32
C SER A 683 45.67 -39.35 44.57
N VAL A 684 46.43 -40.35 45.02
CA VAL A 684 47.71 -40.65 44.37
C VAL A 684 47.50 -41.26 43.00
N THR A 685 46.50 -42.14 42.87
CA THR A 685 46.26 -42.85 41.61
C THR A 685 45.57 -41.93 40.61
N ALA A 686 45.14 -42.52 39.50
CA ALA A 686 44.52 -41.79 38.40
C ALA A 686 43.12 -42.31 38.13
N PRO A 687 42.26 -41.49 37.52
CA PRO A 687 40.96 -41.98 37.07
C PRO A 687 41.11 -43.11 36.05
N LYS A 688 40.02 -43.87 35.90
CA LYS A 688 40.10 -45.15 35.20
C LYS A 688 40.30 -44.97 33.70
N PHE A 689 39.28 -44.43 33.02
CA PHE A 689 39.31 -44.36 31.53
C PHE A 689 39.73 -43.00 31.00
N ILE A 690 41.03 -42.74 30.88
CA ILE A 690 41.56 -41.51 30.31
C ILE A 690 42.51 -41.85 29.17
N SER A 691 42.39 -43.05 28.63
CA SER A 691 43.30 -43.51 27.59
C SER A 691 42.84 -43.06 26.21
N PRO A 692 43.76 -42.97 25.24
CA PRO A 692 43.37 -42.58 23.88
C PRO A 692 42.49 -43.57 23.16
N ALA A 693 42.10 -44.68 23.80
CA ALA A 693 41.16 -45.61 23.21
C ALA A 693 39.76 -45.50 23.82
N SER A 694 39.67 -45.18 25.11
CA SER A 694 38.36 -45.02 25.74
C SER A 694 37.63 -43.78 25.22
N GLN A 695 38.37 -42.74 24.85
CA GLN A 695 37.75 -41.51 24.38
C GLN A 695 37.12 -41.68 23.00
N LEU A 696 37.84 -42.35 22.09
CA LEU A 696 37.22 -42.76 20.83
C LEU A 696 35.96 -43.58 21.09
N VAL A 697 36.00 -44.45 22.09
CA VAL A 697 34.86 -45.29 22.41
C VAL A 697 33.66 -44.43 22.79
N ILE A 698 33.87 -43.45 23.66
CA ILE A 698 32.76 -42.59 24.09
C ILE A 698 32.20 -41.82 22.90
N THR A 699 33.08 -41.19 22.11
CA THR A 699 32.64 -40.34 21.01
C THR A 699 31.82 -41.15 20.01
N PHE A 700 32.32 -42.33 19.62
CA PHE A 700 31.64 -43.12 18.62
C PHE A 700 30.40 -43.81 19.16
N SER A 701 30.33 -44.09 20.46
CA SER A 701 29.08 -44.53 21.06
C SER A 701 27.99 -43.49 20.88
N LEU A 702 28.30 -42.23 21.20
CA LEU A 702 27.30 -41.17 21.08
C LEU A 702 26.90 -40.94 19.61
N ILE A 703 27.89 -40.94 18.72
CA ILE A 703 27.60 -40.79 17.30
C ILE A 703 26.67 -41.91 16.83
N SER A 704 26.98 -43.15 17.20
CA SER A 704 26.14 -44.28 16.80
C SER A 704 24.75 -44.18 17.40
N VAL A 705 24.60 -43.55 18.57
CA VAL A 705 23.26 -43.29 19.10
C VAL A 705 22.46 -42.47 18.11
N GLN A 706 23.04 -41.37 17.63
CA GLN A 706 22.24 -40.54 16.71
C GLN A 706 22.00 -41.25 15.38
N LEU A 707 22.99 -41.98 14.87
CA LEU A 707 22.75 -42.75 13.64
C LEU A 707 21.67 -43.81 13.83
N LEU A 708 21.57 -44.40 15.02
CA LEU A 708 20.48 -45.34 15.29
C LEU A 708 19.13 -44.65 15.16
N GLY A 709 19.00 -43.47 15.77
CA GLY A 709 17.76 -42.72 15.64
C GLY A 709 17.43 -42.39 14.20
N VAL A 710 18.43 -41.96 13.43
CA VAL A 710 18.19 -41.54 12.05
C VAL A 710 17.81 -42.74 11.19
N PHE A 711 18.44 -43.89 11.40
CA PHE A 711 18.04 -45.09 10.66
C PHE A 711 16.60 -45.49 10.97
N VAL A 712 16.21 -45.41 12.24
CA VAL A 712 14.81 -45.68 12.57
C VAL A 712 13.88 -44.73 11.82
N TRP A 713 14.28 -43.46 11.73
CA TRP A 713 13.41 -42.47 11.11
C TRP A 713 13.39 -42.60 9.59
N PHE A 714 14.42 -43.20 9.00
CA PHE A 714 14.28 -43.72 7.64
C PHE A 714 13.26 -44.85 7.58
N VAL A 715 13.30 -45.75 8.56
CA VAL A 715 12.41 -46.91 8.52
C VAL A 715 10.95 -46.47 8.55
N VAL A 716 10.62 -45.49 9.39
CA VAL A 716 9.22 -45.14 9.60
C VAL A 716 8.59 -44.58 8.33
N ASP A 717 9.29 -43.69 7.62
CA ASP A 717 8.69 -43.05 6.44
C ASP A 717 9.75 -42.58 5.45
N PRO A 718 9.93 -43.28 4.33
CA PRO A 718 11.00 -42.95 3.39
C PRO A 718 10.83 -41.54 2.84
N PRO A 719 11.92 -40.84 2.56
CA PRO A 719 11.81 -39.44 2.15
C PRO A 719 11.19 -39.32 0.76
N HIS A 720 10.30 -38.35 0.60
CA HIS A 720 9.64 -38.08 -0.66
C HIS A 720 9.49 -36.58 -0.85
N ILE A 721 9.45 -36.16 -2.12
CA ILE A 721 9.31 -34.74 -2.43
C ILE A 721 7.83 -34.38 -2.51
N ILE A 722 7.55 -33.09 -2.34
CA ILE A 722 6.20 -32.54 -2.43
C ILE A 722 6.25 -31.26 -3.26
N ILE A 723 5.39 -31.18 -4.26
CA ILE A 723 5.19 -29.96 -5.03
C ILE A 723 3.94 -29.30 -4.47
N ASP A 724 4.13 -28.23 -3.71
CA ASP A 724 3.02 -27.41 -3.25
C ASP A 724 2.52 -26.61 -4.45
N TYR A 725 1.66 -27.26 -5.24
CA TYR A 725 0.98 -26.56 -6.34
C TYR A 725 0.05 -25.50 -5.80
N GLY A 726 -0.50 -25.72 -4.62
CA GLY A 726 -1.28 -24.71 -3.94
C GLY A 726 -0.49 -24.08 -2.81
N GLU A 727 -1.17 -23.76 -1.72
CA GLU A 727 -0.63 -23.13 -0.52
C GLU A 727 -0.18 -21.69 -0.77
N GLN A 728 -0.19 -21.23 -2.01
CA GLN A 728 0.11 -19.84 -2.34
C GLN A 728 -0.84 -19.36 -3.42
N ARG A 729 -2.11 -19.75 -3.33
CA ARG A 729 -3.09 -19.42 -4.34
C ARG A 729 -3.57 -17.98 -4.17
N THR A 730 -3.48 -17.20 -5.23
CA THR A 730 -3.88 -15.80 -5.23
C THR A 730 -5.08 -15.61 -6.13
N LEU A 731 -5.66 -14.41 -6.07
CA LEU A 731 -6.80 -14.10 -6.92
C LEU A 731 -6.40 -13.94 -8.38
N ASP A 732 -5.20 -13.42 -8.64
CA ASP A 732 -4.69 -13.35 -10.00
C ASP A 732 -4.22 -14.73 -10.44
N PRO A 733 -4.77 -15.30 -11.51
CA PRO A 733 -4.25 -16.58 -12.01
C PRO A 733 -2.82 -16.50 -12.50
N GLU A 734 -2.34 -15.31 -12.88
CA GLU A 734 -0.97 -15.19 -13.35
C GLU A 734 0.03 -15.35 -12.19
N LYS A 735 -0.35 -14.91 -10.99
CA LYS A 735 0.54 -14.96 -9.85
C LYS A 735 0.68 -16.35 -9.27
N ALA A 736 -0.12 -17.32 -9.71
CA ALA A 736 -0.11 -18.64 -9.11
C ALA A 736 1.24 -19.32 -9.35
N ARG A 737 1.83 -19.85 -8.28
CA ARG A 737 3.11 -20.52 -8.34
C ARG A 737 3.09 -21.73 -7.41
N GLY A 738 3.58 -22.86 -7.91
CA GLY A 738 3.89 -23.98 -7.06
C GLY A 738 5.32 -23.92 -6.57
N VAL A 739 5.57 -24.54 -5.42
CA VAL A 739 6.89 -24.54 -4.80
C VAL A 739 7.36 -25.98 -4.65
N LEU A 740 8.59 -26.25 -5.08
CA LEU A 740 9.14 -27.60 -4.97
C LEU A 740 9.92 -27.74 -3.66
N LYS A 741 9.53 -28.72 -2.84
CA LYS A 741 10.23 -28.95 -1.57
C LYS A 741 10.20 -30.45 -1.26
N CYS A 742 10.67 -30.84 -0.07
CA CYS A 742 10.63 -32.26 0.31
C CYS A 742 10.38 -32.39 1.82
N ASP A 743 9.11 -32.48 2.20
CA ASP A 743 8.70 -32.64 3.60
C ASP A 743 9.41 -31.63 4.48
N ILE A 744 10.37 -32.11 5.28
CA ILE A 744 11.35 -31.31 6.03
C ILE A 744 10.69 -30.12 6.72
N SER A 745 9.53 -30.37 7.36
CA SER A 745 8.84 -29.33 8.08
C SER A 745 9.69 -28.83 9.26
N ASP A 746 9.23 -27.74 9.88
CA ASP A 746 10.01 -27.09 10.92
C ASP A 746 10.25 -28.02 12.11
N LEU A 747 9.21 -28.77 12.51
CA LEU A 747 9.37 -29.73 13.59
C LEU A 747 10.45 -30.75 13.28
N SER A 748 10.60 -31.13 12.01
CA SER A 748 11.66 -32.05 11.65
C SER A 748 13.03 -31.44 11.90
N LEU A 749 13.21 -30.17 11.55
CA LEU A 749 14.49 -29.51 11.81
C LEU A 749 14.79 -29.46 13.29
N ILE A 750 13.79 -29.10 14.09
CA ILE A 750 14.01 -29.02 15.53
C ILE A 750 14.37 -30.39 16.10
N CYS A 751 13.64 -31.43 15.68
CA CYS A 751 13.91 -32.77 16.20
C CYS A 751 15.29 -33.25 15.79
N SER A 752 15.70 -32.98 14.54
CA SER A 752 17.00 -33.44 14.08
C SER A 752 18.15 -32.67 14.72
N LEU A 753 17.94 -31.42 15.13
CA LEU A 753 18.99 -30.64 15.76
C LEU A 753 19.00 -30.76 17.29
N GLY A 754 17.96 -31.35 17.88
CA GLY A 754 17.85 -31.36 19.33
C GLY A 754 18.95 -32.10 20.05
N TYR A 755 19.34 -33.27 19.53
CA TYR A 755 20.37 -34.06 20.20
C TYR A 755 21.71 -33.32 20.21
N SER A 756 22.07 -32.71 19.09
CA SER A 756 23.30 -31.93 19.03
C SER A 756 23.24 -30.72 19.94
N ILE A 757 22.08 -30.07 20.03
CA ILE A 757 21.98 -28.93 20.93
C ILE A 757 22.11 -29.38 22.39
N LEU A 758 21.58 -30.56 22.72
CA LEU A 758 21.74 -31.06 24.09
C LEU A 758 23.20 -31.39 24.41
N LEU A 759 23.91 -32.01 23.46
CA LEU A 759 25.33 -32.23 23.64
C LEU A 759 26.06 -30.91 23.85
N MET A 760 25.70 -29.90 23.06
CA MET A 760 26.25 -28.55 23.23
C MET A 760 26.05 -28.05 24.65
N VAL A 761 24.82 -28.14 25.14
CA VAL A 761 24.50 -27.58 26.46
C VAL A 761 25.29 -28.28 27.55
N THR A 762 25.39 -29.61 27.48
CA THR A 762 26.12 -30.34 28.52
C THR A 762 27.61 -30.05 28.47
N CYS A 763 28.18 -29.92 27.26
CA CYS A 763 29.58 -29.54 27.15
C CYS A 763 29.83 -28.16 27.73
N THR A 764 28.92 -27.21 27.48
CA THR A 764 29.06 -25.89 28.06
C THR A 764 28.95 -25.94 29.58
N VAL A 765 28.07 -26.79 30.09
CA VAL A 765 27.96 -26.95 31.55
C VAL A 765 29.27 -27.43 32.14
N TYR A 766 29.90 -28.42 31.50
CA TYR A 766 31.15 -28.91 32.02
C TYR A 766 32.25 -27.86 31.93
N ALA A 767 32.25 -27.07 30.85
CA ALA A 767 33.22 -25.98 30.75
C ALA A 767 33.02 -24.95 31.85
N ILE A 768 31.76 -24.63 32.17
CA ILE A 768 31.47 -23.73 33.30
C ILE A 768 31.96 -24.35 34.60
N LYS A 769 31.82 -25.65 34.74
CA LYS A 769 32.21 -26.29 36.00
C LYS A 769 33.71 -26.50 36.12
N THR A 770 34.46 -26.35 35.03
CA THR A 770 35.90 -26.64 35.07
C THR A 770 36.80 -25.41 34.91
N ARG A 771 36.24 -24.21 35.04
CA ARG A 771 37.09 -22.98 35.00
C ARG A 771 38.11 -23.10 36.13
N GLY A 772 39.36 -22.67 35.90
CA GLY A 772 40.32 -22.70 36.99
C GLY A 772 41.13 -23.97 36.94
N VAL A 773 42.35 -23.87 36.40
CA VAL A 773 43.18 -25.04 36.15
C VAL A 773 44.62 -24.62 36.42
N PRO A 774 45.48 -25.52 36.94
CA PRO A 774 46.87 -25.15 37.19
C PRO A 774 47.65 -24.81 35.92
N GLU A 775 46.96 -24.75 34.78
CA GLU A 775 47.47 -24.47 33.45
C GLU A 775 48.26 -25.63 32.88
N THR A 776 48.47 -26.70 33.66
CA THR A 776 48.98 -27.94 33.07
C THR A 776 47.96 -28.50 32.09
N PHE A 777 46.68 -28.45 32.43
CA PHE A 777 45.60 -28.84 31.52
C PHE A 777 45.28 -27.64 30.66
N ASN A 778 46.08 -27.41 29.63
CA ASN A 778 45.81 -26.34 28.70
C ASN A 778 44.58 -26.69 27.86
N GLU A 779 44.22 -25.77 26.96
CA GLU A 779 43.11 -25.93 26.02
C GLU A 779 41.75 -25.83 26.69
N ALA A 780 41.71 -25.71 28.01
CA ALA A 780 40.43 -25.48 28.69
C ALA A 780 39.93 -24.07 28.43
N LYS A 781 40.82 -23.08 28.51
CA LYS A 781 40.44 -21.70 28.24
C LYS A 781 39.93 -21.49 26.81
N PRO A 782 40.59 -21.99 25.76
CA PRO A 782 39.98 -21.89 24.41
C PRO A 782 38.65 -22.62 24.31
N ILE A 783 38.50 -23.74 25.00
CA ILE A 783 37.24 -24.50 24.94
C ILE A 783 36.10 -23.65 25.48
N GLY A 784 36.34 -22.95 26.60
CA GLY A 784 35.30 -22.09 27.15
C GLY A 784 34.82 -21.04 26.18
N PHE A 785 35.77 -20.37 25.51
CA PHE A 785 35.40 -19.33 24.55
C PHE A 785 34.63 -19.90 23.38
N THR A 786 35.08 -21.05 22.86
CA THR A 786 34.35 -21.70 21.76
C THR A 786 32.92 -22.01 22.15
N MET A 787 32.73 -22.59 23.35
CA MET A 787 31.39 -22.97 23.76
C MET A 787 30.49 -21.76 23.96
N TYR A 788 31.00 -20.71 24.60
CA TYR A 788 30.18 -19.51 24.80
C TYR A 788 29.76 -18.92 23.46
N THR A 789 30.70 -18.83 22.52
CA THR A 789 30.40 -18.28 21.21
C THR A 789 29.31 -19.08 20.51
N THR A 790 29.44 -20.41 20.51
CA THR A 790 28.48 -21.24 19.80
C THR A 790 27.09 -21.16 20.44
N CYS A 791 27.03 -21.15 21.77
CA CYS A 791 25.75 -21.02 22.46
C CYS A 791 25.07 -19.70 22.12
N ILE A 792 25.83 -18.61 22.05
CA ILE A 792 25.26 -17.34 21.63
C ILE A 792 24.68 -17.47 20.22
N ILE A 793 25.42 -18.13 19.31
CA ILE A 793 24.94 -18.27 17.94
C ILE A 793 23.58 -18.95 17.91
N TRP A 794 23.45 -20.09 18.60
CA TRP A 794 22.20 -20.84 18.46
C TRP A 794 21.06 -20.21 19.23
N LEU A 795 21.36 -19.57 20.36
CA LEU A 795 20.32 -18.84 21.09
C LEU A 795 19.79 -17.68 20.25
N ALA A 796 20.63 -17.11 19.38
CA ALA A 796 20.14 -16.11 18.43
C ALA A 796 19.38 -16.76 17.29
N PHE A 797 19.79 -17.96 16.88
CA PHE A 797 19.12 -18.63 15.76
C PHE A 797 17.67 -18.92 16.07
N ILE A 798 17.36 -19.35 17.30
CA ILE A 798 15.99 -19.79 17.61
C ILE A 798 14.93 -18.74 17.29
N PRO A 799 15.05 -17.48 17.75
CA PRO A 799 13.98 -16.51 17.45
C PRO A 799 13.76 -16.26 15.97
N ILE A 800 14.81 -16.32 15.15
CA ILE A 800 14.62 -16.09 13.72
C ILE A 800 13.76 -17.19 13.12
N PHE A 801 14.01 -18.44 13.51
CA PHE A 801 13.23 -19.55 13.00
C PHE A 801 11.78 -19.46 13.48
N PHE A 802 11.57 -19.05 14.72
CA PHE A 802 10.21 -18.98 15.23
C PHE A 802 9.50 -17.67 14.89
N GLY A 803 10.18 -16.72 14.26
CA GLY A 803 9.59 -15.42 13.99
C GLY A 803 9.22 -15.19 12.55
N THR A 804 9.95 -15.81 11.61
CA THR A 804 9.62 -15.75 10.20
C THR A 804 8.72 -16.88 9.75
N ALA A 805 7.95 -17.48 10.67
CA ALA A 805 7.14 -18.63 10.34
C ALA A 805 6.04 -18.28 9.33
N GLN A 806 5.37 -17.16 9.53
CA GLN A 806 4.34 -16.68 8.61
C GLN A 806 4.95 -15.52 7.83
N SER A 807 5.41 -15.79 6.61
CA SER A 807 6.05 -14.77 5.80
C SER A 807 5.93 -15.18 4.34
N ALA A 808 6.20 -14.23 3.45
CA ALA A 808 6.07 -14.46 2.02
C ALA A 808 7.28 -15.19 1.44
N GLU A 809 8.43 -15.13 2.09
CA GLU A 809 9.66 -15.76 1.65
C GLU A 809 10.31 -16.54 2.79
N LYS A 810 9.49 -17.35 3.45
CA LYS A 810 9.92 -18.12 4.61
C LYS A 810 11.05 -19.09 4.26
N MET A 811 10.91 -19.81 3.14
CA MET A 811 11.85 -20.89 2.83
C MET A 811 13.26 -20.36 2.58
N TYR A 812 13.37 -19.25 1.85
CA TYR A 812 14.70 -18.70 1.56
C TYR A 812 15.40 -18.28 2.83
N ILE A 813 14.67 -17.57 3.70
CA ILE A 813 15.26 -17.08 4.95
C ILE A 813 15.67 -18.24 5.84
N GLN A 814 14.83 -19.27 5.95
CA GLN A 814 15.17 -20.39 6.81
C GLN A 814 16.40 -21.15 6.29
N THR A 815 16.46 -21.40 4.97
CA THR A 815 17.63 -22.08 4.41
C THR A 815 18.90 -21.28 4.65
N THR A 816 18.85 -19.98 4.35
CA THR A 816 20.04 -19.15 4.53
C THR A 816 20.46 -19.10 5.99
N THR A 817 19.49 -18.98 6.90
CA THR A 817 19.80 -18.91 8.33
C THR A 817 20.49 -20.18 8.80
N LEU A 818 19.95 -21.34 8.43
CA LEU A 818 20.55 -22.60 8.87
C LEU A 818 21.97 -22.75 8.34
N THR A 819 22.17 -22.50 7.04
CA THR A 819 23.49 -22.67 6.46
C THR A 819 24.49 -21.70 7.07
N VAL A 820 24.09 -20.44 7.26
CA VAL A 820 24.98 -19.45 7.84
C VAL A 820 25.35 -19.81 9.27
N SER A 821 24.37 -20.29 10.05
CA SER A 821 24.65 -20.65 11.43
C SER A 821 25.67 -21.78 11.50
N MET A 822 25.50 -22.81 10.68
CA MET A 822 26.42 -23.93 10.74
C MET A 822 27.81 -23.54 10.27
N SER A 823 27.90 -22.71 9.22
CA SER A 823 29.20 -22.21 8.79
C SER A 823 29.89 -21.40 9.88
N LEU A 824 29.14 -20.54 10.56
CA LEU A 824 29.74 -19.73 11.63
C LEU A 824 30.25 -20.60 12.78
N SER A 825 29.47 -21.60 13.19
CA SER A 825 29.91 -22.47 14.28
C SER A 825 31.19 -23.22 13.89
N ALA A 826 31.23 -23.77 12.67
CA ALA A 826 32.42 -24.49 12.22
C ALA A 826 33.62 -23.56 12.18
N SER A 827 33.43 -22.33 11.68
CA SER A 827 34.53 -21.39 11.59
C SER A 827 35.07 -21.04 12.97
N VAL A 828 34.17 -20.82 13.93
CA VAL A 828 34.61 -20.46 15.28
C VAL A 828 35.45 -21.57 15.88
N SER A 829 34.95 -22.80 15.83
CA SER A 829 35.73 -23.91 16.38
C SER A 829 37.06 -24.06 15.68
N LEU A 830 37.05 -24.14 14.34
CA LEU A 830 38.29 -24.37 13.60
C LEU A 830 39.31 -23.29 13.89
N GLY A 831 38.93 -22.03 13.71
CA GLY A 831 39.83 -20.93 13.94
C GLY A 831 40.40 -20.96 15.34
N MET A 832 39.54 -20.87 16.35
CA MET A 832 40.02 -20.57 17.69
C MET A 832 40.67 -21.80 18.33
N LEU A 833 40.50 -22.98 17.74
CA LEU A 833 41.17 -24.15 18.30
C LEU A 833 42.34 -24.66 17.46
N TYR A 834 42.55 -24.18 16.24
CA TYR A 834 43.62 -24.75 15.45
C TYR A 834 44.56 -23.72 14.83
N MET A 835 44.07 -22.52 14.53
CA MET A 835 44.90 -21.58 13.77
C MET A 835 46.18 -21.14 14.48
N PRO A 836 46.19 -20.85 15.78
CA PRO A 836 47.48 -20.54 16.42
C PRO A 836 48.52 -21.63 16.23
N LYS A 837 48.10 -22.90 16.30
CA LYS A 837 49.04 -24.00 16.15
C LYS A 837 49.63 -24.03 14.75
N VAL A 838 48.80 -23.84 13.73
CA VAL A 838 49.28 -23.80 12.36
C VAL A 838 50.24 -22.64 12.15
N TYR A 839 49.88 -21.47 12.68
CA TYR A 839 50.72 -20.29 12.56
C TYR A 839 52.10 -20.54 13.16
N ILE A 840 52.14 -21.12 14.35
CA ILE A 840 53.42 -21.41 14.99
C ILE A 840 54.19 -22.45 14.19
N ILE A 841 53.51 -23.47 13.69
CA ILE A 841 54.19 -24.57 13.00
C ILE A 841 54.91 -24.07 11.76
N ILE A 842 54.23 -23.28 10.93
CA ILE A 842 54.88 -22.79 9.72
C ILE A 842 55.81 -21.61 10.02
N PHE A 843 55.29 -20.55 10.63
CA PHE A 843 56.07 -19.31 10.70
C PHE A 843 57.20 -19.36 11.73
N HIS A 844 57.04 -20.14 12.80
CA HIS A 844 58.05 -20.21 13.87
C HIS A 844 58.40 -21.66 14.15
N PRO A 845 59.18 -22.31 13.28
CA PRO A 845 59.56 -23.71 13.53
C PRO A 845 60.52 -23.89 14.69
N GLU A 846 61.12 -22.82 15.21
CA GLU A 846 62.16 -22.98 16.22
C GLU A 846 61.58 -23.47 17.55
N GLN A 847 60.34 -23.11 17.86
CA GLN A 847 59.74 -23.51 19.12
C GLN A 847 58.70 -24.61 18.98
N ASN A 848 58.73 -25.37 17.90
CA ASN A 848 57.86 -26.54 17.76
C ASN A 848 58.41 -27.71 18.57
N HIS B 38 -93.43 -24.26 -35.60
CA HIS B 38 -92.24 -23.63 -36.15
C HIS B 38 -92.24 -22.14 -35.88
N SER B 39 -93.44 -21.58 -35.71
CA SER B 39 -93.59 -20.15 -35.43
C SER B 39 -94.89 -19.94 -34.66
N ILE B 40 -94.85 -19.01 -33.72
CA ILE B 40 -96.03 -18.63 -32.96
C ILE B 40 -96.61 -17.37 -33.58
N ARG B 41 -97.86 -17.46 -34.01
CA ARG B 41 -98.56 -16.37 -34.67
C ARG B 41 -99.73 -15.93 -33.80
N VAL B 42 -99.71 -14.68 -33.36
CA VAL B 42 -100.82 -14.03 -32.70
C VAL B 42 -101.12 -12.74 -33.43
N ASP B 43 -102.40 -12.51 -33.72
CA ASP B 43 -102.83 -11.41 -34.56
C ASP B 43 -103.12 -10.17 -33.71
N GLY B 44 -102.87 -9.00 -34.30
CA GLY B 44 -103.13 -7.76 -33.61
C GLY B 44 -103.01 -6.59 -34.56
N ASP B 45 -103.32 -5.40 -34.03
CA ASP B 45 -103.20 -4.19 -34.82
C ASP B 45 -101.74 -3.89 -35.18
N ILE B 46 -100.84 -4.06 -34.22
CA ILE B 46 -99.41 -3.88 -34.44
C ILE B 46 -98.72 -5.17 -34.04
N ILE B 47 -97.82 -5.66 -34.88
CA ILE B 47 -97.16 -6.95 -34.70
C ILE B 47 -95.71 -6.71 -34.33
N LEU B 48 -95.24 -7.39 -33.29
CA LEU B 48 -93.86 -7.33 -32.85
C LEU B 48 -93.19 -8.68 -33.09
N GLY B 49 -91.95 -8.64 -33.55
CA GLY B 49 -91.20 -9.85 -33.83
C GLY B 49 -90.22 -10.19 -32.73
N GLY B 50 -89.84 -11.46 -32.68
CA GLY B 50 -88.91 -11.92 -31.66
C GLY B 50 -88.12 -13.13 -32.13
N LEU B 51 -86.88 -13.22 -31.67
CA LEU B 51 -85.99 -14.33 -31.98
C LEU B 51 -85.45 -14.89 -30.68
N PHE B 52 -85.66 -16.19 -30.45
CA PHE B 52 -85.23 -16.77 -29.19
C PHE B 52 -84.50 -18.07 -29.41
N PRO B 53 -83.54 -18.40 -28.55
CA PRO B 53 -82.80 -19.68 -28.65
C PRO B 53 -83.51 -20.83 -27.93
N VAL B 54 -84.58 -21.32 -28.55
CA VAL B 54 -85.34 -22.42 -27.98
C VAL B 54 -84.52 -23.71 -28.03
N HIS B 55 -83.79 -23.93 -29.12
CA HIS B 55 -82.96 -25.11 -29.29
C HIS B 55 -81.49 -24.72 -29.35
N ALA B 56 -80.62 -25.65 -28.98
CA ALA B 56 -79.19 -25.43 -28.99
C ALA B 56 -78.60 -25.72 -30.36
N LYS B 57 -77.34 -25.33 -30.54
CA LYS B 57 -76.64 -25.57 -31.79
C LYS B 57 -76.41 -27.07 -32.00
N GLY B 58 -76.62 -27.52 -33.23
CA GLY B 58 -76.48 -28.92 -33.55
C GLY B 58 -75.05 -29.41 -33.48
N VAL B 62 -75.89 -30.57 -38.26
CA VAL B 62 -77.31 -30.55 -37.90
C VAL B 62 -77.71 -29.12 -37.52
N PRO B 63 -78.75 -28.61 -38.17
CA PRO B 63 -79.17 -27.22 -37.90
C PRO B 63 -79.56 -26.96 -36.46
N CYS B 64 -80.20 -27.91 -35.79
CA CYS B 64 -80.77 -27.65 -34.47
C CYS B 64 -80.51 -28.84 -33.56
N GLY B 65 -80.48 -28.59 -32.26
CA GLY B 65 -80.09 -29.59 -31.29
C GLY B 65 -81.10 -29.73 -30.17
N GLU B 66 -80.59 -29.97 -28.97
CA GLU B 66 -81.43 -30.23 -27.81
C GLU B 66 -82.14 -28.96 -27.35
N LEU B 67 -83.33 -29.16 -26.78
CA LEU B 67 -84.13 -28.03 -26.32
C LEU B 67 -83.51 -27.39 -25.09
N LYS B 68 -83.54 -26.07 -25.05
CA LYS B 68 -83.08 -25.29 -23.91
C LYS B 68 -84.29 -24.87 -23.09
N LYS B 69 -84.43 -25.45 -21.90
CA LYS B 69 -85.64 -25.25 -21.11
C LYS B 69 -85.70 -23.85 -20.51
N GLU B 70 -84.59 -23.37 -19.95
CA GLU B 70 -84.60 -22.07 -19.28
C GLU B 70 -84.24 -20.94 -20.22
N LYS B 71 -83.20 -21.10 -21.03
CA LYS B 71 -82.75 -20.03 -21.90
C LYS B 71 -83.74 -19.77 -23.03
N GLY B 72 -84.41 -20.80 -23.52
CA GLY B 72 -85.36 -20.63 -24.61
C GLY B 72 -86.80 -20.46 -24.22
N ILE B 73 -87.35 -21.40 -23.46
CA ILE B 73 -88.79 -21.41 -23.20
C ILE B 73 -89.19 -20.27 -22.28
N HIS B 74 -88.43 -20.07 -21.20
CA HIS B 74 -88.80 -19.06 -20.21
C HIS B 74 -88.84 -17.67 -20.84
N ARG B 75 -87.94 -17.40 -21.78
CA ARG B 75 -87.85 -16.06 -22.35
C ARG B 75 -89.01 -15.76 -23.29
N LEU B 76 -89.37 -16.70 -24.17
CA LEU B 76 -90.54 -16.46 -25.02
C LEU B 76 -91.82 -16.44 -24.19
N GLU B 77 -91.89 -17.25 -23.14
CA GLU B 77 -93.03 -17.17 -22.24
C GLU B 77 -93.10 -15.80 -21.56
N ALA B 78 -91.96 -15.23 -21.22
CA ALA B 78 -91.93 -13.89 -20.64
C ALA B 78 -92.43 -12.85 -21.63
N MET B 79 -92.02 -12.97 -22.89
CA MET B 79 -92.51 -12.04 -23.91
C MET B 79 -94.01 -12.14 -24.08
N LEU B 80 -94.55 -13.37 -24.09
CA LEU B 80 -96.00 -13.55 -24.21
C LEU B 80 -96.72 -13.00 -22.97
N TYR B 81 -96.14 -13.20 -21.79
CA TYR B 81 -96.73 -12.66 -20.57
C TYR B 81 -96.80 -11.14 -20.62
N ALA B 82 -95.72 -10.50 -21.07
CA ALA B 82 -95.72 -9.05 -21.19
C ALA B 82 -96.76 -8.57 -22.20
N ILE B 83 -96.86 -9.25 -23.34
CA ILE B 83 -97.84 -8.86 -24.35
C ILE B 83 -99.25 -8.95 -23.79
N ASP B 84 -99.55 -10.06 -23.12
CA ASP B 84 -100.88 -10.23 -22.54
C ASP B 84 -101.16 -9.17 -21.49
N GLN B 85 -100.16 -8.83 -20.67
CA GLN B 85 -100.37 -7.81 -19.65
C GLN B 85 -100.64 -6.44 -20.26
N ILE B 86 -99.89 -6.08 -21.30
CA ILE B 86 -100.14 -4.79 -21.95
C ILE B 86 -101.51 -4.78 -22.62
N ASN B 87 -101.95 -5.91 -23.16
CA ASN B 87 -103.22 -5.94 -23.87
C ASN B 87 -104.42 -5.74 -22.94
N LYS B 88 -104.27 -6.00 -21.64
CA LYS B 88 -105.33 -5.77 -20.68
C LYS B 88 -105.07 -4.57 -19.78
N ASP B 89 -104.09 -3.73 -20.12
CA ASP B 89 -103.78 -2.55 -19.33
C ASP B 89 -104.47 -1.37 -20.00
N PRO B 90 -105.46 -0.73 -19.36
CA PRO B 90 -106.17 0.37 -20.03
C PRO B 90 -105.29 1.56 -20.36
N ASP B 91 -104.28 1.85 -19.53
CA ASP B 91 -103.50 3.07 -19.73
C ASP B 91 -102.58 2.96 -20.94
N LEU B 92 -101.90 1.83 -21.09
CA LEU B 92 -100.89 1.67 -22.12
C LEU B 92 -101.53 1.12 -23.38
N LEU B 93 -101.47 1.90 -24.46
CA LEU B 93 -102.01 1.53 -25.76
C LEU B 93 -103.49 1.13 -25.65
N SER B 94 -104.30 2.11 -25.28
CA SER B 94 -105.73 1.88 -25.11
C SER B 94 -106.39 1.57 -26.45
N ASN B 95 -107.21 0.52 -26.46
CA ASN B 95 -107.98 0.10 -27.63
C ASN B 95 -107.09 -0.28 -28.82
N ILE B 96 -105.85 -0.68 -28.57
CA ILE B 96 -104.96 -1.21 -29.58
C ILE B 96 -104.42 -2.54 -29.08
N THR B 97 -104.54 -3.58 -29.91
CA THR B 97 -104.06 -4.91 -29.56
C THR B 97 -102.73 -5.18 -30.25
N LEU B 98 -101.82 -5.82 -29.52
CA LEU B 98 -100.49 -6.16 -30.02
C LEU B 98 -100.40 -7.66 -30.26
N GLY B 99 -99.80 -8.04 -31.39
CA GLY B 99 -99.56 -9.43 -31.72
C GLY B 99 -98.06 -9.70 -31.81
N VAL B 100 -97.73 -10.98 -31.97
CA VAL B 100 -96.34 -11.41 -31.96
C VAL B 100 -96.04 -12.30 -33.15
N ARG B 101 -94.74 -12.40 -33.45
CA ARG B 101 -94.18 -13.35 -34.42
C ARG B 101 -92.86 -13.83 -33.85
N ILE B 102 -92.86 -15.01 -33.24
CA ILE B 102 -91.73 -15.52 -32.48
C ILE B 102 -91.07 -16.65 -33.28
N LEU B 103 -89.76 -16.58 -33.42
CA LEU B 103 -89.01 -17.58 -34.18
C LEU B 103 -87.82 -18.08 -33.38
N ASP B 104 -87.21 -19.15 -33.89
CA ASP B 104 -86.10 -19.85 -33.24
C ASP B 104 -84.82 -19.58 -34.01
N THR B 105 -83.72 -19.42 -33.27
CA THR B 105 -82.41 -19.21 -33.88
C THR B 105 -81.56 -20.47 -33.93
N CYS B 106 -81.80 -21.43 -33.03
CA CYS B 106 -80.97 -22.63 -32.89
C CYS B 106 -79.50 -22.28 -32.72
N SER B 107 -79.24 -21.18 -32.01
CA SER B 107 -77.91 -20.75 -31.62
C SER B 107 -76.95 -20.58 -32.80
N ARG B 108 -77.47 -20.44 -34.01
CA ARG B 108 -76.66 -20.16 -35.19
C ARG B 108 -77.12 -18.86 -35.82
N ASP B 109 -76.18 -18.11 -36.38
CA ASP B 109 -76.50 -16.84 -37.00
C ASP B 109 -77.14 -17.00 -38.39
N THR B 110 -76.86 -18.10 -39.09
CA THR B 110 -77.42 -18.31 -40.42
C THR B 110 -78.90 -18.71 -40.34
N TYR B 111 -79.25 -19.54 -39.36
CA TYR B 111 -80.66 -19.84 -39.12
C TYR B 111 -81.44 -18.55 -38.83
N ALA B 112 -80.84 -17.67 -38.02
CA ALA B 112 -81.46 -16.37 -37.77
C ALA B 112 -81.50 -15.51 -39.03
N LEU B 113 -80.53 -15.69 -39.93
CA LEU B 113 -80.59 -15.00 -41.22
C LEU B 113 -81.85 -15.39 -41.98
N GLU B 114 -82.13 -16.69 -42.05
CA GLU B 114 -83.37 -17.13 -42.70
C GLU B 114 -84.61 -16.59 -42.00
N GLN B 115 -84.62 -16.62 -40.66
CA GLN B 115 -85.79 -16.11 -39.94
C GLN B 115 -86.01 -14.62 -40.19
N SER B 116 -84.93 -13.85 -40.21
CA SER B 116 -85.06 -12.42 -40.52
C SER B 116 -85.56 -12.22 -41.94
N LEU B 117 -85.12 -13.06 -42.88
CA LEU B 117 -85.67 -13.01 -44.22
C LEU B 117 -87.17 -13.24 -44.21
N THR B 118 -87.61 -14.13 -43.32
CA THR B 118 -89.07 -14.36 -43.16
C THR B 118 -89.71 -13.04 -42.73
N PHE B 119 -89.11 -12.37 -41.73
CA PHE B 119 -89.64 -11.06 -41.31
C PHE B 119 -89.76 -10.09 -42.48
N VAL B 120 -88.72 -9.97 -43.30
CA VAL B 120 -88.66 -8.90 -44.29
C VAL B 120 -89.13 -9.38 -45.66
N GLN B 121 -89.86 -10.49 -45.72
CA GLN B 121 -90.35 -10.99 -47.00
C GLN B 121 -91.44 -10.10 -47.58
N ALA B 122 -92.31 -9.56 -46.72
CA ALA B 122 -93.43 -8.76 -47.19
C ALA B 122 -92.95 -7.47 -47.85
N LEU B 123 -91.97 -6.81 -47.28
CA LEU B 123 -91.47 -5.55 -47.81
C LEU B 123 -90.60 -5.76 -49.04
N LYS B 146 -97.16 -6.88 -41.33
CA LYS B 146 -96.04 -5.95 -41.37
C LYS B 146 -95.38 -5.80 -40.00
N ILE B 147 -94.11 -6.17 -39.93
CA ILE B 147 -93.36 -6.10 -38.67
C ILE B 147 -92.88 -4.68 -38.46
N SER B 148 -93.13 -4.15 -37.25
CA SER B 148 -92.72 -2.80 -36.89
C SER B 148 -91.54 -2.75 -35.93
N GLY B 149 -91.24 -3.83 -35.25
CA GLY B 149 -90.11 -3.87 -34.34
C GLY B 149 -89.77 -5.30 -33.93
N VAL B 150 -88.52 -5.54 -33.58
CA VAL B 150 -88.04 -6.88 -33.27
C VAL B 150 -87.40 -6.88 -31.89
N ILE B 151 -87.82 -7.81 -31.04
CA ILE B 151 -87.12 -8.04 -29.78
C ILE B 151 -85.94 -8.96 -30.07
N GLY B 152 -84.73 -8.44 -29.84
CA GLY B 152 -83.54 -8.94 -30.47
C GLY B 152 -83.16 -10.35 -30.05
N ALA B 153 -81.96 -10.74 -30.47
CA ALA B 153 -81.45 -12.07 -30.19
C ALA B 153 -80.66 -12.05 -28.88
N ALA B 154 -80.04 -13.19 -28.55
CA ALA B 154 -79.28 -13.32 -27.30
C ALA B 154 -77.78 -13.17 -27.54
N ALA B 155 -77.21 -14.01 -28.40
CA ALA B 155 -75.79 -13.93 -28.70
C ALA B 155 -75.50 -12.71 -29.57
N SER B 156 -74.30 -12.17 -29.42
CA SER B 156 -73.93 -10.96 -30.15
C SER B 156 -73.81 -11.22 -31.65
N SER B 157 -73.29 -12.38 -32.03
CA SER B 157 -73.14 -12.69 -33.45
C SER B 157 -74.50 -12.75 -34.14
N VAL B 158 -75.49 -13.37 -33.49
CA VAL B 158 -76.83 -13.45 -34.05
C VAL B 158 -77.41 -12.04 -34.22
N SER B 159 -77.21 -11.18 -33.23
CA SER B 159 -77.72 -9.82 -33.31
C SER B 159 -77.07 -9.06 -34.46
N ILE B 160 -75.76 -9.24 -34.65
CA ILE B 160 -75.06 -8.55 -35.75
C ILE B 160 -75.62 -9.02 -37.10
N MET B 161 -75.78 -10.33 -37.25
CA MET B 161 -76.28 -10.88 -38.51
C MET B 161 -77.68 -10.37 -38.82
N VAL B 162 -78.56 -10.31 -37.81
CA VAL B 162 -79.92 -9.84 -38.03
C VAL B 162 -79.94 -8.34 -38.29
N ALA B 163 -79.12 -7.58 -37.57
CA ALA B 163 -79.13 -6.13 -37.69
C ALA B 163 -78.68 -5.67 -39.07
N ASN B 164 -77.78 -6.42 -39.71
CA ASN B 164 -77.34 -6.02 -41.04
C ASN B 164 -78.49 -5.95 -42.05
N ILE B 165 -79.55 -6.73 -41.85
CA ILE B 165 -80.72 -6.71 -42.73
C ILE B 165 -81.79 -5.76 -42.21
N LEU B 166 -82.02 -5.75 -40.90
CA LEU B 166 -83.02 -4.84 -40.34
C LEU B 166 -82.63 -3.39 -40.58
N ARG B 167 -81.34 -3.10 -40.71
CA ARG B 167 -80.91 -1.76 -41.13
C ARG B 167 -81.40 -1.44 -42.55
N LEU B 168 -81.27 -2.41 -43.47
CA LEU B 168 -81.70 -2.16 -44.84
C LEU B 168 -83.19 -1.92 -44.93
N PHE B 169 -83.98 -2.67 -44.17
CA PHE B 169 -85.42 -2.52 -44.27
C PHE B 169 -85.99 -1.57 -43.21
N LYS B 170 -85.14 -0.93 -42.41
CA LYS B 170 -85.55 0.12 -41.47
C LYS B 170 -86.56 -0.39 -40.45
N ILE B 171 -86.15 -1.36 -39.65
CA ILE B 171 -86.97 -1.93 -38.60
C ILE B 171 -86.20 -1.81 -37.28
N PRO B 172 -86.76 -1.19 -36.25
CA PRO B 172 -86.04 -1.07 -34.98
C PRO B 172 -85.82 -2.43 -34.34
N GLN B 173 -84.72 -2.53 -33.59
CA GLN B 173 -84.36 -3.76 -32.89
C GLN B 173 -83.96 -3.42 -31.46
N ILE B 174 -84.49 -4.16 -30.50
CA ILE B 174 -84.11 -4.04 -29.10
C ILE B 174 -83.68 -5.43 -28.62
N SER B 175 -82.47 -5.52 -28.09
CA SER B 175 -81.91 -6.78 -27.60
C SER B 175 -81.93 -6.81 -26.07
N TYR B 176 -81.92 -8.03 -25.54
CA TYR B 176 -81.99 -8.26 -24.10
C TYR B 176 -80.74 -8.90 -23.51
N ALA B 177 -79.82 -9.39 -24.34
CA ALA B 177 -78.63 -10.06 -23.82
C ALA B 177 -77.33 -9.76 -24.55
N SER B 178 -77.34 -8.99 -25.65
CA SER B 178 -76.15 -8.80 -26.47
C SER B 178 -75.35 -7.61 -25.97
N THR B 179 -74.04 -7.82 -25.80
CA THR B 179 -73.18 -6.84 -25.14
C THR B 179 -71.90 -6.54 -25.91
N ALA B 180 -71.84 -6.87 -27.19
CA ALA B 180 -70.64 -6.60 -27.97
C ALA B 180 -70.45 -5.10 -28.15
N PRO B 181 -69.27 -4.56 -27.88
CA PRO B 181 -69.09 -3.10 -27.96
C PRO B 181 -69.24 -2.53 -29.37
N GLU B 182 -69.16 -3.36 -30.41
CA GLU B 182 -69.22 -2.86 -31.78
C GLU B 182 -70.64 -2.55 -32.22
N LEU B 183 -71.65 -2.81 -31.39
CA LEU B 183 -73.03 -2.49 -31.72
C LEU B 183 -73.44 -1.10 -31.22
N SER B 184 -72.49 -0.34 -30.69
CA SER B 184 -72.73 1.04 -30.27
C SER B 184 -72.37 2.04 -31.35
N ASP B 185 -71.98 1.59 -32.54
CA ASP B 185 -71.59 2.46 -33.64
C ASP B 185 -72.83 2.84 -34.43
N ASN B 186 -73.16 4.13 -34.41
CA ASN B 186 -74.37 4.60 -35.10
C ASN B 186 -74.21 4.57 -36.60
N THR B 187 -72.98 4.68 -37.10
CA THR B 187 -72.76 4.68 -38.55
C THR B 187 -73.11 3.34 -39.17
N ARG B 188 -72.75 2.25 -38.51
CA ARG B 188 -72.94 0.91 -39.05
C ARG B 188 -74.16 0.19 -38.51
N TYR B 189 -74.44 0.32 -37.22
CA TYR B 189 -75.62 -0.28 -36.59
C TYR B 189 -76.44 0.87 -36.00
N ASP B 190 -77.36 1.39 -36.80
CA ASP B 190 -78.12 2.58 -36.42
C ASP B 190 -79.51 2.29 -35.86
N PHE B 191 -80.12 1.15 -36.19
CA PHE B 191 -81.42 0.79 -35.67
C PHE B 191 -81.34 -0.20 -34.49
N PHE B 192 -80.18 -0.31 -33.86
CA PHE B 192 -79.96 -1.27 -32.78
C PHE B 192 -79.98 -0.57 -31.43
N SER B 193 -80.73 -1.14 -30.49
CA SER B 193 -80.73 -0.67 -29.11
C SER B 193 -80.71 -1.89 -28.21
N ARG B 194 -80.22 -1.70 -26.98
CA ARG B 194 -80.13 -2.79 -26.03
C ARG B 194 -80.45 -2.30 -24.63
N VAL B 195 -81.06 -3.17 -23.84
CA VAL B 195 -81.39 -2.88 -22.46
C VAL B 195 -80.34 -3.46 -21.50
N VAL B 196 -79.16 -3.78 -22.00
CA VAL B 196 -78.04 -4.23 -21.19
C VAL B 196 -76.83 -3.38 -21.55
N PRO B 197 -75.87 -3.19 -20.64
CA PRO B 197 -74.74 -2.32 -20.96
C PRO B 197 -73.75 -3.00 -21.87
N PRO B 198 -72.97 -2.23 -22.64
CA PRO B 198 -71.89 -2.83 -23.43
C PRO B 198 -70.71 -3.25 -22.56
N ASP B 199 -69.84 -4.06 -23.16
CA ASP B 199 -68.71 -4.63 -22.42
C ASP B 199 -67.61 -3.63 -22.12
N SER B 200 -67.68 -2.41 -22.65
CA SER B 200 -66.71 -1.40 -22.25
C SER B 200 -66.79 -1.12 -20.76
N TYR B 201 -68.02 -1.00 -20.25
CA TYR B 201 -68.22 -0.78 -18.82
C TYR B 201 -67.73 -1.97 -18.00
N GLN B 202 -67.98 -3.18 -18.49
CA GLN B 202 -67.52 -4.37 -17.77
C GLN B 202 -66.00 -4.45 -17.71
N ALA B 203 -65.32 -4.14 -18.83
CA ALA B 203 -63.87 -4.11 -18.83
C ALA B 203 -63.33 -3.05 -17.88
N GLN B 204 -63.98 -1.87 -17.85
CA GLN B 204 -63.56 -0.84 -16.91
C GLN B 204 -63.73 -1.30 -15.47
N ALA B 205 -64.84 -1.97 -15.16
CA ALA B 205 -65.06 -2.49 -13.83
C ALA B 205 -64.02 -3.54 -13.46
N MET B 206 -63.64 -4.39 -14.42
CA MET B 206 -62.60 -5.38 -14.18
C MET B 206 -61.27 -4.71 -13.86
N VAL B 207 -60.91 -3.67 -14.61
CA VAL B 207 -59.68 -2.93 -14.33
C VAL B 207 -59.74 -2.33 -12.93
N ASP B 208 -60.87 -1.75 -12.57
CA ASP B 208 -61.02 -1.18 -11.23
C ASP B 208 -60.85 -2.23 -10.15
N ILE B 209 -61.45 -3.41 -10.33
CA ILE B 209 -61.33 -4.47 -9.34
C ILE B 209 -59.89 -4.93 -9.20
N VAL B 210 -59.21 -5.14 -10.33
CA VAL B 210 -57.82 -5.62 -10.30
C VAL B 210 -56.93 -4.59 -9.62
N THR B 211 -57.09 -3.31 -9.96
CA THR B 211 -56.26 -2.28 -9.34
C THR B 211 -56.57 -2.15 -7.85
N ALA B 212 -57.84 -2.29 -7.46
CA ALA B 212 -58.18 -2.17 -6.05
C ALA B 212 -57.63 -3.33 -5.23
N LEU B 213 -57.64 -4.54 -5.78
CA LEU B 213 -57.12 -5.69 -5.06
C LEU B 213 -55.61 -5.56 -4.82
N GLY B 214 -54.91 -4.83 -5.67
CA GLY B 214 -53.47 -4.66 -5.52
C GLY B 214 -52.65 -5.40 -6.57
N TRP B 215 -53.26 -5.92 -7.62
CA TRP B 215 -52.55 -6.72 -8.60
C TRP B 215 -52.08 -5.88 -9.77
N ASN B 216 -50.98 -6.30 -10.40
CA ASN B 216 -50.48 -5.60 -11.57
C ASN B 216 -49.97 -6.48 -12.71
N TYR B 217 -49.99 -7.80 -12.56
CA TYR B 217 -49.48 -8.72 -13.59
C TYR B 217 -50.55 -9.78 -13.83
N VAL B 218 -51.22 -9.70 -14.97
CA VAL B 218 -52.39 -10.53 -15.26
C VAL B 218 -52.23 -11.17 -16.63
N SER B 219 -53.01 -12.23 -16.85
CA SER B 219 -53.11 -12.86 -18.16
C SER B 219 -54.58 -12.98 -18.54
N THR B 220 -54.84 -13.07 -19.84
CA THR B 220 -56.19 -13.03 -20.38
C THR B 220 -56.53 -14.32 -21.12
N LEU B 221 -57.77 -14.75 -20.96
CA LEU B 221 -58.31 -15.95 -21.60
C LEU B 221 -59.59 -15.57 -22.35
N ALA B 222 -59.66 -15.90 -23.63
CA ALA B 222 -60.77 -15.48 -24.47
C ALA B 222 -61.26 -16.62 -25.32
N SER B 223 -62.58 -16.73 -25.45
CA SER B 223 -63.19 -17.67 -26.39
C SER B 223 -63.28 -17.03 -27.76
N GLU B 224 -63.06 -17.84 -28.79
CA GLU B 224 -63.10 -17.33 -30.16
C GLU B 224 -64.48 -16.82 -30.51
N GLY B 225 -64.54 -15.65 -31.13
CA GLY B 225 -65.81 -15.03 -31.46
C GLY B 225 -65.81 -13.54 -31.20
N ASN B 226 -66.95 -12.89 -31.41
CA ASN B 226 -67.04 -11.44 -31.22
C ASN B 226 -67.00 -11.08 -29.74
N TYR B 227 -67.76 -11.79 -28.91
CA TYR B 227 -67.93 -11.42 -27.51
C TYR B 227 -66.60 -11.46 -26.76
N GLY B 228 -65.96 -12.63 -26.72
CA GLY B 228 -64.76 -12.78 -25.92
C GLY B 228 -63.61 -11.92 -26.41
N GLU B 229 -63.36 -11.93 -27.72
CA GLU B 229 -62.26 -11.14 -28.27
C GLU B 229 -62.50 -9.65 -28.08
N SER B 230 -63.73 -9.19 -28.29
CA SER B 230 -64.04 -7.78 -28.08
C SER B 230 -63.84 -7.37 -26.63
N GLY B 231 -64.28 -8.20 -25.69
CA GLY B 231 -64.09 -7.89 -24.29
C GLY B 231 -62.63 -7.82 -23.89
N VAL B 232 -61.83 -8.79 -24.36
CA VAL B 232 -60.41 -8.80 -24.02
C VAL B 232 -59.70 -7.60 -24.65
N GLU B 233 -60.09 -7.23 -25.88
CA GLU B 233 -59.50 -6.06 -26.50
C GLU B 233 -59.83 -4.79 -25.72
N ALA B 234 -61.07 -4.65 -25.27
CA ALA B 234 -61.43 -3.48 -24.48
C ALA B 234 -60.63 -3.43 -23.18
N PHE B 235 -60.49 -4.57 -22.50
CA PHE B 235 -59.71 -4.61 -21.28
C PHE B 235 -58.26 -4.21 -21.54
N THR B 236 -57.67 -4.74 -22.61
CA THR B 236 -56.28 -4.43 -22.92
C THR B 236 -56.09 -2.94 -23.23
N GLN B 237 -57.00 -2.35 -24.00
CA GLN B 237 -56.90 -0.94 -24.32
C GLN B 237 -57.01 -0.08 -23.06
N ILE B 238 -57.97 -0.39 -22.20
CA ILE B 238 -58.13 0.40 -20.97
C ILE B 238 -56.90 0.27 -20.09
N SER B 239 -56.36 -0.94 -19.96
CA SER B 239 -55.18 -1.13 -19.13
C SER B 239 -53.98 -0.37 -19.69
N ARG B 240 -53.79 -0.40 -21.01
CA ARG B 240 -52.69 0.32 -21.62
C ARG B 240 -52.83 1.82 -21.43
N GLU B 241 -54.05 2.35 -21.59
CA GLU B 241 -54.23 3.79 -21.48
C GLU B 241 -54.07 4.27 -20.04
N ILE B 242 -54.70 3.58 -19.09
CA ILE B 242 -54.64 4.02 -17.70
C ILE B 242 -53.25 3.79 -17.13
N GLY B 243 -52.64 2.64 -17.42
CA GLY B 243 -51.35 2.28 -16.87
C GLY B 243 -51.47 1.58 -15.54
N GLY B 244 -50.35 0.99 -15.13
CA GLY B 244 -50.26 0.30 -13.86
C GLY B 244 -50.60 -1.17 -13.89
N VAL B 245 -51.13 -1.68 -14.99
CA VAL B 245 -51.44 -3.10 -15.14
C VAL B 245 -50.75 -3.61 -16.39
N CYS B 246 -49.86 -4.59 -16.23
CA CYS B 246 -49.09 -5.14 -17.32
C CYS B 246 -49.61 -6.54 -17.64
N ILE B 247 -49.79 -6.82 -18.92
CA ILE B 247 -50.35 -8.09 -19.38
C ILE B 247 -49.20 -9.02 -19.71
N ALA B 248 -49.15 -10.16 -19.02
CA ALA B 248 -48.10 -11.14 -19.26
C ALA B 248 -48.25 -11.79 -20.64
N GLN B 249 -49.44 -12.27 -20.95
CA GLN B 249 -49.68 -13.01 -22.19
C GLN B 249 -51.18 -13.11 -22.40
N SER B 250 -51.55 -13.45 -23.63
CA SER B 250 -52.95 -13.56 -24.03
C SER B 250 -53.17 -14.88 -24.73
N GLN B 251 -54.37 -15.44 -24.57
CA GLN B 251 -54.71 -16.73 -25.15
C GLN B 251 -55.97 -16.61 -26.00
N LYS B 252 -56.34 -17.72 -26.63
CA LYS B 252 -57.56 -17.81 -27.43
C LYS B 252 -57.97 -19.26 -27.55
N ILE B 253 -59.19 -19.57 -27.10
CA ILE B 253 -59.71 -20.93 -27.13
C ILE B 253 -60.40 -21.15 -28.48
N PRO B 254 -59.99 -22.15 -29.26
CA PRO B 254 -60.64 -22.39 -30.56
C PRO B 254 -62.07 -22.87 -30.40
N ARG B 255 -62.85 -22.64 -31.45
CA ARG B 255 -64.27 -23.01 -31.43
C ARG B 255 -64.44 -24.53 -31.35
N GLU B 256 -63.60 -25.28 -32.06
CA GLU B 256 -63.70 -26.74 -32.12
C GLU B 256 -62.36 -27.32 -31.70
N PRO B 257 -62.08 -27.41 -30.40
CA PRO B 257 -60.78 -27.88 -29.95
C PRO B 257 -60.59 -29.37 -30.20
N ARG B 258 -59.33 -29.77 -30.30
CA ARG B 258 -58.96 -31.18 -30.36
C ARG B 258 -58.84 -31.70 -28.94
N PRO B 259 -58.54 -32.99 -28.76
CA PRO B 259 -58.26 -33.48 -27.40
C PRO B 259 -56.90 -33.00 -26.92
N GLY B 260 -56.90 -32.11 -25.91
CA GLY B 260 -55.70 -31.77 -25.20
C GLY B 260 -55.27 -30.31 -25.21
N GLU B 261 -55.97 -29.43 -25.95
CA GLU B 261 -55.56 -28.03 -25.94
C GLU B 261 -55.77 -27.34 -24.60
N PHE B 262 -56.61 -27.91 -23.72
CA PHE B 262 -56.82 -27.28 -22.42
C PHE B 262 -55.61 -27.46 -21.51
N GLU B 263 -55.03 -28.65 -21.50
CA GLU B 263 -53.78 -28.87 -20.78
C GLU B 263 -52.66 -27.99 -21.35
N LYS B 264 -52.64 -27.84 -22.68
CA LYS B 264 -51.65 -26.97 -23.31
C LYS B 264 -51.84 -25.52 -22.88
N ILE B 265 -53.09 -25.08 -22.78
CA ILE B 265 -53.36 -23.72 -22.33
C ILE B 265 -52.92 -23.53 -20.88
N ILE B 266 -53.18 -24.52 -20.03
CA ILE B 266 -52.76 -24.42 -18.64
C ILE B 266 -51.24 -24.35 -18.54
N LYS B 267 -50.54 -25.17 -19.32
CA LYS B 267 -49.08 -25.11 -19.32
C LYS B 267 -48.58 -23.75 -19.82
N ARG B 268 -49.27 -23.18 -20.81
CA ARG B 268 -48.81 -21.88 -21.37
C ARG B 268 -49.03 -20.81 -20.30
N LEU B 269 -50.10 -20.92 -19.51
CA LEU B 269 -50.27 -20.00 -18.38
C LEU B 269 -49.16 -20.20 -17.35
N LEU B 270 -48.80 -21.45 -17.08
CA LEU B 270 -47.76 -21.76 -16.11
C LEU B 270 -46.36 -21.37 -16.58
N GLU B 271 -46.19 -21.03 -17.86
CA GLU B 271 -44.89 -20.55 -18.32
C GLU B 271 -44.44 -19.31 -17.55
N THR B 272 -45.37 -18.39 -17.28
CA THR B 272 -45.11 -17.19 -16.48
C THR B 272 -45.77 -17.36 -15.12
N PRO B 273 -45.07 -17.97 -14.15
CA PRO B 273 -45.76 -18.33 -12.90
C PRO B 273 -46.20 -17.15 -12.06
N ASN B 274 -45.54 -16.01 -12.18
CA ASN B 274 -45.88 -14.86 -11.35
C ASN B 274 -47.26 -14.30 -11.68
N ALA B 275 -47.78 -14.57 -12.87
CA ALA B 275 -49.11 -14.09 -13.29
C ALA B 275 -50.14 -15.10 -12.83
N ARG B 276 -50.64 -14.90 -11.60
CA ARG B 276 -51.63 -15.80 -11.03
C ARG B 276 -53.07 -15.35 -11.27
N ALA B 277 -53.28 -14.18 -11.85
CA ALA B 277 -54.63 -13.68 -12.10
C ALA B 277 -54.98 -13.83 -13.57
N VAL B 278 -56.13 -14.43 -13.84
CA VAL B 278 -56.60 -14.67 -15.20
C VAL B 278 -57.96 -14.01 -15.38
N ILE B 279 -58.06 -13.17 -16.40
CA ILE B 279 -59.28 -12.46 -16.76
C ILE B 279 -59.94 -13.27 -17.88
N MET B 280 -61.15 -13.76 -17.64
CA MET B 280 -61.79 -14.69 -18.56
C MET B 280 -62.99 -14.06 -19.27
N PHE B 281 -63.07 -14.29 -20.58
CA PHE B 281 -64.24 -13.98 -21.40
C PHE B 281 -64.54 -15.25 -22.20
N ALA B 282 -65.30 -16.18 -21.62
CA ALA B 282 -65.42 -17.50 -22.21
C ALA B 282 -66.79 -18.10 -21.92
N ASN B 283 -67.13 -19.11 -22.72
CA ASN B 283 -68.40 -19.82 -22.57
C ASN B 283 -68.34 -20.75 -21.36
N GLU B 284 -69.51 -21.25 -20.96
CA GLU B 284 -69.60 -22.05 -19.75
C GLU B 284 -68.92 -23.40 -19.90
N ASP B 285 -69.10 -24.05 -21.06
CA ASP B 285 -68.42 -25.32 -21.29
C ASP B 285 -66.91 -25.14 -21.31
N ASP B 286 -66.44 -24.06 -21.95
CA ASP B 286 -65.02 -23.77 -21.95
C ASP B 286 -64.51 -23.51 -20.54
N ILE B 287 -65.30 -22.83 -19.72
CA ILE B 287 -64.93 -22.60 -18.32
C ILE B 287 -64.76 -23.91 -17.60
N ARG B 288 -65.74 -24.82 -17.75
CA ARG B 288 -65.68 -26.09 -17.05
C ARG B 288 -64.47 -26.91 -17.50
N ARG B 289 -64.20 -26.93 -18.80
CA ARG B 289 -63.06 -27.70 -19.29
C ARG B 289 -61.73 -27.08 -18.85
N ILE B 290 -61.64 -25.76 -18.78
CA ILE B 290 -60.43 -25.12 -18.28
C ILE B 290 -60.21 -25.49 -16.82
N LEU B 291 -61.27 -25.45 -16.01
CA LEU B 291 -61.14 -25.82 -14.60
C LEU B 291 -60.74 -27.28 -14.47
N GLU B 292 -61.30 -28.15 -15.31
CA GLU B 292 -60.93 -29.57 -15.27
C GLU B 292 -59.47 -29.78 -15.61
N ALA B 293 -58.99 -29.11 -16.66
CA ALA B 293 -57.58 -29.24 -17.03
C ALA B 293 -56.68 -28.73 -15.91
N ALA B 294 -57.08 -27.64 -15.25
CA ALA B 294 -56.29 -27.14 -14.14
C ALA B 294 -56.27 -28.14 -12.98
N LYS B 295 -57.41 -28.79 -12.73
CA LYS B 295 -57.47 -29.77 -11.64
C LYS B 295 -56.65 -31.01 -11.95
N LYS B 296 -56.55 -31.40 -13.23
CA LYS B 296 -55.79 -32.59 -13.59
C LYS B 296 -54.32 -32.44 -13.24
N LEU B 297 -53.74 -31.25 -13.47
CA LEU B 297 -52.31 -31.04 -13.28
C LEU B 297 -51.95 -30.59 -11.87
N ASN B 298 -52.87 -30.74 -10.91
CA ASN B 298 -52.62 -30.41 -9.51
C ASN B 298 -52.21 -28.94 -9.36
N GLN B 299 -53.16 -28.07 -9.70
CA GLN B 299 -52.94 -26.62 -9.70
C GLN B 299 -53.95 -25.91 -8.83
N SER B 300 -54.31 -26.51 -7.69
CA SER B 300 -55.28 -25.89 -6.80
C SER B 300 -54.63 -24.77 -6.01
N GLY B 301 -55.29 -23.62 -5.95
CA GLY B 301 -54.79 -22.47 -5.23
C GLY B 301 -53.81 -21.61 -5.99
N HIS B 302 -53.49 -21.96 -7.24
CA HIS B 302 -52.53 -21.16 -7.99
C HIS B 302 -53.18 -20.02 -8.74
N PHE B 303 -54.33 -20.27 -9.36
CA PHE B 303 -54.97 -19.30 -10.24
C PHE B 303 -56.03 -18.51 -9.49
N LEU B 304 -56.09 -17.21 -9.77
CA LEU B 304 -57.15 -16.34 -9.28
C LEU B 304 -57.98 -15.88 -10.47
N TRP B 305 -59.26 -16.27 -10.47
CA TRP B 305 -60.13 -16.07 -11.62
C TRP B 305 -60.90 -14.77 -11.49
N ILE B 306 -60.97 -14.00 -12.57
CA ILE B 306 -61.90 -12.89 -12.70
C ILE B 306 -62.77 -13.18 -13.91
N GLY B 307 -64.03 -13.57 -13.66
CA GLY B 307 -64.94 -13.97 -14.71
C GLY B 307 -65.93 -12.89 -15.10
N SER B 308 -66.47 -13.04 -16.30
CA SER B 308 -67.46 -12.12 -16.86
C SER B 308 -68.87 -12.67 -16.65
N ASP B 309 -69.84 -12.05 -17.31
CA ASP B 309 -71.24 -12.44 -17.14
C ASP B 309 -71.56 -13.81 -17.73
N SER B 310 -70.70 -14.35 -18.59
CA SER B 310 -70.90 -15.71 -19.08
C SER B 310 -70.64 -16.75 -18.00
N TRP B 311 -69.92 -16.37 -16.94
CA TRP B 311 -69.80 -17.21 -15.75
C TRP B 311 -70.87 -16.82 -14.74
N GLY B 312 -70.84 -15.59 -14.27
CA GLY B 312 -71.87 -15.08 -13.39
C GLY B 312 -72.01 -15.93 -12.14
N SER B 313 -73.26 -16.28 -11.82
CA SER B 313 -73.58 -17.12 -10.68
C SER B 313 -73.99 -18.53 -11.11
N LYS B 314 -73.38 -19.04 -12.17
CA LYS B 314 -73.75 -20.34 -12.72
C LYS B 314 -73.18 -21.46 -11.84
N ILE B 315 -74.04 -22.42 -11.49
CA ILE B 315 -73.61 -23.53 -10.65
C ILE B 315 -72.97 -24.63 -11.49
N ALA B 316 -73.35 -24.74 -12.76
CA ALA B 316 -72.90 -25.86 -13.59
C ALA B 316 -71.40 -25.95 -13.74
N PRO B 317 -70.65 -24.87 -14.07
CA PRO B 317 -69.20 -25.02 -14.25
C PRO B 317 -68.44 -25.39 -12.99
N VAL B 318 -69.02 -25.24 -11.80
CA VAL B 318 -68.30 -25.44 -10.55
C VAL B 318 -68.81 -26.66 -9.79
N TYR B 319 -69.30 -27.67 -10.51
CA TYR B 319 -69.92 -28.84 -9.88
C TYR B 319 -68.92 -30.00 -9.89
N GLN B 320 -68.68 -30.58 -8.70
CA GLN B 320 -67.57 -31.49 -8.39
C GLN B 320 -66.20 -30.83 -8.52
N GLN B 321 -66.16 -29.53 -8.80
CA GLN B 321 -64.90 -28.80 -8.90
C GLN B 321 -64.92 -27.57 -8.01
N GLU B 322 -65.53 -27.69 -6.84
CA GLU B 322 -65.69 -26.54 -5.95
C GLU B 322 -64.35 -26.07 -5.39
N GLU B 323 -63.33 -26.91 -5.42
CA GLU B 323 -62.04 -26.58 -4.83
C GLU B 323 -61.04 -25.98 -5.81
N ILE B 324 -61.38 -25.91 -7.09
CA ILE B 324 -60.50 -25.22 -8.04
C ILE B 324 -61.01 -23.81 -8.33
N ALA B 325 -62.33 -23.63 -8.38
CA ALA B 325 -62.94 -22.34 -8.68
C ALA B 325 -63.25 -21.54 -7.42
N GLU B 326 -62.67 -21.91 -6.29
CA GLU B 326 -62.94 -21.22 -5.05
C GLU B 326 -62.25 -19.88 -5.00
N GLY B 327 -62.98 -18.83 -4.62
CA GLY B 327 -62.45 -17.50 -4.55
C GLY B 327 -62.55 -16.69 -5.83
N ALA B 328 -63.20 -17.22 -6.85
CA ALA B 328 -63.35 -16.48 -8.11
C ALA B 328 -64.27 -15.29 -7.94
N VAL B 329 -63.96 -14.21 -8.66
CA VAL B 329 -64.75 -12.98 -8.63
C VAL B 329 -65.42 -12.80 -9.98
N THR B 330 -66.74 -12.63 -9.97
CA THR B 330 -67.51 -12.51 -11.19
C THR B 330 -68.43 -11.28 -11.12
N ILE B 331 -68.93 -10.87 -12.28
CA ILE B 331 -69.72 -9.65 -12.42
C ILE B 331 -71.02 -9.98 -13.16
N LEU B 332 -72.13 -9.43 -12.68
CA LEU B 332 -73.41 -9.58 -13.36
C LEU B 332 -74.13 -8.24 -13.48
N PRO B 333 -74.89 -8.03 -14.54
CA PRO B 333 -75.82 -6.90 -14.58
C PRO B 333 -76.91 -7.06 -13.52
N LYS B 334 -77.33 -5.93 -12.96
CA LYS B 334 -78.28 -5.96 -11.86
C LYS B 334 -79.64 -6.46 -12.32
N ARG B 335 -80.25 -7.32 -11.50
CA ARG B 335 -81.50 -7.98 -11.87
C ARG B 335 -82.18 -8.49 -10.61
N ALA B 336 -83.50 -8.66 -10.72
CA ALA B 336 -84.31 -9.17 -9.62
C ALA B 336 -85.39 -10.09 -10.17
N SER B 337 -85.91 -10.96 -9.31
CA SER B 337 -86.95 -11.91 -9.69
C SER B 337 -88.31 -11.23 -9.78
N ILE B 338 -89.14 -11.75 -10.69
CA ILE B 338 -90.49 -11.24 -10.91
C ILE B 338 -91.48 -12.32 -10.50
N ASP B 339 -92.31 -12.01 -9.51
CA ASP B 339 -93.22 -13.01 -8.95
C ASP B 339 -94.44 -13.26 -9.84
N GLY B 340 -94.93 -12.23 -10.53
CA GLY B 340 -96.08 -12.41 -11.39
C GLY B 340 -95.82 -13.42 -12.49
N PHE B 341 -94.63 -13.38 -13.09
CA PHE B 341 -94.28 -14.37 -14.09
C PHE B 341 -94.20 -15.76 -13.48
N ASP B 342 -93.70 -15.88 -12.25
CA ASP B 342 -93.66 -17.18 -11.58
C ASP B 342 -95.06 -17.73 -11.41
N ARG B 343 -95.99 -16.89 -10.98
CA ARG B 343 -97.37 -17.33 -10.84
C ARG B 343 -97.96 -17.74 -12.19
N TYR B 344 -97.65 -16.98 -13.24
CA TYR B 344 -98.14 -17.30 -14.57
C TYR B 344 -97.62 -18.66 -15.02
N PHE B 345 -96.31 -18.90 -14.84
CA PHE B 345 -95.68 -20.09 -15.39
C PHE B 345 -95.99 -21.34 -14.58
N ARG B 346 -96.16 -21.21 -13.26
CA ARG B 346 -96.51 -22.35 -12.44
C ARG B 346 -97.97 -22.77 -12.58
N SER B 347 -98.79 -21.97 -13.26
CA SER B 347 -100.21 -22.25 -13.43
C SER B 347 -100.55 -22.48 -14.91
N ARG B 348 -99.70 -23.22 -15.61
CA ARG B 348 -99.88 -23.49 -17.03
C ARG B 348 -99.98 -25.00 -17.24
N THR B 349 -100.87 -25.40 -18.13
CA THR B 349 -101.08 -26.80 -18.46
C THR B 349 -100.86 -27.04 -19.96
N LEU B 350 -101.16 -28.26 -20.40
CA LEU B 350 -101.16 -28.56 -21.82
C LEU B 350 -102.41 -28.02 -22.52
N ALA B 351 -103.53 -27.94 -21.79
CA ALA B 351 -104.77 -27.49 -22.41
C ALA B 351 -104.75 -25.99 -22.69
N ASN B 352 -104.27 -25.20 -21.73
CA ASN B 352 -104.27 -23.75 -21.91
C ASN B 352 -103.14 -23.27 -22.82
N ASN B 353 -102.01 -23.97 -22.85
CA ASN B 353 -100.90 -23.61 -23.72
C ASN B 353 -100.96 -24.44 -25.01
N ARG B 354 -102.03 -24.21 -25.77
CA ARG B 354 -102.02 -24.60 -27.17
C ARG B 354 -101.37 -23.54 -28.04
N ARG B 355 -101.10 -22.37 -27.49
CA ARG B 355 -100.46 -21.29 -28.23
C ARG B 355 -98.98 -21.55 -28.43
N ASN B 356 -98.31 -22.07 -27.40
CA ASN B 356 -96.88 -22.34 -27.47
C ASN B 356 -96.66 -23.65 -28.22
N VAL B 357 -96.04 -23.56 -29.40
CA VAL B 357 -95.87 -24.73 -30.25
C VAL B 357 -94.86 -25.72 -29.66
N TRP B 358 -93.87 -25.22 -28.94
CA TRP B 358 -92.83 -26.07 -28.38
C TRP B 358 -93.12 -26.51 -26.96
N PHE B 359 -94.33 -26.27 -26.46
CA PHE B 359 -94.65 -26.59 -25.08
C PHE B 359 -94.63 -28.10 -24.82
N ALA B 360 -95.05 -28.89 -25.80
CA ALA B 360 -95.08 -30.34 -25.62
C ALA B 360 -93.69 -30.92 -25.42
N GLU B 361 -92.72 -30.45 -26.22
CA GLU B 361 -91.35 -30.93 -26.05
C GLU B 361 -90.79 -30.54 -24.69
N PHE B 362 -91.15 -29.34 -24.22
CA PHE B 362 -90.75 -28.92 -22.89
C PHE B 362 -91.35 -29.82 -21.82
N TRP B 363 -92.62 -30.20 -21.98
CA TRP B 363 -93.25 -31.13 -21.05
C TRP B 363 -92.51 -32.46 -21.04
N GLU B 364 -92.20 -32.98 -22.23
CA GLU B 364 -91.51 -34.27 -22.32
C GLU B 364 -90.15 -34.23 -21.64
N GLU B 365 -89.39 -33.16 -21.86
CA GLU B 365 -88.04 -33.11 -21.31
C GLU B 365 -88.05 -32.79 -19.82
N ASN B 366 -89.00 -31.97 -19.37
CA ASN B 366 -89.04 -31.59 -17.96
C ASN B 366 -89.55 -32.73 -17.09
N PHE B 367 -90.62 -33.40 -17.52
CA PHE B 367 -91.23 -34.43 -16.70
C PHE B 367 -90.82 -35.84 -17.08
N GLY B 368 -90.08 -36.03 -18.17
CA GLY B 368 -89.71 -37.37 -18.59
C GLY B 368 -90.90 -38.23 -18.92
N CYS B 369 -91.91 -37.67 -19.58
CA CYS B 369 -93.15 -38.36 -19.85
C CYS B 369 -93.54 -38.17 -21.31
N LYS B 370 -94.31 -39.13 -21.83
CA LYS B 370 -94.72 -39.09 -23.23
C LYS B 370 -96.22 -38.84 -23.35
N CYS B 384 -97.11 -39.23 -19.84
CA CYS B 384 -97.77 -39.73 -18.63
C CYS B 384 -99.23 -39.28 -18.59
N THR B 385 -99.74 -39.08 -17.37
CA THR B 385 -101.14 -38.69 -17.21
C THR B 385 -101.40 -37.29 -17.75
N GLY B 386 -100.39 -36.43 -17.75
CA GLY B 386 -100.58 -35.05 -18.16
C GLY B 386 -101.14 -34.14 -17.08
N LEU B 387 -101.37 -34.66 -15.88
CA LEU B 387 -101.88 -33.88 -14.77
C LEU B 387 -100.78 -33.36 -13.86
N GLU B 388 -99.53 -33.40 -14.31
CA GLU B 388 -98.42 -32.91 -13.50
C GLU B 388 -98.50 -31.39 -13.37
N ARG B 389 -97.87 -30.88 -12.31
CA ARG B 389 -97.85 -29.46 -12.02
C ARG B 389 -96.41 -28.95 -12.00
N ILE B 390 -96.20 -27.77 -12.57
CA ILE B 390 -94.89 -27.15 -12.55
C ILE B 390 -94.51 -26.85 -11.10
N ALA B 391 -93.21 -26.97 -10.81
CA ALA B 391 -92.59 -26.66 -9.52
C ALA B 391 -92.99 -27.62 -8.41
N ARG B 392 -93.84 -28.61 -8.68
CA ARG B 392 -94.18 -29.63 -7.70
C ARG B 392 -93.42 -30.92 -7.94
N ASP B 393 -93.55 -31.49 -9.15
CA ASP B 393 -92.81 -32.69 -9.49
C ASP B 393 -91.35 -32.39 -9.84
N SER B 394 -91.07 -31.20 -10.35
CA SER B 394 -89.73 -30.85 -10.79
C SER B 394 -89.29 -29.53 -10.15
N SER B 395 -87.97 -29.35 -10.08
CA SER B 395 -87.41 -28.12 -9.55
C SER B 395 -87.65 -26.97 -10.51
N TYR B 396 -87.89 -25.78 -9.96
CA TYR B 396 -88.20 -24.60 -10.74
C TYR B 396 -87.39 -23.41 -10.24
N GLU B 397 -86.90 -22.61 -11.18
CA GLU B 397 -86.21 -21.37 -10.86
C GLU B 397 -86.28 -20.45 -12.08
N GLN B 398 -86.61 -19.19 -11.83
CA GLN B 398 -86.79 -18.23 -12.91
C GLN B 398 -85.44 -17.84 -13.50
N GLU B 399 -85.35 -17.84 -14.83
CA GLU B 399 -84.11 -17.53 -15.50
C GLU B 399 -83.72 -16.07 -15.29
N GLY B 400 -82.42 -15.79 -15.38
CA GLY B 400 -81.91 -14.50 -14.96
C GLY B 400 -82.36 -13.34 -15.83
N LYS B 401 -82.40 -13.54 -17.14
CA LYS B 401 -82.63 -12.44 -18.07
C LYS B 401 -84.10 -12.14 -18.29
N VAL B 402 -85.00 -12.83 -17.59
CA VAL B 402 -86.44 -12.63 -17.78
C VAL B 402 -86.80 -11.16 -17.59
N GLN B 403 -86.29 -10.55 -16.51
CA GLN B 403 -86.58 -9.14 -16.24
C GLN B 403 -86.27 -8.27 -17.43
N PHE B 404 -85.18 -8.55 -18.13
CA PHE B 404 -84.83 -7.74 -19.29
C PHE B 404 -85.80 -7.96 -20.43
N VAL B 405 -86.15 -9.23 -20.70
CA VAL B 405 -87.03 -9.53 -21.83
C VAL B 405 -88.31 -8.73 -21.74
N ILE B 406 -89.04 -8.89 -20.63
CA ILE B 406 -90.21 -8.07 -20.36
C ILE B 406 -89.91 -6.60 -20.64
N ASP B 407 -88.87 -6.08 -20.00
CA ASP B 407 -88.57 -4.66 -20.12
C ASP B 407 -88.40 -4.27 -21.57
N ALA B 408 -87.68 -5.09 -22.35
CA ALA B 408 -87.49 -4.79 -23.76
C ALA B 408 -88.82 -4.54 -24.44
N VAL B 409 -89.76 -5.48 -24.30
CA VAL B 409 -91.06 -5.34 -24.93
C VAL B 409 -91.72 -4.05 -24.49
N TYR B 410 -91.66 -3.76 -23.18
CA TYR B 410 -92.32 -2.58 -22.66
C TYR B 410 -91.79 -1.32 -23.32
N SER B 411 -90.49 -1.28 -23.62
CA SER B 411 -89.94 -0.12 -24.30
C SER B 411 -90.70 0.16 -25.58
N MET B 412 -90.86 -0.86 -26.44
CA MET B 412 -91.65 -0.68 -27.64
C MET B 412 -93.05 -0.22 -27.28
N ALA B 413 -93.68 -0.92 -26.33
CA ALA B 413 -95.05 -0.63 -25.96
C ALA B 413 -95.20 0.79 -25.46
N TYR B 414 -94.13 1.43 -25.00
CA TYR B 414 -94.26 2.81 -24.60
C TYR B 414 -94.04 3.77 -25.75
N ALA B 415 -93.05 3.48 -26.61
CA ALA B 415 -92.73 4.41 -27.68
C ALA B 415 -93.95 4.66 -28.55
N LEU B 416 -94.58 3.59 -29.03
CA LEU B 416 -95.78 3.73 -29.84
C LEU B 416 -96.83 4.56 -29.11
N HIS B 417 -97.01 4.30 -27.81
CA HIS B 417 -97.96 5.08 -27.02
C HIS B 417 -97.67 6.57 -27.18
N ASN B 418 -96.42 6.96 -26.93
CA ASN B 418 -96.06 8.37 -27.06
C ASN B 418 -96.33 8.86 -28.47
N MET B 419 -96.00 8.05 -29.47
CA MET B 419 -96.25 8.44 -30.85
C MET B 419 -97.73 8.67 -31.09
N HIS B 420 -98.58 7.81 -30.52
CA HIS B 420 -100.01 7.96 -30.71
C HIS B 420 -100.55 9.20 -29.99
N LYS B 421 -99.77 9.79 -29.09
CA LYS B 421 -100.18 11.04 -28.46
C LYS B 421 -99.75 12.25 -29.28
N ASP B 422 -98.88 12.07 -30.26
CA ASP B 422 -98.37 13.20 -31.03
C ASP B 422 -98.98 13.27 -32.43
N LEU B 423 -98.99 12.15 -33.16
CA LEU B 423 -99.47 12.17 -34.53
C LEU B 423 -100.98 12.38 -34.60
N CYS B 424 -101.73 11.64 -33.79
CA CYS B 424 -103.20 11.72 -33.78
C CYS B 424 -103.70 11.89 -32.36
N PRO B 425 -103.63 13.10 -31.81
CA PRO B 425 -104.21 13.33 -30.49
C PRO B 425 -105.73 13.27 -30.53
N GLY B 426 -106.32 12.87 -29.41
CA GLY B 426 -107.77 12.83 -29.29
C GLY B 426 -108.45 11.87 -30.23
N TYR B 427 -107.89 10.67 -30.39
CA TYR B 427 -108.45 9.67 -31.29
C TYR B 427 -108.47 8.33 -30.58
N ILE B 428 -109.41 7.47 -31.00
CA ILE B 428 -109.56 6.13 -30.42
C ILE B 428 -109.18 5.12 -31.50
N GLY B 429 -108.21 4.27 -31.19
CA GLY B 429 -107.73 3.28 -32.13
C GLY B 429 -106.66 3.83 -33.05
N LEU B 430 -106.27 3.00 -34.01
CA LEU B 430 -105.23 3.36 -34.95
C LEU B 430 -105.77 4.33 -35.99
N CYS B 431 -105.11 5.47 -36.14
CA CYS B 431 -105.53 6.50 -37.09
C CYS B 431 -104.82 6.30 -38.43
N PRO B 432 -105.39 6.83 -39.51
CA PRO B 432 -104.75 6.68 -40.83
C PRO B 432 -103.35 7.27 -40.90
N ARG B 433 -103.08 8.36 -40.17
CA ARG B 433 -101.74 8.92 -40.17
C ARG B 433 -100.74 7.97 -39.54
N MET B 434 -101.16 7.27 -38.48
CA MET B 434 -100.32 6.31 -37.77
C MET B 434 -100.40 4.91 -38.40
N SER B 435 -101.20 4.74 -39.45
CA SER B 435 -101.35 3.41 -40.07
C SER B 435 -100.02 2.88 -40.58
N THR B 436 -99.20 3.75 -41.17
CA THR B 436 -97.86 3.37 -41.60
C THR B 436 -96.87 3.90 -40.57
N ILE B 437 -96.12 2.98 -39.96
CA ILE B 437 -95.18 3.33 -38.91
C ILE B 437 -93.81 3.57 -39.54
N ASP B 438 -93.28 4.78 -39.37
CA ASP B 438 -91.97 5.12 -39.91
C ASP B 438 -90.89 4.64 -38.95
N GLY B 439 -89.82 4.07 -39.51
CA GLY B 439 -88.77 3.53 -38.68
C GLY B 439 -88.00 4.57 -37.90
N LYS B 440 -87.66 5.70 -38.55
CA LYS B 440 -86.83 6.70 -37.88
C LYS B 440 -87.55 7.33 -36.70
N GLU B 441 -88.81 7.71 -36.87
CA GLU B 441 -89.57 8.33 -35.79
C GLU B 441 -89.76 7.36 -34.63
N LEU B 442 -90.07 6.10 -34.95
CA LEU B 442 -90.20 5.11 -33.89
C LEU B 442 -88.88 4.88 -33.17
N LEU B 443 -87.76 4.94 -33.89
CA LEU B 443 -86.46 4.81 -33.25
C LEU B 443 -86.21 5.96 -32.28
N GLY B 444 -86.54 7.18 -32.70
CA GLY B 444 -86.39 8.32 -31.80
C GLY B 444 -87.25 8.18 -30.56
N TYR B 445 -88.50 7.76 -30.73
CA TYR B 445 -89.38 7.58 -29.59
C TYR B 445 -88.89 6.47 -28.67
N ILE B 446 -88.32 5.40 -29.25
CA ILE B 446 -87.74 4.33 -28.44
C ILE B 446 -86.58 4.87 -27.62
N ARG B 447 -85.71 5.64 -28.24
CA ARG B 447 -84.54 6.13 -27.54
C ARG B 447 -84.84 7.27 -26.58
N ALA B 448 -86.05 7.83 -26.62
CA ALA B 448 -86.43 8.90 -25.69
C ALA B 448 -87.29 8.41 -24.53
N VAL B 449 -87.47 7.10 -24.35
CA VAL B 449 -88.38 6.62 -23.33
C VAL B 449 -87.76 6.83 -21.95
N ASN B 450 -88.63 6.93 -20.94
CA ASN B 450 -88.19 7.04 -19.54
C ASN B 450 -89.36 6.55 -18.68
N PHE B 451 -89.27 5.32 -18.21
CA PHE B 451 -90.33 4.73 -17.40
C PHE B 451 -89.68 3.84 -16.33
N ASN B 452 -90.54 3.18 -15.56
CA ASN B 452 -90.10 2.32 -14.47
C ASN B 452 -90.42 0.87 -14.84
N GLY B 453 -89.46 -0.01 -14.62
CA GLY B 453 -89.51 -1.37 -15.15
C GLY B 453 -90.35 -2.31 -14.31
N SER B 454 -90.19 -3.60 -14.62
CA SER B 454 -90.97 -4.64 -13.94
C SER B 454 -90.48 -4.89 -12.52
N ALA B 455 -89.20 -4.70 -12.26
CA ALA B 455 -88.63 -4.94 -10.94
C ALA B 455 -88.59 -3.70 -10.08
N GLY B 456 -89.14 -2.59 -10.55
CA GLY B 456 -89.06 -1.34 -9.81
C GLY B 456 -87.87 -0.48 -10.12
N THR B 457 -87.18 -0.73 -11.23
CA THR B 457 -86.01 0.04 -11.61
C THR B 457 -86.26 0.75 -12.94
N PRO B 458 -85.71 1.95 -13.12
CA PRO B 458 -85.95 2.70 -14.36
C PRO B 458 -85.26 2.07 -15.56
N VAL B 459 -85.77 2.41 -16.74
CA VAL B 459 -85.24 1.97 -18.02
C VAL B 459 -84.96 3.20 -18.87
N THR B 460 -83.76 3.27 -19.46
CA THR B 460 -83.32 4.48 -20.14
C THR B 460 -82.21 4.14 -21.11
N PHE B 461 -82.21 4.80 -22.27
CA PHE B 461 -81.17 4.65 -23.27
C PHE B 461 -80.40 5.96 -23.42
N ASN B 462 -79.22 5.87 -24.03
CA ASN B 462 -78.42 7.03 -24.38
C ASN B 462 -78.57 7.32 -25.87
N GLU B 463 -77.74 8.22 -26.38
CA GLU B 463 -77.82 8.57 -27.80
C GLU B 463 -77.49 7.39 -28.70
N ASN B 464 -76.65 6.47 -28.23
CA ASN B 464 -76.27 5.30 -29.01
C ASN B 464 -77.15 4.09 -28.74
N GLY B 465 -78.17 4.24 -27.89
CA GLY B 465 -79.07 3.14 -27.63
C GLY B 465 -78.53 2.10 -26.67
N ASP B 466 -77.85 2.51 -25.61
CA ASP B 466 -77.28 1.58 -24.64
C ASP B 466 -77.76 1.90 -23.24
N ALA B 467 -78.12 0.87 -22.50
CA ALA B 467 -78.51 1.03 -21.12
C ALA B 467 -77.29 1.38 -20.26
N PRO B 468 -77.47 2.15 -19.19
CA PRO B 468 -76.35 2.49 -18.32
C PRO B 468 -75.83 1.28 -17.57
N GLY B 469 -74.56 1.37 -17.16
CA GLY B 469 -73.89 0.26 -16.52
C GLY B 469 -74.03 0.20 -15.02
N ARG B 470 -74.85 -0.73 -14.53
CA ARG B 470 -74.93 -1.06 -13.12
C ARG B 470 -74.64 -2.55 -12.97
N TYR B 471 -73.74 -2.91 -12.07
CA TYR B 471 -73.29 -4.28 -11.93
C TYR B 471 -73.20 -4.67 -10.46
N ASP B 472 -73.44 -5.95 -10.18
CA ASP B 472 -73.19 -6.57 -8.89
C ASP B 472 -72.00 -7.51 -9.01
N ILE B 473 -71.27 -7.67 -7.91
CA ILE B 473 -70.03 -8.43 -7.89
C ILE B 473 -70.19 -9.60 -6.91
N PHE B 474 -69.82 -10.79 -7.37
CA PHE B 474 -69.95 -12.02 -6.60
C PHE B 474 -68.57 -12.62 -6.38
N GLN B 475 -68.41 -13.32 -5.27
CA GLN B 475 -67.26 -14.18 -5.04
C GLN B 475 -67.74 -15.57 -4.66
N TYR B 476 -67.19 -16.59 -5.31
CA TYR B 476 -67.50 -17.97 -4.94
C TYR B 476 -66.74 -18.34 -3.69
N GLN B 477 -67.45 -18.78 -2.66
CA GLN B 477 -66.87 -19.03 -1.35
C GLN B 477 -67.25 -20.41 -0.88
N ILE B 478 -66.26 -21.18 -0.43
CA ILE B 478 -66.47 -22.56 0.00
C ILE B 478 -66.47 -22.58 1.52
N THR B 479 -67.64 -22.85 2.10
CA THR B 479 -67.77 -23.10 3.52
C THR B 479 -68.10 -24.57 3.74
N SER B 482 -71.96 -25.05 3.42
CA SER B 482 -72.55 -24.86 2.10
C SER B 482 -71.60 -24.09 1.21
N THR B 483 -71.92 -24.08 -0.09
CA THR B 483 -71.18 -23.35 -1.10
C THR B 483 -72.14 -22.44 -1.85
N GLU B 484 -71.73 -21.21 -2.12
CA GLU B 484 -72.64 -20.22 -2.69
C GLU B 484 -71.85 -19.07 -3.30
N TYR B 485 -72.55 -18.27 -4.10
CA TYR B 485 -72.02 -17.06 -4.71
C TYR B 485 -72.47 -15.87 -3.85
N LYS B 486 -71.53 -15.08 -3.37
CA LYS B 486 -71.81 -14.05 -2.38
C LYS B 486 -71.50 -12.66 -2.93
N VAL B 487 -72.40 -11.71 -2.65
CA VAL B 487 -72.27 -10.35 -3.13
C VAL B 487 -71.25 -9.60 -2.28
N ILE B 488 -70.32 -8.89 -2.95
CA ILE B 488 -69.26 -8.19 -2.24
C ILE B 488 -69.16 -6.74 -2.69
N GLY B 489 -70.08 -6.29 -3.53
CA GLY B 489 -70.13 -4.90 -3.90
C GLY B 489 -70.78 -4.69 -5.24
N HIS B 490 -70.68 -3.46 -5.73
CA HIS B 490 -71.35 -3.08 -6.96
C HIS B 490 -70.58 -1.98 -7.68
N TRP B 491 -70.84 -1.87 -8.98
CA TRP B 491 -70.22 -0.89 -9.86
C TRP B 491 -71.31 -0.14 -10.59
N THR B 492 -71.54 1.12 -10.18
CA THR B 492 -72.46 2.03 -10.87
C THR B 492 -71.69 3.33 -11.09
N ASN B 493 -70.92 3.38 -12.16
CA ASN B 493 -70.00 4.47 -12.51
C ASN B 493 -68.88 4.64 -11.50
N GLN B 494 -68.84 3.83 -10.45
CA GLN B 494 -67.81 3.89 -9.42
C GLN B 494 -67.85 2.60 -8.63
N LEU B 495 -66.67 2.07 -8.30
CA LEU B 495 -66.55 0.77 -7.66
C LEU B 495 -66.73 0.91 -6.15
N HIS B 496 -67.68 0.16 -5.60
CA HIS B 496 -67.84 0.03 -4.15
C HIS B 496 -67.66 -1.44 -3.82
N LEU B 497 -66.55 -1.77 -3.16
CA LEU B 497 -66.15 -3.15 -2.91
C LEU B 497 -65.79 -3.30 -1.44
N LYS B 498 -66.49 -4.20 -0.75
CA LYS B 498 -66.19 -4.51 0.65
C LYS B 498 -65.06 -5.55 0.66
N VAL B 499 -63.83 -5.07 0.78
CA VAL B 499 -62.67 -5.97 0.77
C VAL B 499 -62.66 -6.84 2.03
N GLU B 500 -63.22 -6.33 3.13
CA GLU B 500 -63.23 -7.10 4.37
C GLU B 500 -64.08 -8.37 4.23
N ASP B 501 -65.21 -8.27 3.53
CA ASP B 501 -66.13 -9.41 3.42
C ASP B 501 -65.57 -10.54 2.57
N MET B 502 -64.48 -10.30 1.85
CA MET B 502 -63.97 -11.28 0.90
C MET B 502 -63.14 -12.33 1.61
N GLN B 503 -63.26 -13.59 1.15
CA GLN B 503 -62.59 -14.72 1.79
C GLN B 503 -61.94 -15.61 0.73
N TRP B 504 -60.68 -15.34 0.44
CA TRP B 504 -59.89 -16.29 -0.33
C TRP B 504 -59.44 -17.43 0.55
N ALA B 505 -59.30 -18.62 -0.04
CA ALA B 505 -58.69 -19.75 0.65
C ALA B 505 -58.36 -20.87 -0.34
N HIS B 511 -54.81 -11.08 1.11
CA HIS B 511 -55.21 -11.83 -0.07
C HIS B 511 -54.00 -12.23 -0.89
N PRO B 512 -54.16 -13.24 -1.75
CA PRO B 512 -53.07 -13.59 -2.67
C PRO B 512 -52.72 -12.42 -3.58
N ALA B 513 -51.43 -12.28 -3.85
CA ALA B 513 -50.92 -11.17 -4.63
C ALA B 513 -50.42 -11.67 -5.97
N SER B 514 -50.77 -10.94 -7.03
CA SER B 514 -50.33 -11.25 -8.39
C SER B 514 -49.53 -10.07 -8.92
N VAL B 515 -48.21 -10.13 -8.76
CA VAL B 515 -47.30 -9.09 -9.23
C VAL B 515 -46.11 -9.74 -9.93
N CYS B 516 -45.37 -8.94 -10.68
CA CYS B 516 -44.21 -9.45 -11.40
C CYS B 516 -42.98 -9.49 -10.50
N SER B 517 -42.67 -8.38 -9.85
CA SER B 517 -41.50 -8.30 -9.00
C SER B 517 -41.85 -7.58 -7.70
N LEU B 518 -41.34 -8.11 -6.60
CA LEU B 518 -41.48 -7.47 -5.31
C LEU B 518 -40.58 -6.24 -5.23
N PRO B 519 -40.90 -5.28 -4.36
CA PRO B 519 -40.07 -4.06 -4.29
C PRO B 519 -38.68 -4.34 -3.76
N CYS B 520 -37.72 -3.61 -4.30
CA CYS B 520 -36.32 -3.79 -3.91
C CYS B 520 -36.10 -3.33 -2.48
N LYS B 521 -35.32 -4.12 -1.73
CA LYS B 521 -34.97 -3.78 -0.37
C LYS B 521 -33.97 -2.62 -0.36
N PRO B 522 -33.84 -1.92 0.77
CA PRO B 522 -32.95 -0.75 0.80
C PRO B 522 -31.52 -1.11 0.47
N GLY B 523 -30.87 -0.23 -0.29
CA GLY B 523 -29.51 -0.46 -0.73
C GLY B 523 -29.36 -1.23 -2.02
N GLU B 524 -30.46 -1.71 -2.60
CA GLU B 524 -30.41 -2.56 -3.78
C GLU B 524 -30.73 -1.73 -5.02
N ARG B 525 -30.03 -2.00 -6.10
CA ARG B 525 -30.28 -1.32 -7.36
C ARG B 525 -31.38 -2.02 -8.15
N LYS B 526 -32.09 -1.26 -8.96
CA LYS B 526 -33.23 -1.75 -9.72
C LYS B 526 -32.98 -1.59 -11.21
N LYS B 527 -33.12 -2.68 -11.95
CA LYS B 527 -33.02 -2.68 -13.41
C LYS B 527 -34.39 -3.00 -13.98
N THR B 528 -35.01 -2.01 -14.62
CA THR B 528 -36.31 -2.21 -15.24
C THR B 528 -36.14 -2.92 -16.59
N VAL B 529 -37.22 -3.57 -17.03
CA VAL B 529 -37.24 -4.25 -18.32
C VAL B 529 -37.89 -3.33 -19.34
N LYS B 530 -37.26 -3.19 -20.50
CA LYS B 530 -37.72 -2.23 -21.49
C LYS B 530 -39.11 -2.58 -22.00
N GLY B 531 -39.97 -1.57 -22.08
CA GLY B 531 -41.32 -1.73 -22.58
C GLY B 531 -42.33 -2.20 -21.56
N VAL B 532 -41.90 -2.68 -20.40
CA VAL B 532 -42.78 -3.17 -19.36
C VAL B 532 -42.38 -2.60 -18.01
N PRO B 533 -43.05 -1.54 -17.56
CA PRO B 533 -42.67 -0.93 -16.26
C PRO B 533 -42.82 -1.87 -15.08
N CYS B 534 -43.77 -2.80 -15.13
CA CYS B 534 -44.04 -3.66 -13.98
C CYS B 534 -42.92 -4.66 -13.73
N CYS B 535 -42.04 -4.88 -14.69
CA CYS B 535 -41.01 -5.91 -14.60
C CYS B 535 -39.67 -5.28 -14.27
N TRP B 536 -39.06 -5.69 -13.17
CA TRP B 536 -37.73 -5.21 -12.82
C TRP B 536 -37.02 -6.25 -11.97
N HIS B 537 -35.69 -6.12 -11.92
CA HIS B 537 -34.83 -7.00 -11.14
C HIS B 537 -34.08 -6.18 -10.10
N CYS B 538 -34.07 -6.66 -8.86
CA CYS B 538 -33.38 -6.00 -7.76
C CYS B 538 -32.07 -6.74 -7.48
N GLU B 539 -30.98 -5.99 -7.40
CA GLU B 539 -29.64 -6.55 -7.27
C GLU B 539 -28.95 -5.96 -6.06
N ARG B 540 -28.25 -6.80 -5.32
CA ARG B 540 -27.50 -6.38 -4.14
C ARG B 540 -26.07 -6.01 -4.54
N CYS B 541 -25.67 -4.79 -4.21
CA CYS B 541 -24.31 -4.34 -4.49
C CYS B 541 -23.30 -5.11 -3.64
N GLU B 542 -22.15 -5.38 -4.24
CA GLU B 542 -21.11 -6.18 -3.59
C GLU B 542 -20.36 -5.31 -2.59
N GLY B 543 -19.23 -5.83 -2.10
CA GLY B 543 -18.53 -5.15 -1.03
C GLY B 543 -17.95 -3.83 -1.48
N TYR B 544 -17.91 -2.87 -0.54
CA TYR B 544 -17.37 -1.52 -0.66
C TYR B 544 -18.18 -0.62 -1.59
N ASN B 545 -19.27 -1.13 -2.16
CA ASN B 545 -20.22 -0.32 -2.91
C ASN B 545 -21.39 0.07 -2.01
N TYR B 546 -22.18 1.03 -2.46
CA TYR B 546 -23.39 1.37 -1.71
C TYR B 546 -24.34 2.08 -2.67
N GLN B 547 -25.64 1.89 -2.44
CA GLN B 547 -26.63 2.45 -3.35
C GLN B 547 -26.65 3.96 -3.28
N VAL B 548 -26.66 4.61 -4.44
CA VAL B 548 -26.67 6.07 -4.51
C VAL B 548 -27.86 6.56 -5.30
N ASP B 549 -27.94 6.18 -6.57
CA ASP B 549 -28.91 6.76 -7.50
C ASP B 549 -30.20 5.95 -7.60
N GLU B 550 -30.32 4.84 -6.88
CA GLU B 550 -31.44 3.90 -6.94
C GLU B 550 -31.55 3.23 -8.30
N LEU B 551 -30.67 3.53 -9.23
CA LEU B 551 -30.52 2.87 -10.51
C LEU B 551 -29.08 2.46 -10.78
N SER B 552 -28.10 3.24 -10.32
CA SER B 552 -26.70 2.92 -10.46
C SER B 552 -26.05 2.85 -9.08
N CYS B 553 -25.01 2.02 -8.98
CA CYS B 553 -24.33 1.76 -7.71
C CYS B 553 -22.93 2.36 -7.76
N GLU B 554 -22.63 3.24 -6.81
CA GLU B 554 -21.35 3.92 -6.73
C GLU B 554 -20.66 3.52 -5.41
N LEU B 555 -19.53 4.17 -5.13
CA LEU B 555 -18.74 3.79 -3.96
C LEU B 555 -17.92 4.98 -3.48
N CYS B 556 -17.48 4.89 -2.22
CA CYS B 556 -16.60 5.88 -1.59
C CYS B 556 -15.31 5.15 -1.19
N PRO B 557 -14.27 5.21 -2.02
CA PRO B 557 -13.09 4.36 -1.79
C PRO B 557 -11.95 4.98 -1.01
N LEU B 558 -11.94 6.30 -0.81
CA LEU B 558 -10.73 6.95 -0.34
C LEU B 558 -10.37 6.46 1.06
N ASP B 559 -11.23 6.74 2.04
CA ASP B 559 -11.02 6.22 3.39
C ASP B 559 -12.34 5.88 4.06
N GLN B 560 -13.34 5.48 3.29
CA GLN B 560 -14.68 5.27 3.83
C GLN B 560 -15.07 3.80 3.72
N ARG B 561 -16.03 3.42 4.56
CA ARG B 561 -16.53 2.06 4.68
C ARG B 561 -18.05 2.08 4.63
N PRO B 562 -18.66 1.18 3.86
CA PRO B 562 -20.12 1.16 3.77
C PRO B 562 -20.76 0.85 5.11
N ASN B 563 -21.92 1.45 5.35
CA ASN B 563 -22.63 1.31 6.61
C ASN B 563 -23.35 -0.03 6.66
N MET B 564 -23.91 -0.34 7.84
CA MET B 564 -24.67 -1.57 8.01
C MET B 564 -25.90 -1.57 7.10
N ASN B 565 -26.59 -0.44 7.00
CA ASN B 565 -27.70 -0.31 6.08
C ASN B 565 -27.27 -0.34 4.62
N ARG B 566 -25.96 -0.24 4.37
CA ARG B 566 -25.40 -0.28 3.02
C ARG B 566 -25.99 0.84 2.16
N THR B 567 -26.25 1.99 2.77
CA THR B 567 -26.71 3.18 2.07
C THR B 567 -26.00 4.40 2.62
N GLY B 568 -24.69 4.29 2.81
CA GLY B 568 -23.91 5.39 3.35
C GLY B 568 -22.46 5.01 3.49
N CYS B 569 -21.67 5.97 3.91
CA CYS B 569 -20.24 5.79 4.12
C CYS B 569 -19.91 6.06 5.58
N GLN B 570 -18.80 5.47 6.02
CA GLN B 570 -18.31 5.62 7.38
C GLN B 570 -16.86 6.09 7.35
N LEU B 571 -16.22 6.09 8.50
CA LEU B 571 -14.79 6.37 8.63
C LEU B 571 -14.11 5.10 9.12
N ILE B 572 -13.14 4.63 8.34
CA ILE B 572 -12.38 3.44 8.73
C ILE B 572 -11.55 3.77 9.98
N PRO B 573 -11.62 2.96 11.03
CA PRO B 573 -10.84 3.25 12.24
C PRO B 573 -9.35 3.15 12.00
N ILE B 574 -8.59 3.88 12.82
CA ILE B 574 -7.14 3.95 12.73
C ILE B 574 -6.53 3.12 13.85
N ILE B 575 -5.68 2.17 13.48
CA ILE B 575 -4.98 1.32 14.45
C ILE B 575 -3.92 2.13 15.17
N LYS B 576 -3.85 1.99 16.49
CA LYS B 576 -2.83 2.64 17.30
C LYS B 576 -2.31 1.66 18.34
N LEU B 577 -1.02 1.81 18.66
CA LEU B 577 -0.38 0.96 19.66
C LEU B 577 -0.63 1.52 21.05
N GLU B 578 -1.21 0.72 21.93
CA GLU B 578 -1.58 1.16 23.27
C GLU B 578 -0.53 0.73 24.28
N TRP B 579 -0.52 1.44 25.42
CA TRP B 579 0.46 1.18 26.46
C TRP B 579 0.07 0.01 27.35
N HIS B 580 -1.16 -0.49 27.26
CA HIS B 580 -1.57 -1.65 28.04
C HIS B 580 -1.46 -2.96 27.26
N SER B 581 -0.95 -2.93 26.02
CA SER B 581 -0.62 -4.13 25.28
C SER B 581 0.71 -4.70 25.76
N PRO B 582 0.86 -6.02 25.82
CA PRO B 582 2.13 -6.60 26.27
C PRO B 582 3.31 -6.20 25.41
N TRP B 583 3.10 -6.05 24.10
CA TRP B 583 4.18 -5.62 23.20
C TRP B 583 4.77 -4.29 23.63
N ALA B 584 3.99 -3.47 24.32
CA ALA B 584 4.48 -2.23 24.88
C ALA B 584 5.01 -2.40 26.30
N VAL B 585 4.34 -3.22 27.12
CA VAL B 585 4.68 -3.29 28.54
C VAL B 585 6.03 -3.96 28.76
N VAL B 586 6.32 -5.05 28.04
CA VAL B 586 7.58 -5.76 28.27
C VAL B 586 8.80 -4.90 28.00
N PRO B 587 8.93 -4.22 26.85
CA PRO B 587 10.07 -3.31 26.68
C PRO B 587 10.13 -2.24 27.74
N VAL B 588 8.99 -1.80 28.29
CA VAL B 588 9.01 -0.72 29.27
C VAL B 588 9.75 -1.15 30.53
N PHE B 589 9.43 -2.33 31.06
CA PHE B 589 10.12 -2.74 32.28
C PHE B 589 11.56 -3.13 31.98
N VAL B 590 11.83 -3.71 30.81
CA VAL B 590 13.23 -3.98 30.45
C VAL B 590 14.04 -2.68 30.45
N ALA B 591 13.51 -1.64 29.82
CA ALA B 591 14.20 -0.35 29.75
C ALA B 591 14.33 0.28 31.13
N ILE B 592 13.32 0.15 31.99
CA ILE B 592 13.40 0.73 33.33
C ILE B 592 14.52 0.07 34.13
N LEU B 593 14.63 -1.25 34.06
CA LEU B 593 15.73 -1.92 34.75
C LEU B 593 17.07 -1.51 34.17
N GLY B 594 17.16 -1.36 32.85
CA GLY B 594 18.41 -0.87 32.26
C GLY B 594 18.80 0.50 32.77
N ILE B 595 17.83 1.41 32.87
CA ILE B 595 18.09 2.75 33.39
C ILE B 595 18.57 2.69 34.84
N ILE B 596 17.91 1.86 35.66
CA ILE B 596 18.32 1.77 37.07
C ILE B 596 19.74 1.25 37.20
N ALA B 597 20.09 0.20 36.42
CA ALA B 597 21.45 -0.33 36.49
C ALA B 597 22.48 0.69 36.04
N THR B 598 22.20 1.41 34.95
CA THR B 598 23.14 2.41 34.48
C THR B 598 23.32 3.51 35.51
N THR B 599 22.23 3.91 36.16
CA THR B 599 22.33 4.93 37.21
C THR B 599 23.18 4.45 38.37
N PHE B 600 23.04 3.17 38.76
CA PHE B 600 23.87 2.64 39.83
C PHE B 600 25.34 2.67 39.48
N VAL B 601 25.69 2.28 38.25
CA VAL B 601 27.09 2.31 37.82
C VAL B 601 27.63 3.74 37.86
N ILE B 602 26.85 4.68 37.33
CA ILE B 602 27.31 6.08 37.29
C ILE B 602 27.53 6.61 38.71
N VAL B 603 26.59 6.33 39.61
CA VAL B 603 26.68 6.85 40.98
C VAL B 603 27.89 6.26 41.69
N THR B 604 28.13 4.95 41.53
CA THR B 604 29.27 4.35 42.22
C THR B 604 30.59 4.89 41.66
N PHE B 605 30.65 5.15 40.35
CA PHE B 605 31.87 5.74 39.79
C PHE B 605 32.08 7.15 40.30
N VAL B 606 31.01 7.92 40.49
CA VAL B 606 31.16 9.26 41.05
C VAL B 606 31.63 9.18 42.50
N ARG B 607 31.09 8.26 43.29
CA ARG B 607 31.49 8.14 44.68
C ARG B 607 32.92 7.61 44.85
N TYR B 608 33.44 6.89 43.86
CA TYR B 608 34.80 6.34 44.00
C TYR B 608 35.75 6.92 42.97
N ASN B 609 35.73 8.25 42.81
CA ASN B 609 36.39 8.88 41.67
C ASN B 609 37.90 8.66 41.69
N ASP B 610 38.52 8.71 42.85
CA ASP B 610 39.98 8.75 42.94
C ASP B 610 40.63 7.39 43.09
N THR B 611 39.86 6.30 43.09
CA THR B 611 40.45 4.98 43.29
C THR B 611 41.19 4.54 42.02
N PRO B 612 42.18 3.65 42.17
CA PRO B 612 42.96 3.22 40.99
C PRO B 612 42.13 2.57 39.89
N ILE B 613 41.14 1.75 40.25
CA ILE B 613 40.34 1.06 39.23
C ILE B 613 39.56 2.08 38.40
N VAL B 614 38.98 3.08 39.05
CA VAL B 614 38.19 4.07 38.33
C VAL B 614 39.09 4.95 37.47
N ARG B 615 40.23 5.36 38.02
CA ARG B 615 41.12 6.26 37.27
C ARG B 615 41.75 5.56 36.08
N ALA B 616 42.00 4.25 36.18
CA ALA B 616 42.58 3.51 35.06
C ALA B 616 41.60 3.32 33.90
N SER B 617 40.33 3.67 34.07
CA SER B 617 39.29 3.38 33.09
C SER B 617 38.93 4.57 32.22
N GLY B 618 39.67 5.67 32.29
CA GLY B 618 39.37 6.80 31.44
C GLY B 618 38.07 7.48 31.81
N ARG B 619 38.07 8.17 32.96
CA ARG B 619 36.83 8.67 33.55
C ARG B 619 36.05 9.57 32.59
N GLU B 620 36.73 10.57 32.02
CA GLU B 620 36.05 11.55 31.18
C GLU B 620 35.38 10.92 29.97
N LEU B 621 35.95 9.85 29.43
CA LEU B 621 35.32 9.12 28.34
C LEU B 621 34.37 8.05 28.83
N SER B 622 34.58 7.54 30.05
CA SER B 622 33.66 6.59 30.64
C SER B 622 32.28 7.21 30.82
N TYR B 623 32.23 8.47 31.25
CA TYR B 623 30.93 9.13 31.42
C TYR B 623 30.23 9.32 30.07
N VAL B 624 30.98 9.65 29.02
CA VAL B 624 30.37 9.78 27.70
C VAL B 624 29.80 8.45 27.23
N LEU B 625 30.56 7.36 27.42
CA LEU B 625 30.08 6.05 27.02
C LEU B 625 28.84 5.65 27.82
N LEU B 626 28.80 6.01 29.11
CA LEU B 626 27.64 5.69 29.92
C LEU B 626 26.42 6.51 29.51
N THR B 627 26.61 7.76 29.08
CA THR B 627 25.50 8.51 28.51
C THR B 627 24.98 7.83 27.25
N GLY B 628 25.89 7.33 26.42
CA GLY B 628 25.48 6.57 25.25
C GLY B 628 24.65 5.36 25.61
N ILE B 629 25.04 4.66 26.68
CA ILE B 629 24.26 3.52 27.13
C ILE B 629 22.88 3.97 27.64
N PHE B 630 22.84 5.09 28.34
CA PHE B 630 21.59 5.58 28.91
C PHE B 630 20.58 5.97 27.83
N LEU B 631 21.05 6.46 26.68
CA LEU B 631 20.12 7.00 25.68
C LEU B 631 19.17 5.94 25.09
N CYS B 632 19.60 4.67 25.05
CA CYS B 632 18.87 3.66 24.29
C CYS B 632 17.48 3.35 24.87
N TYR B 633 17.36 3.33 26.19
CA TYR B 633 16.07 3.07 26.80
C TYR B 633 15.10 4.23 26.56
N SER B 634 15.62 5.45 26.57
CA SER B 634 14.80 6.58 26.14
C SER B 634 14.37 6.40 24.69
N ILE B 635 15.22 5.77 23.88
CA ILE B 635 14.82 5.49 22.50
C ILE B 635 13.64 4.54 22.48
N THR B 636 13.65 3.55 23.37
CA THR B 636 12.48 2.68 23.53
C THR B 636 11.23 3.51 23.79
N PHE B 637 11.30 4.41 24.76
CA PHE B 637 10.13 5.23 25.10
C PHE B 637 9.68 6.07 23.91
N LEU B 638 10.63 6.57 23.11
CA LEU B 638 10.27 7.37 21.95
C LEU B 638 9.56 6.54 20.89
N MET B 639 10.04 5.32 20.63
CA MET B 639 9.43 4.49 19.60
C MET B 639 8.07 3.97 20.02
N ILE B 640 7.79 3.83 21.32
CA ILE B 640 6.44 3.44 21.71
C ILE B 640 5.45 4.60 21.61
N ALA B 641 5.93 5.84 21.54
CA ALA B 641 5.06 7.00 21.56
C ALA B 641 4.26 7.13 20.27
N ALA B 642 3.24 8.00 20.34
CA ALA B 642 2.32 8.23 19.23
C ALA B 642 2.98 9.11 18.17
N PRO B 643 2.92 8.72 16.89
CA PRO B 643 3.56 9.53 15.85
C PRO B 643 2.97 10.93 15.76
N ASP B 644 3.87 11.91 15.61
CA ASP B 644 3.53 13.32 15.48
C ASP B 644 4.63 13.98 14.64
N THR B 645 4.60 15.30 14.56
CA THR B 645 5.65 15.99 13.82
C THR B 645 6.94 16.07 14.63
N ILE B 646 6.84 16.28 15.95
CA ILE B 646 8.03 16.36 16.78
C ILE B 646 8.62 14.97 17.02
N ILE B 647 7.76 13.96 17.18
CA ILE B 647 8.24 12.63 17.53
C ILE B 647 8.92 11.95 16.35
N CYS B 648 8.47 12.21 15.12
CA CYS B 648 9.20 11.71 13.96
C CYS B 648 10.63 12.27 13.93
N SER B 649 10.79 13.56 14.22
CA SER B 649 12.12 14.15 14.26
C SER B 649 12.97 13.56 15.39
N PHE B 650 12.37 13.36 16.56
CA PHE B 650 13.13 12.76 17.67
C PHE B 650 13.58 11.35 17.32
N ARG B 651 12.71 10.55 16.69
CA ARG B 651 13.11 9.23 16.23
C ARG B 651 14.25 9.33 15.23
N ARG B 652 14.14 10.27 14.29
CA ARG B 652 15.13 10.37 13.23
C ARG B 652 16.51 10.76 13.77
N VAL B 653 16.54 11.61 14.80
CA VAL B 653 17.81 12.10 15.32
C VAL B 653 18.41 11.13 16.33
N PHE B 654 17.61 10.61 17.26
CA PHE B 654 18.17 9.91 18.41
C PHE B 654 18.33 8.41 18.22
N LEU B 655 17.99 7.86 17.05
CA LEU B 655 18.05 6.41 16.89
C LEU B 655 19.48 5.89 16.96
N GLY B 656 20.41 6.52 16.25
CA GLY B 656 21.79 6.05 16.21
C GLY B 656 22.77 6.86 17.02
N LEU B 657 22.32 7.70 17.94
CA LEU B 657 23.24 8.62 18.61
C LEU B 657 23.95 7.96 19.79
N GLY B 658 23.24 7.10 20.52
CA GLY B 658 23.85 6.45 21.68
C GLY B 658 24.97 5.49 21.30
N MET B 659 24.75 4.68 20.28
CA MET B 659 25.79 3.78 19.80
C MET B 659 27.01 4.58 19.32
N CYS B 660 26.76 5.68 18.61
CA CYS B 660 27.85 6.53 18.17
C CYS B 660 28.64 7.06 19.35
N PHE B 661 27.94 7.55 20.38
CA PHE B 661 28.62 8.02 21.59
C PHE B 661 29.54 6.95 22.16
N SER B 662 28.96 5.78 22.44
CA SER B 662 29.69 4.73 23.14
C SER B 662 30.91 4.29 22.33
N TYR B 663 30.74 4.06 21.04
CA TYR B 663 31.84 3.48 20.27
C TYR B 663 32.89 4.52 19.89
N ALA B 664 32.52 5.78 19.69
CA ALA B 664 33.55 6.81 19.52
C ALA B 664 34.39 6.96 20.78
N ALA B 665 33.75 6.95 21.96
CA ALA B 665 34.53 7.03 23.19
C ALA B 665 35.47 5.84 23.35
N LEU B 666 34.97 4.64 23.05
CA LEU B 666 35.80 3.45 23.15
C LEU B 666 37.01 3.53 22.21
N LEU B 667 36.77 3.95 20.97
CA LEU B 667 37.86 4.05 20.01
C LEU B 667 38.92 5.04 20.47
N THR B 668 38.50 6.21 20.97
CA THR B 668 39.47 7.21 21.39
C THR B 668 40.30 6.73 22.58
N LYS B 669 39.66 6.09 23.58
CA LYS B 669 40.43 5.67 24.75
C LYS B 669 41.40 4.53 24.42
N THR B 670 40.96 3.57 23.60
CA THR B 670 41.87 2.50 23.20
C THR B 670 43.04 3.05 22.39
N ASN B 671 42.77 4.01 21.50
CA ASN B 671 43.85 4.64 20.75
C ASN B 671 44.85 5.33 21.66
N ARG B 672 44.35 6.01 22.70
CA ARG B 672 45.25 6.67 23.64
C ARG B 672 46.19 5.66 24.30
N ILE B 673 45.62 4.57 24.82
CA ILE B 673 46.46 3.56 25.48
C ILE B 673 47.49 3.00 24.52
N HIS B 674 47.06 2.69 23.29
CA HIS B 674 47.98 2.12 22.31
C HIS B 674 49.12 3.07 22.00
N ARG B 675 48.82 4.34 21.76
CA ARG B 675 49.89 5.28 21.42
C ARG B 675 50.86 5.46 22.59
N ILE B 676 50.34 5.54 23.82
CA ILE B 676 51.22 5.70 24.97
C ILE B 676 52.18 4.51 25.06
N PHE B 677 51.65 3.30 25.03
CA PHE B 677 52.50 2.13 25.23
C PHE B 677 53.36 1.82 24.01
N GLU B 678 53.04 2.37 22.84
CA GLU B 678 53.86 2.13 21.67
C GLU B 678 55.02 3.11 21.60
N GLN B 679 54.75 4.40 21.78
CA GLN B 679 55.83 5.37 21.70
C GLN B 679 56.64 5.44 22.99
N GLY B 680 56.17 4.82 24.07
CA GLY B 680 56.98 4.75 25.27
C GLY B 680 58.29 4.01 25.10
N LYS B 681 58.40 3.17 24.07
CA LYS B 681 59.61 2.42 23.80
C LYS B 681 60.59 3.13 22.88
N LYS B 682 60.27 4.32 22.38
CA LYS B 682 61.05 4.96 21.34
C LYS B 682 61.45 6.39 21.65
N SER B 683 60.68 7.13 22.45
CA SER B 683 61.02 8.51 22.75
C SER B 683 60.56 8.84 24.16
N VAL B 684 61.30 9.75 24.80
CA VAL B 684 60.90 10.22 26.13
C VAL B 684 59.68 11.10 26.04
N THR B 685 59.60 11.94 25.02
CA THR B 685 58.50 12.90 24.89
C THR B 685 57.17 12.18 24.81
N ALA B 686 56.20 12.68 25.56
CA ALA B 686 54.86 12.11 25.53
C ALA B 686 54.23 12.32 24.15
N PRO B 687 53.40 11.38 23.70
CA PRO B 687 52.69 11.59 22.44
C PRO B 687 51.75 12.78 22.55
N LYS B 688 51.54 13.45 21.42
CA LYS B 688 50.67 14.61 21.42
C LYS B 688 49.21 14.22 21.59
N PHE B 689 48.45 15.11 22.23
CA PHE B 689 46.99 15.00 22.36
C PHE B 689 46.60 13.74 23.16
N ILE B 690 47.10 13.67 24.38
CA ILE B 690 46.67 12.66 25.35
C ILE B 690 46.30 13.40 26.64
N SER B 691 45.05 13.80 26.74
CA SER B 691 44.56 14.65 27.82
C SER B 691 43.05 14.75 27.70
N PRO B 692 42.33 14.92 28.81
CA PRO B 692 40.86 14.88 28.73
C PRO B 692 40.26 15.84 27.71
N ALA B 693 40.80 17.06 27.61
CA ALA B 693 40.26 18.04 26.67
C ALA B 693 40.39 17.56 25.22
N SER B 694 41.59 17.11 24.83
CA SER B 694 41.81 16.69 23.45
C SER B 694 40.99 15.45 23.11
N GLN B 695 40.90 14.49 24.04
CA GLN B 695 40.11 13.30 23.81
C GLN B 695 38.63 13.64 23.64
N LEU B 696 38.12 14.55 24.46
CA LEU B 696 36.72 14.97 24.29
C LEU B 696 36.52 15.66 22.95
N VAL B 697 37.49 16.48 22.53
CA VAL B 697 37.38 17.15 21.23
C VAL B 697 37.29 16.12 20.11
N ILE B 698 38.13 15.10 20.16
CA ILE B 698 38.12 14.07 19.12
C ILE B 698 36.79 13.33 19.11
N THR B 699 36.31 12.93 20.30
CA THR B 699 35.07 12.18 20.38
C THR B 699 33.90 12.98 19.81
N PHE B 700 33.81 14.26 20.17
CA PHE B 700 32.69 15.05 19.71
C PHE B 700 32.82 15.47 18.26
N SER B 701 34.03 15.49 17.69
CA SER B 701 34.15 15.64 16.24
C SER B 701 33.59 14.43 15.50
N LEU B 702 33.95 13.24 15.95
CA LEU B 702 33.42 12.03 15.34
C LEU B 702 31.89 11.95 15.48
N ILE B 703 31.35 12.47 16.60
CA ILE B 703 29.89 12.55 16.72
C ILE B 703 29.31 13.61 15.77
N SER B 704 30.04 14.72 15.59
CA SER B 704 29.57 15.79 14.72
C SER B 704 29.41 15.32 13.29
N VAL B 705 30.21 14.32 12.88
CA VAL B 705 30.02 13.76 11.54
C VAL B 705 28.60 13.24 11.36
N GLN B 706 28.13 12.42 12.31
CA GLN B 706 26.78 11.88 12.26
C GLN B 706 25.74 12.98 12.36
N LEU B 707 26.00 13.99 13.20
CA LEU B 707 25.04 15.09 13.34
C LEU B 707 24.85 15.83 12.03
N LEU B 708 25.95 16.14 11.32
CA LEU B 708 25.82 16.80 10.03
C LEU B 708 25.13 15.92 9.00
N GLY B 709 25.40 14.62 9.00
CA GLY B 709 24.67 13.73 8.12
C GLY B 709 23.17 13.77 8.35
N VAL B 710 22.77 13.77 9.62
CA VAL B 710 21.35 13.86 9.96
C VAL B 710 20.77 15.18 9.49
N PHE B 711 21.57 16.26 9.59
CA PHE B 711 21.10 17.55 9.10
C PHE B 711 20.83 17.51 7.60
N VAL B 712 21.73 16.92 6.83
CA VAL B 712 21.52 16.81 5.39
C VAL B 712 20.28 15.97 5.10
N TRP B 713 20.08 14.90 5.86
CA TRP B 713 18.88 14.08 5.70
C TRP B 713 17.62 14.90 5.93
N PHE B 714 17.61 15.72 6.99
CA PHE B 714 16.45 16.57 7.25
C PHE B 714 16.20 17.53 6.11
N VAL B 715 17.27 18.12 5.55
CA VAL B 715 17.11 19.09 4.49
C VAL B 715 16.52 18.45 3.24
N VAL B 716 17.02 17.26 2.86
CA VAL B 716 16.57 16.65 1.62
C VAL B 716 15.07 16.32 1.69
N ASP B 717 14.64 15.70 2.79
CA ASP B 717 13.21 15.47 2.98
C ASP B 717 12.74 15.77 4.41
N PRO B 718 11.86 16.73 4.58
CA PRO B 718 11.39 17.09 5.92
C PRO B 718 10.46 16.04 6.48
N PRO B 719 10.28 15.99 7.80
CA PRO B 719 9.36 15.03 8.39
C PRO B 719 7.91 15.33 8.03
N HIS B 720 7.10 14.26 8.01
CA HIS B 720 5.66 14.36 7.82
C HIS B 720 5.02 13.05 8.27
N ILE B 721 3.70 13.09 8.42
CA ILE B 721 2.93 11.96 8.92
C ILE B 721 2.02 11.45 7.82
N ILE B 722 1.68 10.16 7.88
CA ILE B 722 0.80 9.56 6.89
C ILE B 722 -0.19 8.62 7.56
N ILE B 723 -1.31 8.38 6.89
CA ILE B 723 -2.26 7.34 7.25
C ILE B 723 -2.30 6.37 6.06
N ASP B 724 -1.68 5.21 6.23
CA ASP B 724 -1.68 4.20 5.19
C ASP B 724 -2.96 3.39 5.30
N TYR B 725 -3.64 3.22 4.16
CA TYR B 725 -4.86 2.42 4.08
C TYR B 725 -4.70 1.22 3.17
N GLY B 726 -3.61 1.11 2.43
CA GLY B 726 -3.40 0.02 1.50
C GLY B 726 -2.69 -1.14 2.14
N GLU B 727 -2.71 -2.28 1.44
CA GLU B 727 -2.04 -3.51 1.84
C GLU B 727 -2.72 -4.12 3.06
N GLN B 728 -3.65 -3.38 3.66
CA GLN B 728 -4.41 -3.86 4.81
C GLN B 728 -5.90 -3.84 4.56
N ARG B 729 -6.34 -3.49 3.35
CA ARG B 729 -7.76 -3.46 3.03
C ARG B 729 -8.30 -4.88 2.92
N THR B 730 -8.89 -5.38 3.99
CA THR B 730 -9.43 -6.74 3.99
C THR B 730 -10.59 -6.84 3.01
N LEU B 731 -10.79 -8.04 2.47
CA LEU B 731 -11.85 -8.26 1.50
C LEU B 731 -13.20 -7.79 2.03
N ASP B 732 -13.45 -8.01 3.30
CA ASP B 732 -14.69 -7.41 3.78
C ASP B 732 -14.39 -6.08 4.48
N PRO B 733 -15.28 -5.10 4.30
CA PRO B 733 -15.09 -3.82 4.99
C PRO B 733 -14.97 -3.95 6.50
N GLU B 734 -15.39 -5.09 7.08
CA GLU B 734 -15.44 -5.21 8.53
C GLU B 734 -14.06 -5.14 9.15
N LYS B 735 -13.06 -5.73 8.50
CA LYS B 735 -11.72 -5.85 9.08
C LYS B 735 -10.76 -4.76 8.60
N ALA B 736 -11.23 -3.79 7.82
CA ALA B 736 -10.35 -2.76 7.31
C ALA B 736 -9.95 -1.78 8.39
N ARG B 737 -8.68 -1.39 8.40
CA ARG B 737 -8.16 -0.45 9.37
C ARG B 737 -7.10 0.43 8.70
N GLY B 738 -6.89 1.62 9.28
CA GLY B 738 -5.84 2.51 8.83
C GLY B 738 -4.68 2.56 9.80
N VAL B 739 -3.50 2.94 9.32
CA VAL B 739 -2.28 2.89 10.14
C VAL B 739 -1.62 4.27 10.13
N LEU B 740 -1.46 4.86 11.31
CA LEU B 740 -0.67 6.08 11.48
C LEU B 740 0.81 5.76 11.41
N LYS B 741 1.55 6.52 10.60
CA LYS B 741 2.98 6.27 10.44
C LYS B 741 3.75 7.57 10.29
N CYS B 742 4.99 7.56 10.77
CA CYS B 742 6.00 8.51 10.32
C CYS B 742 6.34 8.14 8.88
N ASP B 743 5.99 9.02 7.94
CA ASP B 743 6.07 8.65 6.54
C ASP B 743 7.50 8.57 6.04
N ILE B 744 8.27 7.61 6.57
CA ILE B 744 9.60 7.30 6.09
C ILE B 744 9.74 5.79 6.05
N SER B 745 10.70 5.32 5.26
CA SER B 745 10.94 3.89 5.15
C SER B 745 11.90 3.42 6.24
N ASP B 746 11.82 2.11 6.53
CA ASP B 746 12.69 1.53 7.56
C ASP B 746 14.12 1.39 7.08
N LEU B 747 14.31 1.24 5.77
CA LEU B 747 15.65 1.17 5.22
C LEU B 747 16.47 2.38 5.59
N SER B 748 15.82 3.55 5.72
CA SER B 748 16.53 4.76 6.10
C SER B 748 17.15 4.66 7.49
N LEU B 749 16.38 4.15 8.47
CA LEU B 749 16.91 4.00 9.82
C LEU B 749 17.99 2.92 9.88
N ILE B 750 17.74 1.79 9.22
CA ILE B 750 18.74 0.74 9.20
C ILE B 750 20.03 1.24 8.56
N CYS B 751 19.93 2.20 7.66
CA CYS B 751 21.12 2.86 7.12
C CYS B 751 21.69 3.86 8.11
N SER B 752 20.83 4.45 8.96
CA SER B 752 21.31 5.42 9.94
C SER B 752 22.26 4.79 10.94
N LEU B 753 22.16 3.48 11.15
CA LEU B 753 23.07 2.83 12.11
C LEU B 753 24.46 2.46 11.52
N GLY B 754 24.70 2.76 10.24
CA GLY B 754 25.90 2.26 9.58
C GLY B 754 27.20 2.84 10.12
N TYR B 755 27.23 4.15 10.32
CA TYR B 755 28.46 4.81 10.79
C TYR B 755 28.85 4.29 12.16
N SER B 756 27.86 4.00 13.01
CA SER B 756 28.14 3.37 14.29
C SER B 756 28.75 1.99 14.11
N ILE B 757 28.25 1.21 13.14
CA ILE B 757 28.86 -0.09 12.87
C ILE B 757 30.33 0.07 12.48
N LEU B 758 30.63 1.04 11.61
CA LEU B 758 32.03 1.27 11.22
C LEU B 758 32.90 1.64 12.42
N LEU B 759 32.38 2.47 13.31
CA LEU B 759 33.15 2.81 14.51
C LEU B 759 33.44 1.58 15.35
N MET B 760 32.47 0.67 15.44
CA MET B 760 32.71 -0.59 16.16
C MET B 760 33.85 -1.38 15.52
N VAL B 761 33.86 -1.45 14.19
CA VAL B 761 34.93 -2.19 13.51
C VAL B 761 36.29 -1.57 13.81
N THR B 762 36.38 -0.24 13.78
CA THR B 762 37.66 0.41 14.08
C THR B 762 38.09 0.17 15.53
N CYS B 763 37.12 0.14 16.45
CA CYS B 763 37.44 -0.24 17.83
C CYS B 763 38.05 -1.63 17.89
N THR B 764 37.51 -2.56 17.10
CA THR B 764 38.10 -3.90 17.03
C THR B 764 39.54 -3.86 16.54
N VAL B 765 39.80 -3.06 15.51
CA VAL B 765 41.17 -2.93 14.99
C VAL B 765 42.12 -2.51 16.11
N TYR B 766 41.74 -1.47 16.85
CA TYR B 766 42.66 -0.98 17.88
C TYR B 766 42.76 -1.94 19.06
N ALA B 767 41.69 -2.66 19.37
CA ALA B 767 41.76 -3.69 20.41
C ALA B 767 42.74 -4.78 20.03
N ILE B 768 42.74 -5.19 18.77
CA ILE B 768 43.76 -6.14 18.30
C ILE B 768 45.15 -5.54 18.45
N LYS B 769 45.31 -4.27 18.09
CA LYS B 769 46.63 -3.65 18.17
C LYS B 769 47.14 -3.57 19.62
N THR B 770 46.25 -3.48 20.60
CA THR B 770 46.65 -3.28 21.99
C THR B 770 46.64 -4.56 22.82
N ARG B 771 46.90 -5.72 22.20
CA ARG B 771 46.75 -6.98 22.90
C ARG B 771 47.80 -7.17 23.99
N GLY B 772 49.05 -6.78 23.73
CA GLY B 772 50.07 -6.90 24.75
C GLY B 772 50.26 -5.64 25.57
N VAL B 773 49.59 -5.57 26.70
CA VAL B 773 49.54 -4.39 27.58
C VAL B 773 49.37 -4.92 29.00
N PRO B 774 49.94 -4.28 30.02
CA PRO B 774 49.72 -4.73 31.40
C PRO B 774 48.24 -4.89 31.72
N GLU B 775 47.97 -5.76 32.68
CA GLU B 775 46.60 -6.20 32.95
C GLU B 775 45.69 -5.06 33.39
N THR B 776 46.26 -3.96 33.90
CA THR B 776 45.42 -2.85 34.34
C THR B 776 44.78 -2.13 33.17
N PHE B 777 45.47 -2.06 32.03
CA PHE B 777 45.02 -1.28 30.89
C PHE B 777 44.62 -2.14 29.70
N ASN B 778 44.49 -3.45 29.88
CA ASN B 778 44.14 -4.36 28.79
C ASN B 778 42.65 -4.64 28.82
N GLU B 779 41.99 -4.45 27.68
CA GLU B 779 40.56 -4.71 27.54
C GLU B 779 40.26 -5.38 26.20
N ALA B 780 41.19 -6.18 25.68
CA ALA B 780 41.02 -6.79 24.37
C ALA B 780 39.86 -7.78 24.36
N LYS B 781 39.84 -8.69 25.32
CA LYS B 781 38.80 -9.72 25.37
C LYS B 781 37.40 -9.14 25.57
N PRO B 782 37.16 -8.23 26.52
CA PRO B 782 35.82 -7.65 26.62
C PRO B 782 35.38 -6.92 25.36
N ILE B 783 36.28 -6.22 24.69
CA ILE B 783 35.92 -5.51 23.47
C ILE B 783 35.56 -6.50 22.37
N GLY B 784 36.35 -7.57 22.22
CA GLY B 784 36.03 -8.57 21.23
C GLY B 784 34.69 -9.24 21.50
N PHE B 785 34.43 -9.60 22.75
CA PHE B 785 33.14 -10.20 23.09
C PHE B 785 31.98 -9.25 22.82
N THR B 786 32.15 -7.97 23.17
CA THR B 786 31.11 -6.99 22.92
C THR B 786 30.80 -6.88 21.44
N MET B 787 31.83 -6.76 20.60
CA MET B 787 31.60 -6.68 19.16
C MET B 787 30.90 -7.92 18.65
N TYR B 788 31.36 -9.10 19.07
CA TYR B 788 30.80 -10.33 18.55
C TYR B 788 29.32 -10.43 18.89
N THR B 789 28.96 -10.16 20.15
CA THR B 789 27.58 -10.28 20.56
C THR B 789 26.68 -9.24 19.89
N THR B 790 27.16 -7.99 19.76
CA THR B 790 26.35 -6.98 19.10
C THR B 790 26.13 -7.30 17.63
N CYS B 791 27.17 -7.78 16.95
CA CYS B 791 27.03 -8.16 15.55
C CYS B 791 26.02 -9.30 15.39
N ILE B 792 26.07 -10.28 16.29
CA ILE B 792 25.09 -11.37 16.22
C ILE B 792 23.68 -10.83 16.43
N ILE B 793 23.51 -9.92 17.38
CA ILE B 793 22.18 -9.36 17.65
C ILE B 793 21.63 -8.66 16.41
N TRP B 794 22.45 -7.84 15.74
CA TRP B 794 21.92 -7.08 14.61
C TRP B 794 21.71 -7.95 13.37
N LEU B 795 22.59 -8.92 13.15
CA LEU B 795 22.37 -9.88 12.08
C LEU B 795 21.12 -10.71 12.31
N ALA B 796 20.75 -10.94 13.57
CA ALA B 796 19.48 -11.58 13.86
C ALA B 796 18.32 -10.62 13.68
N PHE B 797 18.54 -9.33 13.96
CA PHE B 797 17.47 -8.34 13.83
C PHE B 797 17.00 -8.21 12.40
N ILE B 798 17.94 -8.20 11.45
CA ILE B 798 17.58 -7.89 10.06
C ILE B 798 16.47 -8.80 9.50
N PRO B 799 16.57 -10.13 9.60
CA PRO B 799 15.50 -10.95 9.00
C PRO B 799 14.18 -10.90 9.74
N ILE B 800 14.19 -10.80 11.06
CA ILE B 800 12.93 -10.69 11.80
C ILE B 800 12.22 -9.38 11.48
N PHE B 801 12.99 -8.31 11.28
CA PHE B 801 12.40 -7.00 11.04
C PHE B 801 11.91 -6.85 9.60
N PHE B 802 12.75 -7.17 8.62
CA PHE B 802 12.38 -6.90 7.24
C PHE B 802 11.48 -7.97 6.64
N GLY B 803 11.31 -9.10 7.29
CA GLY B 803 10.37 -10.10 6.83
C GLY B 803 9.33 -10.42 7.88
N THR B 804 8.09 -10.04 7.62
CA THR B 804 7.02 -10.16 8.60
C THR B 804 5.75 -10.56 7.86
N ALA B 805 4.75 -11.02 8.62
CA ALA B 805 3.50 -11.57 8.11
C ALA B 805 2.63 -10.54 7.40
N GLN B 806 3.11 -9.31 7.21
CA GLN B 806 2.40 -8.23 6.52
C GLN B 806 0.92 -8.19 6.89
N SER B 807 0.63 -8.29 8.18
CA SER B 807 -0.73 -8.33 8.72
C SER B 807 -0.94 -7.14 9.66
N ALA B 808 -2.05 -7.17 10.38
CA ALA B 808 -2.42 -6.04 11.23
C ALA B 808 -1.40 -5.82 12.34
N GLU B 809 -0.81 -6.90 12.86
CA GLU B 809 0.11 -6.81 13.99
C GLU B 809 1.55 -6.54 13.56
N LYS B 810 1.75 -5.95 12.38
CA LYS B 810 3.11 -5.73 11.89
C LYS B 810 3.81 -4.63 12.67
N MET B 811 3.09 -3.54 12.98
CA MET B 811 3.69 -2.44 13.73
C MET B 811 4.11 -2.90 15.13
N TYR B 812 3.26 -3.68 15.79
CA TYR B 812 3.60 -4.24 17.09
C TYR B 812 4.90 -5.01 17.03
N ILE B 813 4.99 -5.94 16.08
CA ILE B 813 6.15 -6.82 15.99
C ILE B 813 7.41 -6.02 15.72
N GLN B 814 7.33 -5.10 14.76
CA GLN B 814 8.51 -4.33 14.39
C GLN B 814 8.99 -3.45 15.52
N THR B 815 8.06 -2.78 16.22
CA THR B 815 8.46 -1.94 17.34
C THR B 815 9.11 -2.74 18.46
N THR B 816 8.49 -3.87 18.83
CA THR B 816 9.05 -4.68 19.91
C THR B 816 10.41 -5.22 19.54
N THR B 817 10.57 -5.70 18.31
CA THR B 817 11.86 -6.22 17.86
C THR B 817 12.94 -5.15 17.93
N LEU B 818 12.67 -3.96 17.39
CA LEU B 818 13.66 -2.89 17.41
C LEU B 818 14.06 -2.52 18.84
N THR B 819 13.06 -2.30 19.70
CA THR B 819 13.37 -1.84 21.05
C THR B 819 14.15 -2.88 21.84
N VAL B 820 13.75 -4.16 21.71
CA VAL B 820 14.45 -5.21 22.45
C VAL B 820 15.87 -5.37 21.94
N SER B 821 16.08 -5.28 20.62
CA SER B 821 17.44 -5.38 20.09
C SER B 821 18.33 -4.26 20.62
N MET B 822 17.82 -3.03 20.62
CA MET B 822 18.63 -1.90 21.06
C MET B 822 18.97 -2.04 22.54
N SER B 823 17.97 -2.41 23.35
CA SER B 823 18.20 -2.60 24.78
C SER B 823 19.20 -3.72 25.04
N LEU B 824 19.11 -4.83 24.29
CA LEU B 824 20.03 -5.93 24.48
C LEU B 824 21.45 -5.51 24.18
N SER B 825 21.66 -4.74 23.11
CA SER B 825 23.00 -4.27 22.79
C SER B 825 23.56 -3.38 23.92
N ALA B 826 22.72 -2.47 24.42
CA ALA B 826 23.16 -1.61 25.51
C ALA B 826 23.52 -2.41 26.76
N SER B 827 22.70 -3.40 27.10
CA SER B 827 22.96 -4.22 28.28
C SER B 827 24.23 -5.05 28.12
N VAL B 828 24.48 -5.56 26.92
CA VAL B 828 25.71 -6.32 26.70
C VAL B 828 26.94 -5.43 26.91
N SER B 829 26.91 -4.21 26.36
CA SER B 829 28.04 -3.32 26.57
C SER B 829 28.25 -3.02 28.05
N LEU B 830 27.16 -2.69 28.75
CA LEU B 830 27.26 -2.34 30.17
C LEU B 830 27.79 -3.52 30.98
N GLY B 831 27.31 -4.73 30.70
CA GLY B 831 27.75 -5.89 31.45
C GLY B 831 29.19 -6.27 31.19
N MET B 832 29.62 -6.21 29.93
CA MET B 832 30.97 -6.66 29.61
C MET B 832 32.04 -5.61 29.85
N LEU B 833 31.67 -4.34 30.05
CA LEU B 833 32.70 -3.34 30.27
C LEU B 833 32.74 -2.75 31.67
N TYR B 834 31.65 -2.81 32.45
CA TYR B 834 31.61 -2.05 33.69
C TYR B 834 31.21 -2.85 34.92
N MET B 835 30.38 -3.89 34.76
CA MET B 835 29.89 -4.63 35.90
C MET B 835 30.98 -5.30 36.73
N PRO B 836 31.97 -5.99 36.14
CA PRO B 836 33.04 -6.58 36.98
C PRO B 836 33.78 -5.56 37.84
N LYS B 837 34.09 -4.39 37.29
CA LYS B 837 34.81 -3.39 38.07
C LYS B 837 33.97 -2.89 39.24
N VAL B 838 32.68 -2.64 39.01
CA VAL B 838 31.80 -2.21 40.09
C VAL B 838 31.69 -3.30 41.15
N TYR B 839 31.62 -4.57 40.72
CA TYR B 839 31.57 -5.67 41.67
C TYR B 839 32.80 -5.69 42.56
N ILE B 840 33.99 -5.55 41.96
CA ILE B 840 35.21 -5.54 42.76
C ILE B 840 35.25 -4.34 43.69
N ILE B 841 34.84 -3.17 43.20
CA ILE B 841 34.92 -1.96 44.00
C ILE B 841 34.00 -2.04 45.21
N ILE B 842 32.78 -2.53 45.02
CA ILE B 842 31.82 -2.55 46.12
C ILE B 842 32.10 -3.71 47.08
N PHE B 843 32.29 -4.92 46.55
CA PHE B 843 32.34 -6.10 47.39
C PHE B 843 33.73 -6.54 47.79
N HIS B 844 34.78 -6.05 47.12
CA HIS B 844 36.16 -6.40 47.45
C HIS B 844 37.00 -5.13 47.53
N PRO B 845 36.82 -4.33 48.60
CA PRO B 845 37.62 -3.09 48.75
C PRO B 845 39.03 -3.36 49.26
N GLU B 846 39.68 -4.37 48.68
CA GLU B 846 41.07 -4.68 48.97
C GLU B 846 41.91 -4.86 47.72
N GLN B 847 41.30 -5.11 46.57
CA GLN B 847 42.00 -5.19 45.30
C GLN B 847 42.04 -3.86 44.58
N ASN B 848 41.40 -2.83 45.13
CA ASN B 848 41.46 -1.49 44.55
C ASN B 848 42.70 -0.73 45.03
N VAL B 849 43.85 -1.37 44.84
CA VAL B 849 45.15 -0.79 45.19
C VAL B 849 46.09 -1.02 44.02
N GLN B 850 46.97 -0.05 43.76
CA GLN B 850 47.90 -0.15 42.64
C GLN B 850 48.89 -1.28 42.84
N LEU C 5 59.79 50.65 8.59
CA LEU C 5 60.92 49.79 8.90
C LEU C 5 61.91 49.76 7.75
N SER C 6 63.17 50.06 8.06
CA SER C 6 64.20 50.11 7.03
C SER C 6 64.54 48.71 6.53
N ALA C 7 65.25 48.68 5.39
CA ALA C 7 65.66 47.40 4.81
C ALA C 7 66.60 46.65 5.74
N GLU C 8 67.48 47.38 6.42
CA GLU C 8 68.42 46.76 7.35
C GLU C 8 67.67 46.07 8.50
N ASP C 9 66.62 46.72 9.00
CA ASP C 9 65.81 46.10 10.06
C ASP C 9 65.12 44.85 9.54
N LYS C 10 64.67 44.86 8.29
CA LYS C 10 64.05 43.68 7.71
C LYS C 10 65.05 42.53 7.63
N ALA C 11 66.29 42.83 7.23
CA ALA C 11 67.33 41.80 7.23
C ALA C 11 67.56 41.27 8.64
N ALA C 12 67.54 42.16 9.63
CA ALA C 12 67.73 41.73 11.01
C ALA C 12 66.63 40.78 11.46
N VAL C 13 65.38 41.10 11.13
CA VAL C 13 64.26 40.23 11.52
C VAL C 13 64.34 38.89 10.80
N GLU C 14 64.78 38.90 9.53
CA GLU C 14 65.00 37.65 8.82
C GLU C 14 66.02 36.77 9.53
N ARG C 15 67.16 37.36 9.91
CA ARG C 15 68.18 36.61 10.63
C ARG C 15 67.67 36.06 11.95
N SER C 16 66.89 36.87 12.67
CA SER C 16 66.33 36.42 13.95
C SER C 16 65.38 35.25 13.75
N LYS C 17 64.59 35.27 12.67
CA LYS C 17 63.68 34.15 12.41
C LYS C 17 64.46 32.88 12.08
N MET C 18 65.54 33.00 11.32
CA MET C 18 66.39 31.83 11.08
C MET C 18 66.92 31.25 12.39
N ILE C 19 67.36 32.12 13.30
CA ILE C 19 67.90 31.66 14.57
C ILE C 19 66.81 30.95 15.39
N ASP C 20 65.60 31.51 15.39
CA ASP C 20 64.50 30.86 16.11
C ASP C 20 64.20 29.48 15.56
N ARG C 21 64.18 29.35 14.23
CA ARG C 21 63.94 28.05 13.62
C ARG C 21 64.99 27.04 14.03
N ASN C 22 66.27 27.46 13.99
CA ASN C 22 67.35 26.56 14.39
C ASN C 22 67.21 26.12 15.85
N LEU C 23 66.87 27.07 16.73
CA LEU C 23 66.73 26.74 18.14
C LEU C 23 65.59 25.76 18.38
N ARG C 24 64.47 25.96 17.67
CA ARG C 24 63.35 25.04 17.82
C ARG C 24 63.71 23.63 17.37
N GLU C 25 64.41 23.51 16.25
CA GLU C 25 64.84 22.20 15.78
C GLU C 25 65.77 21.53 16.79
N ASP C 26 66.74 22.28 17.32
CA ASP C 26 67.67 21.72 18.28
C ASP C 26 66.97 21.28 19.55
N GLY C 27 66.01 22.07 20.02
CA GLY C 27 65.27 21.69 21.22
C GLY C 27 64.43 20.44 21.03
N GLU C 28 63.75 20.33 19.88
CA GLU C 28 63.00 19.12 19.61
C GLU C 28 63.92 17.91 19.55
N LYS C 29 65.10 18.06 18.96
CA LYS C 29 66.06 16.95 18.94
C LYS C 29 66.49 16.58 20.35
N ALA C 30 66.76 17.57 21.19
CA ALA C 30 67.28 17.29 22.52
C ALA C 30 66.20 16.76 23.47
N ALA C 31 64.92 16.95 23.15
CA ALA C 31 63.87 16.53 24.07
C ALA C 31 63.64 15.03 24.08
N ARG C 32 64.21 14.28 23.13
CA ARG C 32 63.90 12.87 22.94
C ARG C 32 65.00 11.94 23.44
N GLU C 33 65.89 12.42 24.30
CA GLU C 33 67.02 11.63 24.77
C GLU C 33 66.88 11.34 26.26
N VAL C 34 67.30 10.14 26.66
CA VAL C 34 67.27 9.75 28.07
C VAL C 34 68.51 10.29 28.76
N LYS C 35 68.30 11.03 29.85
CA LYS C 35 69.38 11.60 30.64
C LYS C 35 69.50 10.83 31.94
N LEU C 36 70.70 10.30 32.20
CA LEU C 36 70.95 9.48 33.38
C LEU C 36 72.04 10.12 34.22
N LEU C 37 71.85 10.09 35.54
CA LEU C 37 72.86 10.52 36.49
C LEU C 37 73.46 9.28 37.14
N LEU C 38 74.76 9.08 36.93
CA LEU C 38 75.46 7.92 37.47
C LEU C 38 76.15 8.32 38.77
N LEU C 39 75.66 7.78 39.89
CA LEU C 39 76.22 8.04 41.20
C LEU C 39 76.76 6.75 41.78
N GLY C 40 77.69 6.88 42.72
CA GLY C 40 78.21 5.71 43.41
C GLY C 40 79.52 6.04 44.10
N ALA C 41 80.04 5.05 44.80
CA ALA C 41 81.36 5.17 45.39
C ALA C 41 82.44 5.11 44.32
N GLY C 42 83.63 5.59 44.67
CA GLY C 42 84.73 5.61 43.71
C GLY C 42 85.15 4.21 43.27
N GLU C 43 85.20 3.27 44.20
CA GLU C 43 85.61 1.91 43.93
C GLU C 43 84.43 0.94 43.84
N SER C 44 83.23 1.44 43.58
CA SER C 44 82.02 0.64 43.55
C SER C 44 81.77 -0.02 42.20
N GLY C 45 82.79 -0.11 41.36
CA GLY C 45 82.61 -0.71 40.05
C GLY C 45 81.93 0.17 39.03
N LYS C 46 82.04 1.49 39.18
CA LYS C 46 81.44 2.40 38.20
C LYS C 46 82.11 2.27 36.84
N ASN C 47 83.43 2.08 36.82
CA ASN C 47 84.17 2.06 35.55
C ASN C 47 83.75 0.88 34.69
N THR C 48 83.62 -0.30 35.29
CA THR C 48 83.24 -1.48 34.51
C THR C 48 81.84 -1.33 33.93
N ILE C 49 80.90 -0.80 34.72
CA ILE C 49 79.54 -0.59 34.25
C ILE C 49 79.53 0.43 33.13
N VAL C 50 80.34 1.49 33.26
CA VAL C 50 80.47 2.47 32.19
C VAL C 50 80.98 1.80 30.91
N LYS C 51 81.97 0.92 31.05
CA LYS C 51 82.53 0.23 29.90
C LYS C 51 81.49 -0.65 29.21
N GLN C 52 80.67 -1.35 30.00
CA GLN C 52 79.71 -2.28 29.40
C GLN C 52 78.37 -1.62 29.04
N MET C 53 78.16 -0.35 29.39
CA MET C 53 77.06 0.41 28.78
C MET C 53 77.37 0.77 27.33
N LYS C 54 78.57 1.27 27.07
CA LYS C 54 78.94 1.78 25.76
C LYS C 54 79.77 0.71 25.04
N ILE C 55 79.18 0.11 24.01
CA ILE C 55 79.86 -0.93 23.24
C ILE C 55 79.96 -0.52 21.78
N GLY C 183 86.14 17.45 35.41
CA GLY C 183 84.76 17.67 35.77
C GLY C 183 83.83 16.53 35.39
N ILE C 184 82.73 16.87 34.74
CA ILE C 184 81.73 15.88 34.34
C ILE C 184 82.23 15.15 33.10
N VAL C 185 82.01 13.83 33.06
CA VAL C 185 82.30 13.00 31.90
C VAL C 185 80.98 12.52 31.32
N GLU C 186 80.81 12.70 30.01
CA GLU C 186 79.58 12.38 29.31
C GLU C 186 79.80 11.23 28.34
N THR C 187 78.84 10.31 28.26
CA THR C 187 78.97 9.09 27.46
C THR C 187 77.66 8.80 26.74
N HIS C 188 77.59 9.18 25.46
CA HIS C 188 76.41 8.90 24.65
C HIS C 188 76.41 7.45 24.18
N PHE C 189 75.24 6.81 24.25
CA PHE C 189 75.11 5.47 23.72
C PHE C 189 73.67 5.18 23.36
N THR C 190 73.47 4.30 22.37
CA THR C 190 72.16 4.01 21.82
C THR C 190 71.82 2.53 21.99
N PHE C 191 70.56 2.26 22.31
CA PHE C 191 70.05 0.90 22.38
C PHE C 191 68.66 0.85 21.77
N LYS C 192 68.46 -0.09 20.85
CA LYS C 192 67.19 -0.35 20.17
C LYS C 192 66.46 0.94 19.81
N ASP C 193 67.13 1.75 18.99
CA ASP C 193 66.58 3.00 18.47
C ASP C 193 66.18 3.97 19.58
N LEU C 194 66.99 4.05 20.63
CA LEU C 194 66.75 5.03 21.69
C LEU C 194 68.11 5.51 22.18
N HIS C 195 68.17 6.76 22.62
CA HIS C 195 69.43 7.44 22.92
C HIS C 195 69.57 7.72 24.41
N PHE C 196 70.81 7.65 24.91
CA PHE C 196 71.14 7.96 26.29
C PHE C 196 72.41 8.81 26.33
N LYS C 197 72.52 9.64 27.37
CA LYS C 197 73.66 10.53 27.56
C LYS C 197 74.52 10.19 28.77
N MET C 198 73.93 9.81 29.90
CA MET C 198 74.64 9.14 31.01
C MET C 198 75.79 10.00 31.56
N PHE C 199 75.42 11.06 32.26
CA PHE C 199 76.38 11.92 32.92
C PHE C 199 76.97 11.27 34.17
N ASP C 200 78.20 11.66 34.48
CA ASP C 200 78.97 11.14 35.62
C ASP C 200 79.65 12.29 36.34
N VAL C 201 79.53 12.30 37.67
CA VAL C 201 80.02 13.40 38.48
C VAL C 201 80.94 12.90 39.58
N GLY C 202 81.63 11.79 39.33
CA GLY C 202 82.48 11.20 40.36
C GLY C 202 83.63 12.10 40.75
N ALA C 203 84.28 12.72 39.78
CA ALA C 203 85.45 13.56 40.04
C ALA C 203 85.08 15.02 40.31
N GLN C 204 84.17 15.26 41.24
CA GLN C 204 83.72 16.61 41.60
C GLN C 204 83.77 16.73 43.13
N ARG C 205 84.93 17.11 43.65
CA ARG C 205 85.12 17.22 45.09
C ARG C 205 84.69 18.60 45.56
N SER C 206 83.42 18.74 45.93
CA SER C 206 82.88 20.00 46.43
C SER C 206 81.53 19.75 47.08
N GLU C 207 80.83 20.80 47.48
CA GLU C 207 79.53 20.66 48.13
C GLU C 207 78.49 20.26 47.10
N ARG C 208 77.85 19.11 47.33
CA ARG C 208 76.84 18.62 46.41
C ARG C 208 75.57 19.45 46.43
N LYS C 209 75.29 20.13 47.55
CA LYS C 209 74.10 20.95 47.65
C LYS C 209 74.12 22.12 46.69
N LYS C 210 75.30 22.55 46.24
CA LYS C 210 75.39 23.72 45.38
C LYS C 210 75.01 23.40 43.93
N TRP C 211 75.35 22.21 43.45
CA TRP C 211 75.12 21.88 42.04
C TRP C 211 74.17 20.71 41.84
N ILE C 212 73.57 20.17 42.90
CA ILE C 212 72.73 18.99 42.73
C ILE C 212 71.43 19.32 42.02
N HIS C 213 70.94 20.56 42.16
CA HIS C 213 69.66 20.93 41.55
C HIS C 213 69.75 21.03 40.03
N CYS C 214 70.94 21.02 39.46
CA CYS C 214 71.09 20.99 38.01
C CYS C 214 70.59 19.69 37.39
N PHE C 215 70.34 18.66 38.20
CA PHE C 215 69.93 17.36 37.72
C PHE C 215 68.52 17.02 38.17
N GLU C 216 67.68 18.04 38.38
CA GLU C 216 66.33 17.80 38.86
C GLU C 216 65.47 17.07 37.83
N GLY C 217 65.70 17.32 36.55
CA GLY C 217 64.84 16.77 35.52
C GLY C 217 65.38 15.55 34.79
N VAL C 218 66.34 14.84 35.37
CA VAL C 218 66.87 13.65 34.72
C VAL C 218 65.83 12.54 34.75
N THR C 219 65.99 11.58 33.84
CA THR C 219 65.03 10.49 33.73
C THR C 219 65.18 9.48 34.86
N ALA C 220 66.42 9.17 35.25
CA ALA C 220 66.65 8.16 36.27
C ALA C 220 68.03 8.39 36.91
N ILE C 221 68.24 7.71 38.03
CA ILE C 221 69.50 7.74 38.78
C ILE C 221 70.00 6.32 38.89
N ILE C 222 71.26 6.09 38.50
CA ILE C 222 71.91 4.80 38.63
C ILE C 222 72.86 4.85 39.82
N PHE C 223 72.76 3.88 40.72
CA PHE C 223 73.53 3.85 41.96
C PHE C 223 74.20 2.49 42.12
N CYS C 224 75.50 2.50 42.42
CA CYS C 224 76.30 1.29 42.59
C CYS C 224 76.70 1.11 44.05
N VAL C 225 76.85 -0.15 44.49
CA VAL C 225 77.02 -0.48 45.90
C VAL C 225 78.32 -1.24 46.18
N ALA C 226 78.65 -2.25 45.36
CA ALA C 226 79.83 -3.10 45.57
C ALA C 226 79.73 -3.89 46.87
N LEU C 227 78.84 -4.90 46.84
CA LEU C 227 78.60 -5.79 47.98
C LEU C 227 79.86 -6.29 48.67
N SER C 228 80.98 -6.39 47.97
CA SER C 228 82.21 -6.87 48.60
C SER C 228 82.91 -5.77 49.39
N ASP C 229 82.14 -5.09 50.24
CA ASP C 229 82.61 -3.97 51.04
C ASP C 229 82.13 -4.02 52.48
N TYR C 230 81.41 -5.06 52.88
CA TYR C 230 80.85 -5.13 54.22
C TYR C 230 81.89 -5.43 55.29
N ASP C 231 83.11 -5.80 54.91
CA ASP C 231 84.17 -6.11 55.86
C ASP C 231 85.39 -5.25 55.57
N LEU C 232 85.17 -3.97 55.30
CA LEU C 232 86.25 -3.06 54.94
C LEU C 232 85.98 -1.71 55.58
N VAL C 233 87.02 -0.86 55.59
CA VAL C 233 86.94 0.48 56.15
C VAL C 233 87.43 1.47 55.12
N LEU C 234 86.99 2.72 55.26
CA LEU C 234 87.20 3.74 54.24
C LEU C 234 87.53 5.08 54.88
N ALA C 235 88.15 5.95 54.08
CA ALA C 235 88.44 7.33 54.43
C ALA C 235 89.40 7.44 55.62
N GLU C 236 90.19 6.40 55.88
CA GLU C 236 91.17 6.37 56.96
C GLU C 236 90.53 6.62 58.33
N ASP C 237 89.21 6.53 58.43
CA ASP C 237 88.56 6.67 59.72
C ASP C 237 88.90 5.50 60.64
N GLU C 238 89.07 4.31 60.08
CA GLU C 238 89.50 3.09 60.76
C GLU C 238 88.41 2.53 61.65
N GLU C 239 87.32 3.29 61.85
CA GLU C 239 86.07 2.77 62.40
C GLU C 239 84.95 3.30 61.52
N MET C 240 84.77 2.64 60.36
CA MET C 240 83.65 2.93 59.47
C MET C 240 83.53 1.83 58.43
N ASN C 241 82.43 1.08 58.47
CA ASN C 241 82.21 0.09 57.42
C ASN C 241 81.88 0.81 56.11
N ARG C 242 82.46 0.34 55.02
CA ARG C 242 82.21 0.96 53.72
C ARG C 242 80.74 0.92 53.36
N MET C 243 80.08 -0.20 53.66
CA MET C 243 78.68 -0.34 53.29
C MET C 243 77.79 0.59 54.09
N HIS C 244 78.18 0.93 55.32
CA HIS C 244 77.44 1.94 56.08
C HIS C 244 77.53 3.30 55.41
N ALA C 245 78.69 3.67 54.89
CA ALA C 245 78.83 4.91 54.14
C ALA C 245 77.97 4.88 52.88
N SER C 246 77.94 3.73 52.18
CA SER C 246 77.09 3.62 51.01
C SER C 246 75.62 3.77 51.36
N MET C 247 75.18 3.19 52.49
CA MET C 247 73.80 3.34 52.92
C MET C 247 73.50 4.79 53.27
N LYS C 248 74.44 5.48 53.90
CA LYS C 248 74.23 6.89 54.22
C LYS C 248 74.07 7.73 52.96
N LEU C 249 74.92 7.49 51.96
CA LEU C 249 74.81 8.22 50.70
C LEU C 249 73.50 7.90 49.99
N PHE C 250 73.10 6.64 49.99
CA PHE C 250 71.83 6.24 49.39
C PHE C 250 70.66 6.90 50.09
N ASP C 251 70.72 6.98 51.42
CA ASP C 251 69.64 7.62 52.18
C ASP C 251 69.58 9.12 51.89
N SER C 252 70.73 9.76 51.76
CA SER C 252 70.74 11.18 51.43
C SER C 252 70.16 11.44 50.04
N ILE C 253 70.57 10.64 49.04
CA ILE C 253 70.13 10.87 47.67
C ILE C 253 68.66 10.51 47.49
N CYS C 254 68.21 9.42 48.10
CA CYS C 254 66.84 8.95 47.87
C CYS C 254 65.82 9.91 48.45
N ASN C 255 66.11 10.51 49.60
CA ASN C 255 65.18 11.41 50.28
C ASN C 255 65.56 12.88 50.14
N ASN C 256 66.08 13.26 48.98
CA ASN C 256 66.42 14.65 48.70
C ASN C 256 65.20 15.39 48.20
N LYS C 257 65.22 16.71 48.34
CA LYS C 257 64.08 17.52 47.95
C LYS C 257 63.94 17.63 46.43
N TRP C 258 65.04 17.53 45.69
CA TRP C 258 64.99 17.59 44.24
C TRP C 258 64.61 16.26 43.60
N PHE C 259 64.66 15.17 44.35
CA PHE C 259 64.38 13.83 43.83
C PHE C 259 63.27 13.22 44.69
N THR C 260 62.04 13.52 44.34
CA THR C 260 60.88 12.95 44.99
C THR C 260 60.09 12.02 44.09
N ASP C 261 60.27 12.13 42.78
CA ASP C 261 59.60 11.25 41.83
C ASP C 261 60.57 10.75 40.75
N THR C 262 61.83 10.54 41.11
CA THR C 262 62.83 10.01 40.19
C THR C 262 63.21 8.60 40.62
N SER C 263 62.98 7.64 39.73
CA SER C 263 63.27 6.24 40.05
C SER C 263 64.77 6.00 40.12
N ILE C 264 65.15 4.94 40.83
CA ILE C 264 66.54 4.58 41.05
C ILE C 264 66.77 3.16 40.54
N ILE C 265 67.86 2.98 39.82
CA ILE C 265 68.35 1.67 39.41
C ILE C 265 69.54 1.34 40.30
N LEU C 266 69.37 0.35 41.18
CA LEU C 266 70.39 -0.05 42.14
C LEU C 266 71.12 -1.27 41.62
N PHE C 267 72.38 -1.09 41.26
CA PHE C 267 73.26 -2.19 40.87
C PHE C 267 74.03 -2.67 42.09
N LEU C 268 73.86 -3.95 42.44
CA LEU C 268 74.60 -4.59 43.52
C LEU C 268 75.63 -5.49 42.86
N ASN C 269 76.84 -4.97 42.67
CA ASN C 269 77.87 -5.62 41.88
C ASN C 269 78.99 -6.15 42.78
N LYS C 270 79.97 -6.79 42.13
CA LYS C 270 80.99 -7.58 42.81
C LYS C 270 80.37 -8.68 43.67
N LYS C 271 79.34 -9.34 43.13
CA LYS C 271 78.68 -10.42 43.84
C LYS C 271 79.50 -11.70 43.87
N ASP C 272 80.42 -11.89 42.91
CA ASP C 272 81.26 -13.07 42.92
C ASP C 272 82.22 -13.05 44.10
N LEU C 273 82.82 -11.88 44.36
CA LEU C 273 83.67 -11.75 45.53
C LEU C 273 82.88 -11.99 46.80
N PHE C 274 81.64 -11.50 46.85
CA PHE C 274 80.77 -11.78 47.97
C PHE C 274 80.53 -13.29 48.13
N GLU C 275 80.30 -13.98 47.03
CA GLU C 275 80.07 -15.43 47.08
C GLU C 275 81.29 -16.16 47.60
N GLU C 276 82.48 -15.80 47.14
CA GLU C 276 83.69 -16.47 47.58
C GLU C 276 84.04 -16.09 49.03
N LYS C 277 83.65 -14.88 49.45
CA LYS C 277 84.05 -14.39 50.76
C LYS C 277 83.09 -14.80 51.87
N ILE C 278 81.83 -15.02 51.55
CA ILE C 278 80.80 -15.23 52.56
C ILE C 278 81.06 -16.46 53.41
N LYS C 279 81.85 -17.41 52.92
CA LYS C 279 82.13 -18.62 53.68
C LYS C 279 83.05 -18.33 54.87
N LYS C 280 84.14 -17.61 54.65
CA LYS C 280 85.10 -17.38 55.73
C LYS C 280 84.58 -16.34 56.72
N SER C 281 83.91 -15.30 56.23
CA SER C 281 83.43 -14.25 57.10
C SER C 281 81.92 -14.16 57.07
N PRO C 282 81.27 -14.10 58.23
CA PRO C 282 79.81 -13.98 58.25
C PRO C 282 79.33 -12.55 58.12
N LEU C 283 78.01 -12.37 58.00
CA LEU C 283 77.44 -11.05 57.86
C LEU C 283 77.36 -10.29 59.18
N THR C 284 77.69 -10.93 60.31
CA THR C 284 77.56 -10.28 61.60
C THR C 284 78.55 -9.14 61.79
N ILE C 285 79.62 -9.06 60.99
CA ILE C 285 80.54 -7.94 61.11
C ILE C 285 79.87 -6.63 60.70
N CYS C 286 79.10 -6.65 59.61
CA CYS C 286 78.41 -5.46 59.15
C CYS C 286 77.03 -5.30 59.78
N TYR C 287 76.27 -6.39 59.92
CA TYR C 287 74.97 -6.31 60.55
C TYR C 287 74.98 -7.13 61.83
N PRO C 288 74.97 -6.51 63.02
CA PRO C 288 74.95 -7.30 64.27
C PRO C 288 73.76 -8.22 64.39
N GLU C 289 72.59 -7.80 63.90
CA GLU C 289 71.41 -8.64 63.95
C GLU C 289 71.11 -9.24 62.58
N TYR C 290 71.34 -10.54 62.46
CA TYR C 290 71.12 -11.21 61.18
C TYR C 290 70.11 -12.34 61.29
N ALA C 291 70.25 -13.18 62.32
CA ALA C 291 69.35 -14.30 62.59
C ALA C 291 69.08 -15.12 61.32
N GLY C 292 70.17 -15.45 60.61
CA GLY C 292 70.06 -16.14 59.34
C GLY C 292 71.28 -16.98 59.06
N SER C 293 71.25 -17.66 57.92
CA SER C 293 72.28 -18.58 57.53
C SER C 293 73.31 -17.91 56.64
N ASN C 294 74.54 -18.42 56.69
CA ASN C 294 75.60 -17.94 55.80
C ASN C 294 75.51 -18.63 54.46
N THR C 295 74.80 -18.02 53.52
CA THR C 295 74.67 -18.54 52.17
C THR C 295 74.40 -17.36 51.26
N TYR C 296 74.81 -17.48 49.99
CA TYR C 296 74.55 -16.44 49.00
C TYR C 296 73.07 -16.23 48.75
N GLU C 297 72.21 -17.18 49.12
CA GLU C 297 70.78 -17.03 48.89
C GLU C 297 70.11 -16.08 49.88
N GLU C 298 70.57 -16.01 51.13
CA GLU C 298 69.89 -15.23 52.15
C GLU C 298 70.61 -13.94 52.55
N ALA C 299 71.93 -13.89 52.45
CA ALA C 299 72.67 -12.69 52.82
C ALA C 299 72.51 -11.60 51.76
N ALA C 300 72.55 -11.97 50.48
CA ALA C 300 72.34 -11.01 49.41
C ALA C 300 70.97 -10.39 49.50
N ALA C 301 69.95 -11.21 49.73
CA ALA C 301 68.60 -10.69 49.91
C ALA C 301 68.52 -9.81 51.15
N TYR C 302 69.25 -10.16 52.20
CA TYR C 302 69.23 -9.33 53.41
C TYR C 302 69.80 -7.95 53.13
N ILE C 303 70.91 -7.89 52.41
CA ILE C 303 71.49 -6.59 52.07
C ILE C 303 70.53 -5.81 51.17
N GLN C 304 69.88 -6.50 50.24
CA GLN C 304 68.98 -5.81 49.32
C GLN C 304 67.77 -5.24 50.05
N CYS C 305 67.19 -5.99 51.00
CA CYS C 305 66.05 -5.47 51.75
C CYS C 305 66.43 -4.37 52.73
N GLN C 306 67.72 -4.19 53.03
CA GLN C 306 68.13 -3.05 53.84
C GLN C 306 68.09 -1.76 53.03
N PHE C 307 68.54 -1.81 51.78
CA PHE C 307 68.58 -0.62 50.94
C PHE C 307 67.19 -0.19 50.49
N GLU C 308 66.28 -1.14 50.29
CA GLU C 308 64.91 -0.83 49.87
C GLU C 308 64.00 -0.52 51.05
N ASP C 309 64.55 -0.47 52.26
CA ASP C 309 63.79 -0.07 53.43
C ASP C 309 64.15 1.33 53.91
N LEU C 310 65.18 1.95 53.33
CA LEU C 310 65.53 3.34 53.60
C LEU C 310 64.69 4.32 52.79
N ASN C 311 63.89 3.83 51.85
CA ASN C 311 63.05 4.67 51.01
C ASN C 311 61.77 5.01 51.75
N LYS C 312 61.59 6.29 52.08
CA LYS C 312 60.41 6.75 52.79
C LYS C 312 59.41 7.45 51.87
N ARG C 313 59.47 7.15 50.56
CA ARG C 313 58.58 7.72 49.56
C ARG C 313 58.06 6.62 48.65
N LYS C 314 57.56 5.54 49.26
CA LYS C 314 57.21 4.33 48.51
C LYS C 314 56.03 4.54 47.56
N ASP C 315 55.30 5.64 47.68
CA ASP C 315 54.12 5.89 46.87
C ASP C 315 54.35 6.92 45.77
N THR C 316 55.60 7.26 45.47
CA THR C 316 55.88 8.21 44.42
C THR C 316 56.96 7.70 43.46
N LYS C 317 57.86 6.86 43.97
CA LYS C 317 58.98 6.33 43.20
C LYS C 317 59.14 4.85 43.51
N GLU C 318 60.11 4.22 42.85
CA GLU C 318 60.41 2.82 43.11
C GLU C 318 61.87 2.54 42.75
N ILE C 319 62.37 1.42 43.26
CA ILE C 319 63.77 1.04 43.11
C ILE C 319 63.83 -0.27 42.33
N TYR C 320 64.64 -0.30 41.28
CA TYR C 320 64.87 -1.49 40.47
C TYR C 320 66.24 -2.03 40.82
N THR C 321 66.28 -3.20 41.47
CA THR C 321 67.53 -3.77 41.94
C THR C 321 68.00 -4.88 41.01
N HIS C 322 69.27 -4.83 40.62
CA HIS C 322 69.86 -5.84 39.75
C HIS C 322 71.25 -6.21 40.26
N PHE C 323 71.59 -7.49 40.12
CA PHE C 323 72.89 -8.02 40.55
C PHE C 323 73.83 -8.06 39.35
N THR C 324 74.87 -7.22 39.38
CA THR C 324 75.82 -7.12 38.29
C THR C 324 77.04 -7.97 38.62
N CYS C 325 77.82 -8.36 37.61
CA CYS C 325 79.03 -9.12 37.81
C CYS C 325 79.96 -8.96 36.61
N SER C 326 81.18 -9.49 36.72
CA SER C 326 82.10 -9.43 35.59
C SER C 326 81.53 -10.22 34.41
N THR C 327 81.67 -9.65 33.21
CA THR C 327 81.14 -10.22 31.98
C THR C 327 79.64 -10.51 32.06
N ASP C 328 78.90 -9.63 32.73
CA ASP C 328 77.45 -9.81 32.82
C ASP C 328 76.79 -9.57 31.47
N THR C 329 77.15 -8.47 30.80
CA THR C 329 76.74 -8.17 29.44
C THR C 329 75.23 -8.01 29.26
N LYS C 330 74.47 -8.12 30.35
CA LYS C 330 73.02 -8.04 30.28
C LYS C 330 72.46 -6.88 31.10
N ASN C 331 73.30 -5.88 31.39
CA ASN C 331 72.86 -4.72 32.17
C ASN C 331 72.25 -3.62 31.33
N VAL C 332 72.67 -3.49 30.07
CA VAL C 332 72.06 -2.51 29.17
C VAL C 332 70.58 -2.79 28.99
N GLN C 333 70.22 -4.07 28.86
CA GLN C 333 68.82 -4.42 28.65
C GLN C 333 68.00 -4.17 29.92
N PHE C 334 68.59 -4.43 31.10
CA PHE C 334 67.88 -4.13 32.34
C PHE C 334 67.62 -2.63 32.47
N VAL C 335 68.62 -1.80 32.14
CA VAL C 335 68.44 -0.36 32.18
C VAL C 335 67.39 0.07 31.16
N PHE C 336 67.40 -0.56 29.98
CA PHE C 336 66.40 -0.25 28.96
C PHE C 336 64.99 -0.53 29.47
N ASP C 337 64.79 -1.69 30.09
CA ASP C 337 63.47 -2.05 30.61
C ASP C 337 63.02 -1.09 31.70
N ALA C 338 63.93 -0.77 32.64
CA ALA C 338 63.56 0.11 33.74
C ALA C 338 63.18 1.50 33.22
N VAL C 339 63.98 2.04 32.30
CA VAL C 339 63.72 3.38 31.78
C VAL C 339 62.45 3.40 30.96
N THR C 340 62.18 2.35 30.19
CA THR C 340 60.93 2.28 29.42
C THR C 340 59.72 2.26 30.35
N ASP C 341 59.79 1.49 31.42
CA ASP C 341 58.68 1.47 32.38
C ASP C 341 58.51 2.85 33.01
N VAL C 342 59.61 3.53 33.31
CA VAL C 342 59.54 4.88 33.88
C VAL C 342 58.86 5.85 32.93
N ILE C 343 59.24 5.80 31.64
CA ILE C 343 58.65 6.71 30.66
C ILE C 343 57.16 6.46 30.52
N ILE C 344 56.77 5.18 30.43
CA ILE C 344 55.34 4.87 30.26
C ILE C 344 54.55 5.32 31.48
N LYS C 345 55.09 5.08 32.68
CA LYS C 345 54.38 5.50 33.88
C LYS C 345 54.25 7.01 33.96
N ASN C 346 55.30 7.75 33.59
CA ASN C 346 55.21 9.20 33.58
C ASN C 346 54.14 9.68 32.61
N ASN C 347 54.11 9.10 31.40
CA ASN C 347 53.12 9.52 30.42
C ASN C 347 51.72 9.20 30.87
N LEU C 348 51.52 8.04 31.52
CA LEU C 348 50.20 7.70 32.02
C LEU C 348 49.78 8.64 33.14
N LYS C 349 50.71 9.01 34.01
CA LYS C 349 50.37 9.93 35.10
C LYS C 349 50.04 11.32 34.58
N ASP C 350 50.70 11.77 33.51
CA ASP C 350 50.38 13.07 32.93
C ASP C 350 48.96 13.10 32.40
N CYS C 351 48.50 12.01 31.79
CA CYS C 351 47.13 11.93 31.29
C CYS C 351 46.09 11.84 32.40
N GLY C 352 46.51 11.64 33.63
CA GLY C 352 45.55 11.34 34.69
C GLY C 352 44.88 10.01 34.45
N LEU C 353 45.63 9.02 33.97
CA LEU C 353 45.09 7.73 33.58
C LEU C 353 45.57 6.59 34.47
N PHE C 354 46.56 6.83 35.32
CA PHE C 354 47.14 5.78 36.14
C PHE C 354 46.36 5.60 37.44
N GLY D 4 103.13 20.42 69.36
CA GLY D 4 102.03 20.35 70.31
C GLY D 4 101.85 21.63 71.10
N SER D 5 102.85 21.96 71.94
CA SER D 5 102.77 23.17 72.74
C SER D 5 102.79 24.42 71.86
N GLU D 6 103.65 24.43 70.83
CA GLU D 6 103.70 25.58 69.94
C GLU D 6 102.49 25.67 69.03
N LEU D 7 101.81 24.54 68.77
CA LEU D 7 100.50 24.60 68.12
C LEU D 7 99.52 25.41 68.98
N ASP D 8 99.52 25.13 70.28
CA ASP D 8 98.66 25.87 71.19
C ASP D 8 99.07 27.34 71.27
N GLN D 9 100.38 27.60 71.21
CA GLN D 9 100.85 28.98 71.22
C GLN D 9 100.37 29.73 69.98
N LEU D 10 100.45 29.10 68.82
CA LEU D 10 99.95 29.73 67.59
C LEU D 10 98.45 29.95 67.66
N ARG D 11 97.71 28.98 68.19
CA ARG D 11 96.27 29.14 68.34
C ARG D 11 95.95 30.32 69.26
N GLN D 12 96.64 30.40 70.40
CA GLN D 12 96.40 31.49 71.35
C GLN D 12 96.71 32.84 70.73
N GLU D 13 97.80 32.92 69.96
CA GLU D 13 98.08 34.14 69.22
C GLU D 13 96.95 34.46 68.25
N ALA D 14 96.34 33.43 67.66
CA ALA D 14 95.22 33.65 66.76
C ALA D 14 94.03 34.28 67.49
N GLU D 15 93.67 33.74 68.67
CA GLU D 15 92.55 34.38 69.38
C GLU D 15 92.91 35.77 69.86
N GLN D 16 94.16 36.01 70.23
CA GLN D 16 94.55 37.37 70.62
C GLN D 16 94.40 38.34 69.45
N LEU D 17 94.82 37.93 68.26
CA LEU D 17 94.69 38.80 67.09
C LEU D 17 93.22 39.04 66.75
N LYS D 18 92.39 38.00 66.88
CA LYS D 18 90.96 38.18 66.66
C LYS D 18 90.36 39.15 67.66
N ASN D 19 90.79 39.08 68.92
CA ASN D 19 90.28 40.01 69.94
C ASN D 19 90.70 41.44 69.63
N GLN D 20 91.94 41.64 69.18
CA GLN D 20 92.36 42.98 68.77
C GLN D 20 91.52 43.48 67.62
N ILE D 21 91.22 42.63 66.64
CA ILE D 21 90.39 43.03 65.52
C ILE D 21 89.01 43.46 66.01
N ARG D 22 88.40 42.65 66.88
CA ARG D 22 87.01 42.94 67.25
C ARG D 22 86.90 44.17 68.15
N ASP D 23 87.83 44.36 69.09
CA ASP D 23 87.69 45.55 69.92
C ASP D 23 88.10 46.82 69.18
N ALA D 24 89.01 46.70 68.20
CA ALA D 24 89.27 47.84 67.33
C ALA D 24 88.05 48.20 66.49
N ARG D 25 87.30 47.18 66.04
CA ARG D 25 86.05 47.45 65.35
C ARG D 25 85.05 48.14 66.26
N LYS D 26 84.90 47.65 67.49
CA LYS D 26 83.97 48.27 68.43
C LYS D 26 84.41 49.67 68.83
N ALA D 27 85.67 50.01 68.65
CA ALA D 27 86.13 51.37 68.92
C ALA D 27 85.82 52.34 67.78
N CYS D 28 85.12 51.88 66.74
CA CYS D 28 84.84 52.72 65.58
C CYS D 28 83.36 52.99 65.37
N ALA D 29 82.46 52.29 66.07
CA ALA D 29 81.03 52.44 65.88
C ALA D 29 80.54 53.62 66.70
N ASP D 30 80.54 54.80 66.08
CA ASP D 30 79.91 55.97 66.72
C ASP D 30 78.41 55.78 66.83
N ALA D 31 77.77 55.41 65.73
CA ALA D 31 76.33 55.21 65.68
C ALA D 31 76.04 54.25 64.53
N THR D 32 74.76 54.05 64.24
CA THR D 32 74.33 53.14 63.19
C THR D 32 73.81 53.92 62.00
N LEU D 33 73.82 53.27 60.84
CA LEU D 33 73.32 53.89 59.61
C LEU D 33 71.88 54.35 59.77
N SER D 34 71.11 53.67 60.61
CA SER D 34 69.73 54.09 60.85
C SER D 34 69.69 55.41 61.63
N GLN D 35 70.70 55.66 62.47
CA GLN D 35 70.70 56.88 63.27
C GLN D 35 70.97 58.12 62.41
N ILE D 36 71.96 58.04 61.52
CA ILE D 36 72.23 59.17 60.62
C ILE D 36 71.09 59.37 59.64
N THR D 37 70.56 58.27 59.09
CA THR D 37 69.47 58.33 58.12
C THR D 37 68.10 58.26 58.75
N ASN D 38 67.98 58.69 60.01
CA ASN D 38 66.68 58.66 60.68
C ASN D 38 65.70 59.61 60.00
N ASN D 39 66.16 60.81 59.66
CA ASN D 39 65.32 61.83 59.02
C ASN D 39 65.81 62.00 57.59
N ILE D 40 65.28 61.16 56.69
CA ILE D 40 65.55 61.25 55.27
C ILE D 40 64.26 61.04 54.52
N ASP D 41 64.11 61.73 53.39
CA ASP D 41 62.90 61.67 52.58
C ASP D 41 62.63 60.24 52.14
N PRO D 42 61.54 59.63 52.61
CA PRO D 42 61.28 58.22 52.29
C PRO D 42 61.13 58.00 50.80
N VAL D 43 61.68 56.88 50.33
CA VAL D 43 61.48 56.48 48.95
C VAL D 43 60.04 56.04 48.76
N GLY D 44 59.36 56.63 47.78
CA GLY D 44 58.00 56.25 47.47
C GLY D 44 57.94 54.85 46.89
N ARG D 45 56.72 54.33 46.79
CA ARG D 45 56.52 52.98 46.30
C ARG D 45 56.89 52.90 44.82
N ILE D 46 57.73 51.93 44.49
CA ILE D 46 58.14 51.71 43.09
C ILE D 46 57.18 50.72 42.46
N GLN D 47 56.56 51.12 41.36
CA GLN D 47 55.62 50.30 40.61
C GLN D 47 56.19 50.12 39.20
N MET D 48 57.06 49.13 39.04
CA MET D 48 57.62 48.82 37.73
C MET D 48 56.75 47.80 37.02
N ARG D 49 56.76 47.88 35.69
CA ARG D 49 56.00 46.97 34.85
C ARG D 49 56.90 46.40 33.78
N THR D 50 56.65 45.15 33.41
CA THR D 50 57.45 44.50 32.38
C THR D 50 57.18 45.16 31.04
N ARG D 51 58.25 45.44 30.29
CA ARG D 51 58.15 46.06 28.99
C ARG D 51 58.52 45.12 27.85
N ARG D 52 59.54 44.29 28.03
CA ARG D 52 59.98 43.33 27.02
C ARG D 52 59.96 41.93 27.63
N THR D 53 59.71 40.95 26.78
CA THR D 53 59.77 39.54 27.18
C THR D 53 60.57 38.79 26.12
N LEU D 54 61.70 38.22 26.52
CA LEU D 54 62.59 37.51 25.62
C LEU D 54 62.32 36.01 25.74
N ARG D 55 61.91 35.40 24.64
CA ARG D 55 61.58 33.98 24.60
C ARG D 55 62.52 33.27 23.64
N GLY D 56 62.69 31.97 23.84
CA GLY D 56 63.53 31.18 22.96
C GLY D 56 64.37 30.13 23.66
N HIS D 57 64.77 30.40 24.90
CA HIS D 57 65.45 29.39 25.69
C HIS D 57 64.47 28.29 26.08
N LEU D 58 64.97 27.06 26.15
CA LEU D 58 64.11 25.90 26.39
C LEU D 58 64.43 25.18 27.69
N ALA D 59 65.24 25.75 28.56
CA ALA D 59 65.59 25.15 29.84
C ALA D 59 65.84 26.27 30.83
N LYS D 60 66.46 25.93 31.96
CA LYS D 60 66.78 26.93 32.96
C LYS D 60 67.86 27.88 32.47
N ILE D 61 67.68 29.16 32.79
CA ILE D 61 68.67 30.20 32.54
C ILE D 61 69.49 30.37 33.81
N TYR D 62 70.81 30.51 33.66
CA TYR D 62 71.65 30.56 34.84
C TYR D 62 72.42 31.86 35.03
N ALA D 63 72.67 32.62 33.97
CA ALA D 63 73.39 33.88 34.12
C ALA D 63 73.02 34.79 32.96
N MET D 64 73.31 36.08 33.14
CA MET D 64 73.18 37.07 32.09
C MET D 64 74.13 38.22 32.39
N HIS D 65 74.45 38.99 31.35
CA HIS D 65 75.33 40.15 31.51
C HIS D 65 74.97 41.21 30.48
N TRP D 66 74.92 42.46 30.93
CA TRP D 66 74.63 43.60 30.08
C TRP D 66 75.87 44.07 29.34
N GLY D 67 75.66 44.66 28.18
CA GLY D 67 76.74 45.25 27.42
C GLY D 67 77.04 46.67 27.85
N THR D 68 78.17 47.19 27.36
CA THR D 68 78.53 48.57 27.68
C THR D 68 77.57 49.56 27.03
N ASP D 69 77.12 49.26 25.81
CA ASP D 69 76.22 50.16 25.09
C ASP D 69 74.80 50.15 25.64
N SER D 70 74.47 49.24 26.55
CA SER D 70 73.16 49.09 27.19
C SER D 70 72.09 48.55 26.25
N ARG D 71 72.46 48.17 25.03
CA ARG D 71 71.54 47.52 24.10
C ARG D 71 71.72 46.01 24.05
N LEU D 72 72.95 45.55 23.92
CA LEU D 72 73.24 44.15 23.67
C LEU D 72 73.32 43.38 24.98
N LEU D 73 72.83 42.15 24.95
CA LEU D 73 72.72 41.32 26.14
C LEU D 73 73.18 39.91 25.81
N VAL D 74 73.67 39.20 26.83
CA VAL D 74 74.08 37.81 26.68
C VAL D 74 73.37 36.97 27.74
N SER D 75 72.87 35.81 27.33
CA SER D 75 72.19 34.89 28.25
C SER D 75 72.71 33.48 28.05
N ALA D 76 72.88 32.77 29.15
CA ALA D 76 73.40 31.41 29.15
C ALA D 76 72.37 30.47 29.75
N SER D 77 72.05 29.39 29.02
CA SER D 77 71.06 28.44 29.52
C SER D 77 71.63 27.04 29.53
N GLN D 78 71.00 26.18 30.33
CA GLN D 78 71.34 24.77 30.41
C GLN D 78 70.83 23.98 29.22
N ASP D 79 70.32 24.64 28.20
CA ASP D 79 69.99 24.00 26.94
C ASP D 79 71.21 23.86 26.04
N GLY D 80 72.37 24.31 26.50
CA GLY D 80 73.57 24.32 25.69
C GLY D 80 73.70 25.52 24.80
N LYS D 81 73.03 26.62 25.11
CA LYS D 81 72.99 27.78 24.24
C LYS D 81 73.44 29.04 24.97
N LEU D 82 74.18 29.87 24.24
CA LEU D 82 74.53 31.23 24.64
C LEU D 82 73.95 32.16 23.58
N ILE D 83 72.99 33.00 23.97
CA ILE D 83 72.25 33.82 23.01
C ILE D 83 72.57 35.29 23.26
N ILE D 84 72.82 36.02 22.18
CA ILE D 84 73.01 37.47 22.23
C ILE D 84 71.74 38.14 21.73
N TRP D 85 71.20 39.04 22.53
CA TRP D 85 69.96 39.73 22.23
C TRP D 85 70.20 41.21 21.97
N ASP D 86 69.49 41.75 20.98
CA ASP D 86 69.27 43.19 20.86
C ASP D 86 67.98 43.51 21.64
N SER D 87 68.14 44.15 22.80
CA SER D 87 66.99 44.40 23.66
C SER D 87 66.04 45.43 23.08
N TYR D 88 66.55 46.37 22.29
CA TYR D 88 65.68 47.42 21.74
C TYR D 88 64.62 46.83 20.81
N THR D 89 65.01 45.90 19.95
CA THR D 89 64.11 45.31 18.97
C THR D 89 63.75 43.87 19.26
N THR D 90 64.26 43.29 20.36
CA THR D 90 64.05 41.91 20.79
C THR D 90 64.78 40.93 19.86
N ASN D 91 65.40 41.41 18.79
CA ASN D 91 66.03 40.55 17.80
C ASN D 91 67.16 39.73 18.42
N LYS D 92 67.46 38.61 17.76
CA LYS D 92 68.60 37.77 18.11
C LYS D 92 69.75 38.05 17.15
N VAL D 93 70.92 38.36 17.70
CA VAL D 93 72.07 38.69 16.89
C VAL D 93 72.95 37.48 16.65
N HIS D 94 73.22 36.69 17.68
CA HIS D 94 74.07 35.52 17.58
C HIS D 94 73.53 34.42 18.49
N ALA D 95 73.62 33.18 18.02
CA ALA D 95 73.36 32.01 18.85
C ALA D 95 74.60 31.13 18.80
N ILE D 96 75.16 30.84 19.97
CA ILE D 96 76.42 30.11 20.09
C ILE D 96 76.13 28.77 20.75
N PRO D 97 76.45 27.65 20.09
CA PRO D 97 76.35 26.34 20.76
C PRO D 97 77.50 26.16 21.74
N LEU D 98 77.19 25.52 22.86
CA LEU D 98 78.15 25.27 23.92
C LEU D 98 78.55 23.81 23.93
N ARG D 99 79.81 23.54 24.27
CA ARG D 99 80.31 22.18 24.28
C ARG D 99 79.97 21.45 25.58
N SER D 100 79.69 22.18 26.65
CA SER D 100 79.45 21.55 27.95
C SER D 100 77.97 21.42 28.28
N SER D 101 77.21 22.49 28.14
CA SER D 101 75.79 22.61 28.46
C SER D 101 75.50 22.58 29.95
N TRP D 102 76.52 22.52 30.81
CA TRP D 102 76.35 22.56 32.26
C TRP D 102 76.85 23.90 32.79
N VAL D 103 76.54 24.97 32.06
CA VAL D 103 77.06 26.29 32.35
C VAL D 103 76.49 26.82 33.66
N MET D 104 77.27 27.65 34.34
CA MET D 104 76.80 28.42 35.47
C MET D 104 77.05 29.91 35.34
N THR D 105 77.91 30.35 34.42
CA THR D 105 78.24 31.77 34.35
C THR D 105 78.63 32.16 32.94
N CYS D 106 78.41 33.45 32.64
CA CYS D 106 78.77 34.05 31.37
C CYS D 106 79.11 35.51 31.60
N ALA D 107 79.81 36.10 30.64
CA ALA D 107 80.24 37.49 30.76
C ALA D 107 80.46 38.10 29.38
N TYR D 108 80.29 39.42 29.32
CA TYR D 108 80.38 40.21 28.09
C TYR D 108 81.51 41.21 28.24
N ALA D 109 82.44 41.22 27.29
CA ALA D 109 83.64 42.03 27.45
C ALA D 109 83.34 43.51 27.31
N PRO D 110 84.11 44.38 27.98
CA PRO D 110 83.92 45.83 27.81
C PRO D 110 84.09 46.30 26.38
N SER D 111 85.02 45.71 25.63
CA SER D 111 85.19 46.08 24.23
C SER D 111 84.06 45.52 23.37
N GLY D 112 83.39 44.47 23.82
CA GLY D 112 82.30 43.88 23.08
C GLY D 112 82.70 42.91 22.01
N ASN D 113 83.98 42.57 21.90
CA ASN D 113 84.43 41.61 20.90
C ASN D 113 84.51 40.19 21.44
N TYR D 114 84.28 39.98 22.73
CA TYR D 114 84.51 38.68 23.34
C TYR D 114 83.41 38.36 24.32
N VAL D 115 83.11 37.07 24.45
CA VAL D 115 82.15 36.58 25.44
C VAL D 115 82.75 35.36 26.13
N ALA D 116 82.57 35.26 27.44
CA ALA D 116 83.11 34.15 28.21
C ALA D 116 81.99 33.35 28.85
N CYS D 117 82.23 32.04 29.01
CA CYS D 117 81.27 31.21 29.73
C CYS D 117 82.00 30.09 30.48
N GLY D 118 81.30 29.49 31.44
CA GLY D 118 81.87 28.38 32.17
C GLY D 118 80.89 27.73 33.14
N GLY D 119 81.23 26.51 33.55
CA GLY D 119 80.48 25.76 34.54
C GLY D 119 80.57 24.25 34.48
N LEU D 120 80.80 23.60 35.63
CA LEU D 120 80.88 22.13 35.80
C LEU D 120 81.78 21.45 34.78
N ASP D 121 82.75 22.17 34.22
CA ASP D 121 83.78 21.54 33.42
C ASP D 121 85.17 22.05 33.78
N ASN D 122 85.28 22.92 34.79
CA ASN D 122 86.53 23.50 35.24
C ASN D 122 87.25 24.28 34.15
N ILE D 123 86.52 24.82 33.17
CA ILE D 123 87.11 25.50 32.02
C ILE D 123 86.35 26.79 31.77
N CYS D 124 87.10 27.86 31.51
CA CYS D 124 86.53 29.15 31.10
C CYS D 124 86.76 29.34 29.61
N SER D 125 85.69 29.41 28.83
CA SER D 125 85.78 29.45 27.38
C SER D 125 85.52 30.86 26.86
N ILE D 126 86.35 31.29 25.91
CA ILE D 126 86.29 32.64 25.36
C ILE D 126 85.97 32.56 23.88
N TYR D 127 84.96 33.33 23.45
CA TYR D 127 84.47 33.36 22.09
C TYR D 127 84.67 34.74 21.48
N ASN D 128 85.03 34.75 20.20
CA ASN D 128 85.28 35.97 19.43
C ASN D 128 84.05 36.29 18.58
N LEU D 129 83.50 37.49 18.76
CA LEU D 129 82.30 37.90 18.04
C LEU D 129 82.59 38.57 16.70
N LYS D 130 83.68 39.32 16.59
CA LYS D 130 84.02 40.05 15.38
C LYS D 130 85.11 39.27 14.64
N THR D 131 84.72 38.52 13.62
CA THR D 131 85.64 37.75 12.80
C THR D 131 85.31 37.94 11.32
N ARG D 132 86.33 37.76 10.48
CA ARG D 132 86.14 37.98 9.05
C ARG D 132 85.29 36.90 8.40
N GLU D 133 85.28 35.69 8.95
CA GLU D 133 84.50 34.60 8.36
C GLU D 133 83.01 34.74 8.63
N GLY D 134 82.62 35.61 9.56
CA GLY D 134 81.22 35.84 9.84
C GLY D 134 80.59 34.90 10.84
N ASN D 135 81.38 34.07 11.52
CA ASN D 135 80.89 33.16 12.54
C ASN D 135 81.61 33.40 13.86
N VAL D 136 80.98 32.95 14.94
CA VAL D 136 81.54 33.08 16.28
C VAL D 136 82.34 31.83 16.59
N ARG D 137 83.64 32.00 16.82
CA ARG D 137 84.55 30.90 17.05
C ARG D 137 85.16 30.98 18.44
N VAL D 138 85.71 29.85 18.90
CA VAL D 138 86.38 29.79 20.18
C VAL D 138 87.79 30.35 20.03
N SER D 139 88.13 31.33 20.87
CA SER D 139 89.45 31.92 20.85
C SER D 139 90.42 31.25 21.81
N ARG D 140 89.97 30.90 23.01
CA ARG D 140 90.83 30.22 23.98
C ARG D 140 89.98 29.45 24.99
N GLU D 141 90.55 28.35 25.48
CA GLU D 141 89.97 27.56 26.55
C GLU D 141 90.92 27.61 27.75
N LEU D 142 90.52 28.33 28.80
CA LEU D 142 91.33 28.51 29.98
C LEU D 142 91.09 27.35 30.94
N ALA D 143 92.14 26.63 31.28
CA ALA D 143 92.07 25.45 32.14
C ALA D 143 93.07 25.60 33.28
N GLY D 144 92.80 24.89 34.37
CA GLY D 144 93.64 24.98 35.55
C GLY D 144 92.90 24.87 36.87
N HIS D 145 91.61 25.20 36.89
CA HIS D 145 90.81 25.03 38.08
C HIS D 145 90.47 23.56 38.31
N THR D 146 90.33 23.18 39.58
CA THR D 146 89.96 21.83 39.96
C THR D 146 88.55 21.75 40.54
N GLY D 147 87.73 22.77 40.32
CA GLY D 147 86.36 22.77 40.74
C GLY D 147 85.52 23.57 39.78
N TYR D 148 84.21 23.49 39.92
CA TYR D 148 83.32 24.15 38.99
C TYR D 148 83.46 25.66 39.06
N LEU D 149 83.40 26.31 37.91
CA LEU D 149 83.36 27.76 37.88
C LEU D 149 82.04 28.28 38.41
N SER D 150 82.11 29.37 39.17
CA SER D 150 80.93 30.05 39.69
C SER D 150 80.69 31.40 39.04
N CYS D 151 81.74 32.16 38.74
CA CYS D 151 81.60 33.50 38.21
C CYS D 151 82.89 33.92 37.52
N CYS D 152 82.75 34.72 36.47
CA CYS D 152 83.90 35.27 35.76
C CYS D 152 83.59 36.71 35.37
N ARG D 153 84.63 37.52 35.28
CA ARG D 153 84.50 38.92 34.91
C ARG D 153 85.71 39.34 34.10
N PHE D 154 85.48 40.18 33.09
CA PHE D 154 86.54 40.70 32.25
C PHE D 154 87.14 41.95 32.89
N LEU D 155 88.44 42.12 32.70
CA LEU D 155 89.11 43.38 33.00
C LEU D 155 89.41 44.18 31.75
N ASP D 156 89.69 43.49 30.66
CA ASP D 156 90.09 44.08 29.38
C ASP D 156 90.00 42.96 28.35
N ASP D 157 90.54 43.18 27.16
CA ASP D 157 90.58 42.12 26.16
C ASP D 157 91.52 40.99 26.59
N ASN D 158 92.56 41.29 27.36
CA ASN D 158 93.62 40.33 27.63
C ASN D 158 93.75 39.97 29.11
N GLN D 159 92.79 40.38 29.95
CA GLN D 159 92.82 40.06 31.36
C GLN D 159 91.44 39.55 31.78
N ILE D 160 91.40 38.42 32.48
CA ILE D 160 90.14 37.89 33.01
C ILE D 160 90.35 37.39 34.43
N VAL D 161 89.25 37.35 35.20
CA VAL D 161 89.26 36.85 36.57
C VAL D 161 88.17 35.80 36.72
N THR D 162 88.50 34.68 37.38
CA THR D 162 87.57 33.59 37.59
C THR D 162 87.54 33.17 39.04
N SER D 163 86.38 32.68 39.48
CA SER D 163 86.20 32.09 40.80
C SER D 163 85.64 30.68 40.67
N SER D 164 86.09 29.78 41.54
CA SER D 164 85.80 28.36 41.41
C SER D 164 85.35 27.77 42.74
N GLY D 165 84.83 26.55 42.66
CA GLY D 165 84.46 25.75 43.80
C GLY D 165 85.59 25.01 44.46
N ASP D 166 86.82 25.19 43.99
CA ASP D 166 88.01 24.67 44.66
C ASP D 166 88.54 25.64 45.71
N THR D 167 87.74 26.65 46.07
CA THR D 167 88.03 27.63 47.12
C THR D 167 89.15 28.60 46.76
N THR D 168 89.35 28.89 45.46
CA THR D 168 90.39 29.80 45.03
C THR D 168 89.89 30.69 43.91
N CYS D 169 90.61 31.80 43.67
CA CYS D 169 90.34 32.69 42.55
C CYS D 169 91.57 32.77 41.67
N ALA D 170 91.37 33.18 40.42
CA ALA D 170 92.50 33.24 39.47
C ALA D 170 92.39 34.46 38.57
N LEU D 171 93.55 34.94 38.14
CA LEU D 171 93.69 35.99 37.12
C LEU D 171 94.45 35.42 35.94
N TRP D 172 93.92 35.62 34.74
CA TRP D 172 94.46 35.02 33.52
C TRP D 172 94.81 36.05 32.48
N ASP D 173 95.95 35.84 31.82
CA ASP D 173 96.30 36.49 30.57
C ASP D 173 95.90 35.57 29.42
N ILE D 174 95.24 36.12 28.41
CA ILE D 174 94.57 35.29 27.42
C ILE D 174 95.44 35.05 26.18
N GLU D 175 96.44 35.88 25.92
CA GLU D 175 97.34 35.58 24.81
C GLU D 175 98.10 34.28 25.04
N THR D 176 98.55 34.04 26.28
CA THR D 176 99.28 32.83 26.61
C THR D 176 98.44 31.80 27.32
N GLY D 177 97.29 32.18 27.87
CA GLY D 177 96.40 31.24 28.53
C GLY D 177 96.93 30.63 29.79
N GLN D 178 97.58 31.43 30.65
CA GLN D 178 98.16 30.95 31.89
C GLN D 178 97.71 31.82 33.05
N GLN D 179 97.75 31.23 34.24
CA GLN D 179 97.36 31.91 35.47
C GLN D 179 98.50 32.81 35.91
N THR D 180 98.31 34.12 35.82
CA THR D 180 99.30 35.04 36.33
C THR D 180 99.30 35.07 37.86
N THR D 181 98.11 35.12 38.47
CA THR D 181 98.00 35.20 39.92
C THR D 181 96.89 34.28 40.40
N THR D 182 97.12 33.66 41.56
CA THR D 182 96.13 32.83 42.23
C THR D 182 95.87 33.39 43.63
N PHE D 183 94.60 33.45 44.01
CA PHE D 183 94.17 34.04 45.26
C PHE D 183 93.63 32.93 46.17
N THR D 184 94.24 32.80 47.35
CA THR D 184 94.03 31.67 48.24
C THR D 184 93.51 32.16 49.59
N GLY D 185 92.70 31.33 50.21
CA GLY D 185 91.90 31.67 51.37
C GLY D 185 90.59 30.93 51.27
N HIS D 186 89.55 31.48 51.91
CA HIS D 186 88.17 31.05 51.67
C HIS D 186 88.02 29.53 51.84
N THR D 187 88.13 29.08 53.08
CA THR D 187 88.08 27.66 53.40
C THR D 187 86.85 26.94 52.85
N GLY D 188 85.88 27.70 52.33
CA GLY D 188 84.70 27.13 51.70
C GLY D 188 84.60 27.53 50.23
N ASP D 189 83.57 26.98 49.59
CA ASP D 189 83.38 27.16 48.16
C ASP D 189 83.04 28.62 47.84
N VAL D 190 83.68 29.16 46.80
CA VAL D 190 83.45 30.53 46.34
C VAL D 190 82.28 30.54 45.37
N MET D 191 81.36 31.50 45.55
CA MET D 191 80.14 31.54 44.77
C MET D 191 80.02 32.73 43.81
N SER D 192 80.69 33.84 44.08
CA SER D 192 80.55 35.01 43.23
C SER D 192 81.70 35.97 43.46
N LEU D 193 81.90 36.89 42.51
CA LEU D 193 82.87 37.95 42.66
C LEU D 193 82.34 39.21 41.98
N SER D 194 82.91 40.35 42.36
CA SER D 194 82.54 41.64 41.80
C SER D 194 83.79 42.49 41.65
N LEU D 195 83.90 43.15 40.50
CA LEU D 195 85.06 43.99 40.21
C LEU D 195 84.78 45.43 40.59
N ALA D 196 85.83 46.12 41.00
CA ALA D 196 85.70 47.53 41.36
C ALA D 196 85.56 48.39 40.11
N PRO D 197 84.91 49.55 40.23
CA PRO D 197 84.77 50.43 39.05
C PRO D 197 86.09 50.88 38.45
N ASP D 198 87.14 51.00 39.26
CA ASP D 198 88.45 51.38 38.74
C ASP D 198 89.31 50.18 38.34
N THR D 199 88.79 48.96 38.49
CA THR D 199 89.51 47.73 38.14
C THR D 199 90.85 47.68 38.87
N ARG D 200 90.77 47.69 40.20
CA ARG D 200 91.95 47.80 41.04
C ARG D 200 91.86 46.80 42.18
N LEU D 201 90.62 46.44 42.55
CA LEU D 201 90.34 45.51 43.64
C LEU D 201 89.14 44.67 43.24
N PHE D 202 88.92 43.57 43.96
CA PHE D 202 87.67 42.84 43.77
C PHE D 202 87.32 42.04 45.03
N VAL D 203 86.03 41.86 45.26
CA VAL D 203 85.53 41.15 46.43
C VAL D 203 84.96 39.80 46.02
N SER D 204 84.99 38.85 46.95
CA SER D 204 84.49 37.51 46.72
C SER D 204 83.73 37.01 47.93
N GLY D 205 82.69 36.23 47.68
CA GLY D 205 81.90 35.62 48.74
C GLY D 205 81.91 34.10 48.61
N ALA D 206 81.87 33.42 49.75
CA ALA D 206 82.11 31.99 49.81
C ALA D 206 81.07 31.30 50.69
N CYS D 207 81.20 29.97 50.78
CA CYS D 207 80.30 29.13 51.56
C CYS D 207 80.70 29.03 53.03
N ASP D 208 81.81 29.63 53.43
CA ASP D 208 82.17 29.70 54.84
C ASP D 208 81.49 30.85 55.56
N ALA D 209 80.54 31.52 54.89
CA ALA D 209 79.79 32.66 55.44
C ALA D 209 80.68 33.89 55.68
N SER D 210 81.56 34.19 54.73
CA SER D 210 82.45 35.33 54.86
C SER D 210 82.83 35.85 53.48
N ALA D 211 83.26 37.11 53.43
CA ALA D 211 83.68 37.75 52.19
C ALA D 211 85.10 38.29 52.34
N LYS D 212 85.78 38.42 51.20
CA LYS D 212 87.17 38.86 51.21
C LYS D 212 87.41 39.88 50.11
N LEU D 213 88.34 40.80 50.38
CA LEU D 213 88.74 41.84 49.46
C LEU D 213 90.16 41.58 48.99
N TRP D 214 90.36 41.49 47.68
CA TRP D 214 91.66 41.19 47.08
C TRP D 214 92.14 42.35 46.23
N ASP D 215 93.46 42.51 46.20
CA ASP D 215 94.14 43.45 45.33
C ASP D 215 94.55 42.72 44.06
N VAL D 216 94.24 43.32 42.90
CA VAL D 216 94.45 42.65 41.63
C VAL D 216 95.93 42.36 41.42
N ARG D 217 96.77 43.34 41.64
CA ARG D 217 98.20 43.07 41.71
C ARG D 217 98.57 42.65 43.13
N GLU D 218 99.75 42.04 43.24
CA GLU D 218 100.35 41.66 44.52
C GLU D 218 99.65 40.49 45.18
N GLY D 219 98.49 40.08 44.65
CA GLY D 219 97.85 38.84 45.06
C GLY D 219 97.63 38.67 46.54
N MET D 220 97.26 39.74 47.24
CA MET D 220 97.09 39.68 48.68
C MET D 220 95.66 40.00 49.08
N CYS D 221 95.24 39.39 50.19
CA CYS D 221 93.95 39.67 50.81
C CYS D 221 94.14 40.75 51.86
N ARG D 222 93.36 41.83 51.74
CA ARG D 222 93.52 42.96 52.64
C ARG D 222 92.52 42.91 53.79
N GLN D 223 91.25 42.70 53.50
CA GLN D 223 90.20 42.72 54.51
C GLN D 223 89.29 41.51 54.36
N THR D 224 88.82 41.02 55.50
CA THR D 224 87.90 39.90 55.59
C THR D 224 86.69 40.30 56.43
N PHE D 225 85.50 39.96 55.95
CA PHE D 225 84.25 40.39 56.57
C PHE D 225 83.41 39.18 56.92
N THR D 226 82.79 39.24 58.10
CA THR D 226 81.93 38.19 58.61
C THR D 226 80.61 38.79 59.09
N GLY D 227 79.66 37.92 59.42
CA GLY D 227 78.38 38.38 59.91
C GLY D 227 77.17 37.57 59.50
N HIS D 228 77.35 36.61 58.60
CA HIS D 228 76.24 35.79 58.12
C HIS D 228 76.19 34.45 58.85
N GLU D 229 75.05 33.79 58.73
CA GLU D 229 74.84 32.48 59.33
C GLU D 229 74.84 31.34 58.33
N SER D 230 75.01 31.63 57.04
CA SER D 230 74.97 30.58 56.02
C SER D 230 75.72 31.05 54.79
N ASP D 231 75.55 30.33 53.69
CA ASP D 231 76.32 30.55 52.48
C ASP D 231 75.98 31.90 51.85
N ILE D 232 76.99 32.53 51.26
CA ILE D 232 76.82 33.77 50.49
C ILE D 232 76.76 33.41 49.02
N ASN D 233 75.72 33.89 48.33
CA ASN D 233 75.49 33.51 46.94
C ASN D 233 75.76 34.61 45.92
N ALA D 234 75.68 35.87 46.31
CA ALA D 234 75.79 36.96 45.37
C ALA D 234 76.47 38.15 46.05
N ILE D 235 77.09 39.00 45.24
CA ILE D 235 77.82 40.14 45.76
C ILE D 235 77.98 41.15 44.64
N CYS D 236 78.05 42.43 45.00
CA CYS D 236 78.14 43.51 44.03
C CYS D 236 78.68 44.74 44.74
N PHE D 237 79.34 45.60 43.98
CA PHE D 237 79.86 46.85 44.52
C PHE D 237 78.81 47.96 44.47
N PHE D 238 78.85 48.81 45.49
CA PHE D 238 78.16 50.10 45.43
C PHE D 238 78.84 50.99 44.38
N PRO D 239 78.08 51.83 43.70
CA PRO D 239 78.67 52.62 42.59
C PRO D 239 79.88 53.44 42.97
N ASN D 240 79.96 53.91 44.22
CA ASN D 240 81.12 54.67 44.67
C ASN D 240 82.37 53.82 44.59
N GLY D 241 82.28 52.56 44.98
CA GLY D 241 83.43 51.69 45.09
C GLY D 241 83.96 51.53 46.50
N ASN D 242 83.26 52.09 47.50
CA ASN D 242 83.70 52.05 48.87
C ASN D 242 82.79 51.19 49.74
N ALA D 243 81.94 50.36 49.13
CA ALA D 243 81.06 49.47 49.87
C ALA D 243 80.57 48.38 48.92
N PHE D 244 79.98 47.34 49.50
CA PHE D 244 79.40 46.25 48.73
C PHE D 244 78.27 45.60 49.53
N ALA D 245 77.51 44.74 48.85
CA ALA D 245 76.36 44.08 49.47
C ALA D 245 76.37 42.59 49.15
N THR D 246 75.86 41.81 50.11
CA THR D 246 75.87 40.35 50.03
C THR D 246 74.49 39.78 50.36
N GLY D 247 74.14 38.70 49.67
CA GLY D 247 72.91 37.95 49.96
C GLY D 247 73.22 36.50 50.26
N SER D 248 72.44 35.91 51.16
CA SER D 248 72.76 34.60 51.73
C SER D 248 71.54 33.69 51.75
N ASP D 249 71.76 32.45 52.23
CA ASP D 249 70.69 31.48 52.45
C ASP D 249 69.93 31.70 53.75
N ASP D 250 70.42 32.58 54.62
CA ASP D 250 69.69 32.93 55.83
C ASP D 250 68.60 33.96 55.59
N ALA D 251 68.22 34.17 54.32
CA ALA D 251 67.11 35.04 53.94
C ALA D 251 67.36 36.50 54.29
N THR D 252 68.61 36.92 54.30
CA THR D 252 68.96 38.29 54.67
C THR D 252 69.97 38.85 53.69
N CYS D 253 69.97 40.17 53.54
CA CYS D 253 71.01 40.87 52.80
C CYS D 253 71.76 41.78 53.76
N ARG D 254 73.03 42.02 53.51
CA ARG D 254 73.79 42.94 54.35
C ARG D 254 74.70 43.81 53.50
N LEU D 255 75.07 44.96 54.08
CA LEU D 255 75.91 45.96 53.44
C LEU D 255 77.17 46.16 54.25
N PHE D 256 78.32 46.20 53.57
CA PHE D 256 79.62 46.36 54.21
C PHE D 256 80.34 47.55 53.59
N ASP D 257 80.90 48.40 54.44
CA ASP D 257 81.85 49.43 54.00
C ASP D 257 83.27 48.96 54.26
N LEU D 258 84.21 49.64 53.62
CA LEU D 258 85.61 49.23 53.62
C LEU D 258 86.46 50.03 54.60
N ARG D 259 86.32 51.35 54.62
CA ARG D 259 87.18 52.17 55.46
C ARG D 259 86.89 51.95 56.94
N ALA D 260 85.64 51.67 57.28
CA ALA D 260 85.27 51.19 58.61
C ALA D 260 84.83 49.74 58.46
N ASP D 261 85.79 48.81 58.54
CA ASP D 261 85.58 47.46 58.03
C ASP D 261 84.64 46.69 58.96
N GLN D 262 83.35 46.96 58.79
CA GLN D 262 82.32 46.23 59.52
C GLN D 262 80.99 46.37 58.80
N GLU D 263 80.04 45.55 59.21
CA GLU D 263 78.69 45.59 58.65
C GLU D 263 77.99 46.89 59.01
N LEU D 264 77.19 47.40 58.07
CA LEU D 264 76.42 48.62 58.29
C LEU D 264 74.93 48.38 58.43
N MET D 265 74.32 47.64 57.52
CA MET D 265 72.88 47.48 57.50
C MET D 265 72.52 46.05 57.10
N THR D 266 71.40 45.58 57.64
CA THR D 266 70.84 44.28 57.27
C THR D 266 69.39 44.45 56.84
N TYR D 267 69.07 43.88 55.68
CA TYR D 267 67.73 43.90 55.10
C TYR D 267 67.11 42.52 55.34
N SER D 268 65.99 42.51 56.05
CA SER D 268 65.32 41.28 56.45
C SER D 268 63.87 41.56 56.77
N HIS D 269 63.08 40.50 56.86
CA HIS D 269 61.69 40.58 57.27
C HIS D 269 61.31 39.27 57.93
N ASP D 270 60.02 39.08 58.20
CA ASP D 270 59.52 37.87 58.83
C ASP D 270 58.75 36.97 57.87
N ASN D 271 58.22 37.53 56.78
CA ASN D 271 57.44 36.74 55.83
C ASN D 271 58.30 35.98 54.84
N ILE D 272 59.59 36.31 54.72
CA ILE D 272 60.49 35.62 53.81
C ILE D 272 61.41 34.70 54.60
N ILE D 273 61.42 33.42 54.22
CA ILE D 273 62.33 32.44 54.80
C ILE D 273 63.30 31.86 53.78
N CYS D 274 63.10 32.14 52.49
CA CYS D 274 63.96 31.64 51.44
C CYS D 274 65.18 32.55 51.24
N GLY D 275 66.19 32.00 50.58
CA GLY D 275 67.45 32.70 50.38
C GLY D 275 67.42 33.66 49.20
N ILE D 276 68.60 34.19 48.89
CA ILE D 276 68.79 35.18 47.85
C ILE D 276 69.74 34.61 46.80
N THR D 277 69.39 34.79 45.53
CA THR D 277 70.18 34.26 44.43
C THR D 277 70.98 35.31 43.68
N SER D 278 70.55 36.57 43.66
CA SER D 278 71.26 37.61 42.94
C SER D 278 71.03 38.95 43.62
N VAL D 279 71.99 39.86 43.46
CA VAL D 279 71.94 41.20 44.02
C VAL D 279 72.59 42.17 43.05
N SER D 280 71.95 43.31 42.82
CA SER D 280 72.53 44.36 42.00
C SER D 280 72.03 45.71 42.48
N PHE D 281 72.84 46.73 42.26
CA PHE D 281 72.55 48.10 42.67
C PHE D 281 72.07 48.92 41.48
N SER D 282 71.37 50.02 41.78
CA SER D 282 70.97 50.97 40.77
C SER D 282 72.12 51.94 40.50
N LYS D 283 71.86 52.98 39.71
CA LYS D 283 72.92 53.93 39.38
C LYS D 283 73.20 54.90 40.52
N SER D 284 72.17 55.30 41.26
CA SER D 284 72.37 56.23 42.37
C SER D 284 72.95 55.53 43.59
N GLY D 285 72.71 54.24 43.73
CA GLY D 285 73.01 53.54 44.97
C GLY D 285 71.91 53.59 46.00
N ARG D 286 70.81 54.30 45.72
CA ARG D 286 69.71 54.38 46.66
C ARG D 286 68.86 53.13 46.67
N LEU D 287 68.82 52.39 45.56
CA LEU D 287 68.02 51.18 45.46
C LEU D 287 68.92 49.96 45.39
N LEU D 288 68.49 48.88 46.05
CA LEU D 288 69.17 47.59 46.04
C LEU D 288 68.18 46.54 45.57
N LEU D 289 68.55 45.77 44.55
CA LEU D 289 67.65 44.79 43.97
C LEU D 289 68.12 43.39 44.34
N ALA D 290 67.18 42.49 44.65
CA ALA D 290 67.56 41.15 45.04
C ALA D 290 66.52 40.15 44.58
N GLY D 291 66.97 39.04 44.00
CA GLY D 291 66.09 37.97 43.57
C GLY D 291 66.08 36.84 44.60
N TYR D 292 64.90 36.28 44.83
CA TYR D 292 64.70 35.29 45.88
C TYR D 292 64.26 33.96 45.30
N ASP D 293 64.08 32.99 46.19
CA ASP D 293 63.66 31.64 45.84
C ASP D 293 62.14 31.50 45.79
N ASP D 294 61.40 32.51 46.26
CA ASP D 294 59.95 32.49 46.23
C ASP D 294 59.38 33.12 44.96
N PHE D 295 60.13 33.10 43.86
CA PHE D 295 59.71 33.52 42.54
C PHE D 295 59.54 35.02 42.42
N ASN D 296 60.09 35.79 43.35
CA ASN D 296 59.87 37.21 43.43
C ASN D 296 61.19 37.96 43.36
N CYS D 297 61.12 39.25 43.06
CA CYS D 297 62.23 40.16 43.18
C CYS D 297 61.84 41.27 44.15
N ASN D 298 62.72 41.60 45.08
CA ASN D 298 62.44 42.66 46.05
C ASN D 298 63.42 43.81 45.87
N VAL D 299 62.88 45.02 45.89
CA VAL D 299 63.65 46.25 45.80
C VAL D 299 63.64 46.92 47.16
N TRP D 300 64.83 47.13 47.72
CA TRP D 300 65.06 47.72 49.02
C TRP D 300 65.63 49.12 48.86
N ASP D 301 65.37 49.95 49.85
CA ASP D 301 66.02 51.25 49.93
C ASP D 301 67.27 51.11 50.81
N ALA D 302 68.43 51.39 50.23
CA ALA D 302 69.68 51.10 50.91
C ALA D 302 69.86 51.94 52.16
N LEU D 303 69.47 53.22 52.10
CA LEU D 303 69.70 54.13 53.22
C LEU D 303 68.71 53.96 54.36
N LYS D 304 67.58 53.30 54.13
CA LYS D 304 66.56 53.13 55.15
C LYS D 304 66.20 51.68 55.45
N ALA D 305 66.45 50.75 54.53
CA ALA D 305 66.19 49.33 54.73
C ALA D 305 64.70 49.06 54.98
N ASP D 306 63.89 49.41 53.99
CA ASP D 306 62.46 49.13 54.01
C ASP D 306 62.03 48.60 52.66
N ARG D 307 61.01 47.78 52.64
CA ARG D 307 60.66 47.24 51.32
C ARG D 307 60.06 48.36 50.49
N ALA D 308 60.67 48.59 49.37
CA ALA D 308 60.35 49.60 48.37
C ALA D 308 59.57 49.05 47.19
N GLY D 309 59.76 47.77 46.85
CA GLY D 309 58.98 47.23 45.74
C GLY D 309 59.09 45.73 45.62
N VAL D 310 58.13 45.16 44.91
CA VAL D 310 58.08 43.73 44.61
C VAL D 310 57.75 43.54 43.14
N LEU D 311 58.51 42.67 42.48
CA LEU D 311 58.29 42.29 41.09
C LEU D 311 57.92 40.81 41.06
N ALA D 312 56.77 40.49 40.46
CA ALA D 312 56.13 39.20 40.69
C ALA D 312 55.92 38.36 39.44
N GLY D 313 56.25 38.87 38.25
CA GLY D 313 55.96 38.14 37.03
C GLY D 313 56.92 37.02 36.66
N HIS D 314 56.96 35.95 37.44
CA HIS D 314 57.77 34.79 37.12
C HIS D 314 57.18 33.55 37.75
N ASP D 315 57.24 32.43 37.04
CA ASP D 315 56.66 31.17 37.50
C ASP D 315 57.67 30.25 38.17
N ASN D 316 58.94 30.66 38.28
CA ASN D 316 59.94 29.86 38.97
C ASN D 316 61.01 30.80 39.52
N ARG D 317 62.04 30.20 40.13
CA ARG D 317 63.04 30.96 40.86
C ARG D 317 63.76 31.95 39.96
N VAL D 318 63.90 33.19 40.45
CA VAL D 318 64.68 34.21 39.78
C VAL D 318 66.15 33.97 40.09
N SER D 319 66.97 33.85 39.04
CA SER D 319 68.35 33.44 39.19
C SER D 319 69.37 34.50 38.83
N CYS D 320 69.02 35.52 38.06
CA CYS D 320 70.03 36.51 37.68
C CYS D 320 69.39 37.87 37.43
N LEU D 321 70.19 38.92 37.69
CA LEU D 321 69.77 40.31 37.56
C LEU D 321 70.83 41.14 36.85
N GLY D 322 70.38 42.22 36.22
CA GLY D 322 71.28 43.22 35.66
C GLY D 322 70.62 44.59 35.57
N VAL D 323 71.36 45.68 35.67
CA VAL D 323 70.76 46.99 35.89
C VAL D 323 71.06 48.00 34.78
N THR D 324 72.08 47.77 33.96
CA THR D 324 72.52 48.49 32.76
C THR D 324 73.34 49.71 33.16
N ASP D 325 74.25 50.13 32.28
CA ASP D 325 75.24 51.15 32.64
C ASP D 325 74.65 52.54 32.71
N ASP D 326 73.59 52.83 31.96
CA ASP D 326 72.97 54.14 31.96
C ASP D 326 71.74 54.23 32.84
N GLY D 327 71.46 53.20 33.62
CA GLY D 327 70.43 53.25 34.65
C GLY D 327 69.00 53.09 34.19
N MET D 328 68.77 52.74 32.91
CA MET D 328 67.40 52.73 32.41
C MET D 328 66.65 51.46 32.81
N ALA D 329 67.11 50.30 32.37
CA ALA D 329 66.31 49.09 32.48
C ALA D 329 66.98 48.06 33.35
N VAL D 330 66.16 47.31 34.08
CA VAL D 330 66.60 46.14 34.83
C VAL D 330 66.16 44.90 34.06
N ALA D 331 66.98 43.85 34.14
CA ALA D 331 66.70 42.60 33.48
C ALA D 331 66.77 41.47 34.48
N THR D 332 65.79 40.57 34.43
CA THR D 332 65.72 39.39 35.27
C THR D 332 65.71 38.14 34.40
N GLY D 333 66.48 37.14 34.82
CA GLY D 333 66.43 35.83 34.22
C GLY D 333 66.12 34.78 35.27
N SER D 334 65.24 33.86 34.93
CA SER D 334 64.64 32.95 35.89
C SER D 334 64.74 31.52 35.40
N TRP D 335 64.34 30.59 36.27
CA TRP D 335 64.31 29.18 35.93
C TRP D 335 63.16 28.81 35.01
N ASP D 336 62.18 29.70 34.82
CA ASP D 336 61.04 29.43 33.97
C ASP D 336 61.32 29.72 32.49
N SER D 337 62.59 29.85 32.11
CA SER D 337 63.09 29.94 30.74
C SER D 337 62.84 31.29 30.07
N PHE D 338 62.49 32.34 30.80
CA PHE D 338 62.21 33.63 30.22
C PHE D 338 63.11 34.71 30.81
N LEU D 339 63.43 35.71 30.00
CA LEU D 339 64.04 36.94 30.48
C LEU D 339 63.03 38.06 30.39
N LYS D 340 62.93 38.85 31.44
CA LYS D 340 62.01 39.97 31.47
C LYS D 340 62.75 41.26 31.76
N ILE D 341 62.41 42.31 31.03
CA ILE D 341 63.03 43.62 31.19
C ILE D 341 61.98 44.56 31.78
N TRP D 342 62.36 45.25 32.85
CA TRP D 342 61.48 46.12 33.61
C TRP D 342 62.05 47.53 33.61
N ASN D 343 61.16 48.51 33.66
CA ASN D 343 61.56 49.91 33.63
C ASN D 343 60.68 50.77 34.54
N THR E 6 103.79 19.30 60.32
CA THR E 6 104.54 20.18 59.42
C THR E 6 103.60 21.11 58.67
N ALA E 7 102.60 20.53 58.01
CA ALA E 7 101.62 21.35 57.29
C ALA E 7 100.78 22.17 58.25
N SER E 8 100.40 21.60 59.40
CA SER E 8 99.55 22.31 60.35
C SER E 8 100.26 23.53 60.92
N ILE E 9 101.54 23.40 61.27
CA ILE E 9 102.28 24.53 61.83
C ILE E 9 102.48 25.61 60.76
N ALA E 10 102.69 25.21 59.51
CA ALA E 10 102.80 26.18 58.44
C ALA E 10 101.49 26.93 58.25
N GLN E 11 100.37 26.22 58.31
CA GLN E 11 99.07 26.88 58.21
C GLN E 11 98.85 27.84 59.37
N ALA E 12 99.24 27.43 60.58
CA ALA E 12 99.06 28.31 61.74
C ALA E 12 99.90 29.58 61.59
N ARG E 13 101.15 29.44 61.14
CA ARG E 13 101.99 30.62 60.94
C ARG E 13 101.43 31.52 59.84
N LYS E 14 100.90 30.91 58.77
CA LYS E 14 100.30 31.70 57.71
C LYS E 14 99.10 32.49 58.22
N LEU E 15 98.25 31.86 59.03
CA LEU E 15 97.11 32.58 59.61
C LEU E 15 97.57 33.68 60.55
N VAL E 16 98.66 33.45 61.30
CA VAL E 16 99.18 34.49 62.19
C VAL E 16 99.62 35.70 61.38
N GLU E 17 100.37 35.46 60.29
CA GLU E 17 100.81 36.56 59.45
C GLU E 17 99.62 37.28 58.82
N GLN E 18 98.62 36.53 58.37
CA GLN E 18 97.45 37.14 57.74
C GLN E 18 96.69 38.00 58.73
N LEU E 19 96.51 37.52 59.96
CA LEU E 19 95.79 38.31 60.96
C LEU E 19 96.58 39.55 61.35
N LYS E 20 97.90 39.44 61.45
CA LYS E 20 98.67 40.63 61.80
C LYS E 20 98.71 41.64 60.67
N MET E 21 98.58 41.19 59.42
CA MET E 21 98.42 42.14 58.32
C MET E 21 97.04 42.78 58.34
N GLU E 22 96.02 42.01 58.73
CA GLU E 22 94.66 42.55 58.77
C GLU E 22 94.48 43.57 59.88
N ALA E 23 95.14 43.38 61.02
CA ALA E 23 94.87 44.20 62.19
C ALA E 23 95.63 45.53 62.21
N ASN E 24 96.10 46.02 61.06
CA ASN E 24 96.88 47.26 61.00
C ASN E 24 96.38 48.13 59.85
N ILE E 25 95.07 48.24 59.84
CA ILE E 25 94.43 49.09 58.82
C ILE E 25 94.09 50.38 59.55
N ASP E 26 94.04 51.50 58.82
CA ASP E 26 93.58 52.78 59.41
C ASP E 26 92.06 52.84 59.29
N ARG E 27 91.33 52.52 60.35
CA ARG E 27 89.85 52.44 60.26
C ARG E 27 89.23 53.76 60.70
N ILE E 28 88.47 54.42 59.82
CA ILE E 28 87.72 55.68 60.16
C ILE E 28 86.48 55.33 61.00
N LYS E 29 85.81 56.27 61.66
CA LYS E 29 84.62 55.85 62.48
C LYS E 29 83.39 55.72 61.57
N VAL E 30 82.34 55.06 62.02
CA VAL E 30 81.21 54.68 61.18
C VAL E 30 80.36 55.89 60.80
N SER E 31 80.36 56.94 61.61
CA SER E 31 79.61 58.15 61.25
C SER E 31 80.15 58.75 59.95
N LYS E 32 81.47 58.78 59.79
CA LYS E 32 82.05 59.34 58.58
C LYS E 32 81.68 58.51 57.35
N ALA E 33 81.74 57.19 57.46
CA ALA E 33 81.37 56.33 56.32
C ALA E 33 79.90 56.48 56.00
N ALA E 34 79.04 56.52 57.02
CA ALA E 34 77.61 56.68 56.79
C ALA E 34 77.30 58.00 56.11
N ALA E 35 77.95 59.08 56.53
CA ALA E 35 77.74 60.37 55.88
C ALA E 35 78.28 60.36 54.46
N ASP E 36 79.41 59.70 54.23
CA ASP E 36 80.00 59.65 52.90
C ASP E 36 79.10 58.91 51.92
N LEU E 37 78.46 57.83 52.37
CA LEU E 37 77.57 57.09 51.50
C LEU E 37 76.14 57.65 51.49
N MET E 38 75.74 58.36 52.55
CA MET E 38 74.45 59.04 52.54
C MET E 38 74.45 60.28 51.66
N ALA E 39 75.60 60.75 51.22
CA ALA E 39 75.70 61.91 50.36
C ALA E 39 75.89 61.58 48.89
N TYR E 40 76.25 60.32 48.56
CA TYR E 40 76.43 59.97 47.15
C TYR E 40 75.11 60.03 46.40
N CYS E 41 74.04 59.54 47.02
CA CYS E 41 72.75 59.49 46.36
C CYS E 41 72.24 60.89 46.05
N GLU E 42 72.39 61.83 46.99
CA GLU E 42 71.94 63.20 46.75
C GLU E 42 72.67 63.83 45.57
N ALA E 43 73.96 63.56 45.46
CA ALA E 43 74.71 64.06 44.31
C ALA E 43 74.24 63.42 43.01
N HIS E 44 73.88 62.14 43.04
CA HIS E 44 73.50 61.43 41.82
C HIS E 44 72.05 60.98 41.82
N ALA E 45 71.16 61.74 42.47
CA ALA E 45 69.75 61.35 42.51
C ALA E 45 69.04 61.59 41.19
N LYS E 46 69.28 62.75 40.56
CA LYS E 46 68.48 63.14 39.41
C LYS E 46 68.82 62.34 38.16
N GLU E 47 69.96 61.65 38.15
CA GLU E 47 70.37 60.87 36.99
C GLU E 47 70.00 59.39 37.08
N ASP E 48 69.26 58.99 38.10
CA ASP E 48 68.83 57.60 38.25
C ASP E 48 67.35 57.48 37.96
N PRO E 49 66.95 56.86 36.86
CA PRO E 49 65.53 56.79 36.48
C PRO E 49 64.75 55.62 37.06
N LEU E 50 65.37 54.73 37.84
CA LEU E 50 64.60 53.65 38.45
C LEU E 50 63.68 54.16 39.54
N LEU E 51 64.14 55.13 40.34
CA LEU E 51 63.30 55.68 41.39
C LEU E 51 62.52 56.90 40.93
N THR E 52 63.08 57.70 40.03
CA THR E 52 62.35 58.84 39.45
C THR E 52 61.95 58.48 38.03
N PRO E 53 60.66 58.37 37.72
CA PRO E 53 60.26 57.96 36.36
C PRO E 53 60.67 58.98 35.31
N VAL E 54 60.93 58.48 34.11
CA VAL E 54 61.36 59.29 32.98
C VAL E 54 60.16 59.55 32.07
N PRO E 55 60.03 60.73 31.46
CA PRO E 55 58.94 60.96 30.52
C PRO E 55 59.05 60.03 29.31
N ALA E 56 57.89 59.69 28.75
CA ALA E 56 57.80 58.70 27.68
C ALA E 56 58.58 59.10 26.43
N SER E 57 59.16 60.29 26.39
CA SER E 57 59.89 60.72 25.21
C SER E 57 61.14 59.87 24.98
N GLU E 58 61.96 59.68 26.01
CA GLU E 58 63.22 58.97 25.81
C GLU E 58 63.01 57.45 25.81
N ASN E 59 62.72 56.88 27.00
CA ASN E 59 62.12 55.56 27.20
C ASN E 59 62.40 54.57 26.08
N PRO E 60 63.65 54.12 25.90
CA PRO E 60 63.95 53.19 24.80
C PRO E 60 63.06 51.97 24.79
N PHE E 61 62.43 51.68 25.92
CA PHE E 61 61.54 50.53 26.04
C PHE E 61 60.09 50.98 26.11
C7 HVG F . -57.96 -4.28 -54.52
C6 HVG F . -57.29 -7.02 -51.29
C1 HVG F . -58.53 -6.35 -53.24
C5 HVG F . -56.70 -5.03 -52.47
C4 HVG F . -57.71 -5.24 -53.37
C3 HVG F . -56.48 -5.91 -51.42
C2 HVG F . -58.31 -7.24 -52.19
C8 HVG F . -55.81 -3.80 -52.63
C9 HVG F . -58.42 -8.48 -49.64
C10 HVG F . -57.08 -8.01 -50.16
N11 HVG F . -56.33 -9.16 -50.65
O12 HVG F . -57.27 -4.35 -55.56
O13 HVG F . -54.68 -3.91 -53.17
O14 HVG F . -59.27 -7.64 -49.21
O15 HVG F . -58.85 -3.39 -54.42
O16 HVG F . -56.20 -2.68 -52.21
O17 HVG F . -58.70 -9.71 -49.62
O1 A1ENS G . 20.89 -15.96 9.37
C1 A1ENS G . 21.27 -14.98 10.01
C10 A1ENS G . 15.67 -11.07 5.52
C11 A1ENS G . 19.27 -13.32 6.47
C12 A1ENS G . 19.77 -13.90 7.61
C13 A1ENS G . 21.86 -15.13 11.38
C14 A1ENS G . 22.23 -14.01 12.10
C15 A1ENS G . 22.77 -14.19 13.35
C16 A1ENS G . 22.92 -15.46 13.85
C17 A1ENS G . 22.53 -16.52 13.06
C2 A1ENS G . 20.66 -13.17 8.40
C3 A1ENS G . 20.99 -11.87 8.04
C4 A1ENS G . 20.50 -11.31 6.88
C5 A1ENS G . 19.61 -12.03 6.10
C6 A1ENS G . 17.80 -11.15 4.75
C7 A1ENS G . 17.45 -10.61 3.53
C8 A1ENS G . 16.14 -10.30 3.32
C9 A1ENS G . 15.24 -10.53 4.34
N1 A1ENS G . 21.21 -13.69 9.59
N2 A1ENS G . 16.96 -11.38 5.74
N3 A1ENS G . 22.00 -16.38 11.85
O2 A1ENS G . 19.13 -11.45 4.92
CL1 A1ENS G . 13.57 -10.15 4.13
CL2 A1ENS G . 18.19 -14.23 5.47
C7 HVG H . -77.26 -16.41 -23.17
C6 HVG H . -74.25 -13.41 -23.82
C1 HVG H . -76.42 -14.31 -24.29
C5 HVG H . -74.99 -15.41 -22.72
C4 HVG H . -76.19 -15.34 -23.40
C3 HVG H . -74.02 -14.44 -22.93
C2 HVG H . -75.46 -13.35 -24.49
C8 HVG H . -74.73 -16.54 -21.74
C9 HVG H . -72.95 -12.12 -25.54
C10 HVG H . -73.19 -12.34 -24.04
N11 HVG H . -73.61 -11.09 -23.44
O12 HVG H . -77.89 -16.44 -22.09
O13 HVG H . -75.01 -16.39 -20.52
O14 HVG H . -72.69 -10.96 -25.95
O15 HVG H . -77.50 -17.26 -24.07
O16 HVG H . -74.25 -17.63 -22.14
O17 HVG H . -73.00 -13.08 -26.34
#